data_4G35
# 
_entry.id   4G35 
# 
_audit_conform.dict_name       mmcif_pdbx.dic 
_audit_conform.dict_version    5.399 
_audit_conform.dict_location   http://mmcif.pdb.org/dictionaries/ascii/mmcif_pdbx.dic 
# 
loop_
_database_2.database_id 
_database_2.database_code 
_database_2.pdbx_database_accession 
_database_2.pdbx_DOI 
PDB   4G35         pdb_00004g35 10.2210/pdb4g35/pdb 
RCSB  RCSB073678   ?            ?                   
WWPDB D_1000073678 ?            ?                   
# 
loop_
_pdbx_audit_revision_history.ordinal 
_pdbx_audit_revision_history.data_content_type 
_pdbx_audit_revision_history.major_revision 
_pdbx_audit_revision_history.minor_revision 
_pdbx_audit_revision_history.revision_date 
1 'Structure model' 1 0 2012-12-05 
2 'Structure model' 1 1 2013-06-26 
3 'Structure model' 1 2 2024-11-27 
# 
_pdbx_audit_revision_details.ordinal             1 
_pdbx_audit_revision_details.revision_ordinal    1 
_pdbx_audit_revision_details.data_content_type   'Structure model' 
_pdbx_audit_revision_details.provider            repository 
_pdbx_audit_revision_details.type                'Initial release' 
_pdbx_audit_revision_details.description         ? 
_pdbx_audit_revision_details.details             ? 
# 
loop_
_pdbx_audit_revision_group.ordinal 
_pdbx_audit_revision_group.revision_ordinal 
_pdbx_audit_revision_group.data_content_type 
_pdbx_audit_revision_group.group 
1 2 'Structure model' 'Derived calculations' 
2 3 'Structure model' 'Data collection'      
3 3 'Structure model' 'Database references'  
4 3 'Structure model' 'Derived calculations' 
5 3 'Structure model' 'Structure summary'    
# 
loop_
_pdbx_audit_revision_category.ordinal 
_pdbx_audit_revision_category.revision_ordinal 
_pdbx_audit_revision_category.data_content_type 
_pdbx_audit_revision_category.category 
1 3 'Structure model' chem_comp_atom            
2 3 'Structure model' chem_comp_bond            
3 3 'Structure model' database_2                
4 3 'Structure model' pdbx_entry_details        
5 3 'Structure model' pdbx_modification_feature 
6 3 'Structure model' struct_conn               
7 3 'Structure model' struct_ref_seq_dif        
# 
loop_
_pdbx_audit_revision_item.ordinal 
_pdbx_audit_revision_item.revision_ordinal 
_pdbx_audit_revision_item.data_content_type 
_pdbx_audit_revision_item.item 
1  3 'Structure model' '_database_2.pdbx_DOI'                
2  3 'Structure model' '_database_2.pdbx_database_accession' 
3  3 'Structure model' '_struct_conn.pdbx_dist_value'        
4  3 'Structure model' '_struct_conn.pdbx_leaving_atom_flag' 
5  3 'Structure model' '_struct_conn.ptnr1_auth_comp_id'     
6  3 'Structure model' '_struct_conn.ptnr1_auth_seq_id'      
7  3 'Structure model' '_struct_conn.ptnr1_label_atom_id'    
8  3 'Structure model' '_struct_conn.ptnr1_label_comp_id'    
9  3 'Structure model' '_struct_conn.ptnr1_label_seq_id'     
10 3 'Structure model' '_struct_conn.ptnr2_auth_comp_id'     
11 3 'Structure model' '_struct_conn.ptnr2_auth_seq_id'      
12 3 'Structure model' '_struct_conn.ptnr2_label_asym_id'    
13 3 'Structure model' '_struct_conn.ptnr2_label_atom_id'    
14 3 'Structure model' '_struct_conn.ptnr2_label_comp_id'    
15 3 'Structure model' '_struct_conn.ptnr2_label_seq_id'     
16 3 'Structure model' '_struct_ref_seq_dif.details'         
# 
_pdbx_database_status.status_code                     REL 
_pdbx_database_status.entry_id                        4G35 
_pdbx_database_status.recvd_initial_deposition_date   2012-07-13 
_pdbx_database_status.deposit_site                    RCSB 
_pdbx_database_status.process_site                    RCSB 
_pdbx_database_status.status_code_sf                  REL 
_pdbx_database_status.status_code_mr                  ? 
_pdbx_database_status.SG_entry                        ? 
_pdbx_database_status.status_code_cs                  ? 
_pdbx_database_status.methods_development_category    ? 
_pdbx_database_status.pdb_format_compatible           Y 
_pdbx_database_status.status_code_nmr_data            ? 
# 
loop_
_audit_author.name 
_audit_author.pdbx_ordinal 
'Drake, E.'      1 
'Edwardraja, S.' 2 
'Lin, Q.'        3 
'Gulick, A.M.'   4 
# 
_citation.id                        primary 
_citation.title                     
'Rational design of proteolytically stable, cell-permeable peptide-based selective Mcl-1 inhibitors.' 
_citation.journal_abbrev            J.Am.Chem.Soc. 
_citation.journal_volume            134 
_citation.page_first                14734 
_citation.page_last                 14737 
_citation.year                      2012 
_citation.journal_id_ASTM           JACSAT 
_citation.country                   US 
_citation.journal_id_ISSN           0002-7863 
_citation.journal_id_CSD            0004 
_citation.book_publisher            ? 
_citation.pdbx_database_id_PubMed   22920569 
_citation.pdbx_database_id_DOI      10.1021/ja306864v 
# 
loop_
_citation_author.citation_id 
_citation_author.name 
_citation_author.ordinal 
_citation_author.identifier_ORCID 
primary 'Muppidi, A.'    1 ? 
primary 'Doi, K.'        2 ? 
primary 'Edwardraja, S.' 3 ? 
primary 'Drake, E.J.'    4 ? 
primary 'Gulick, A.M.'   5 ? 
primary 'Wang, H.G.'     6 ? 
primary 'Lin, Q.'        7 ? 
# 
loop_
_entity.id 
_entity.type 
_entity.src_method 
_entity.pdbx_description 
_entity.formula_weight 
_entity.pdbx_number_of_molecules 
_entity.pdbx_ec 
_entity.pdbx_mutation 
_entity.pdbx_fragment 
_entity.details 
1 polymer     man 'Induced myeloid leukemia cell differentiation protein Mcl-1 homolog' 18634.074 1  ? ? 'residues 152-308' ? 
2 polymer     syn 'Noxa BH3 peptide (cysteine-mediated cross-linked)'                   2184.657  1  ? ? ?                  ? 
3 non-polymer syn "4,4'-bis(bromomethyl)biphenyl"                                       340.053   1  ? ? ?                  ? 
4 water       nat water                                                                 18.015    39 ? ? ?                  ? 
# 
_entity_name_com.entity_id   1 
_entity_name_com.name        'Bcl-2-related protein EAT/mcl1' 
# 
loop_
_entity_poly.entity_id 
_entity_poly.type 
_entity_poly.nstd_linkage 
_entity_poly.nstd_monomer 
_entity_poly.pdbx_seq_one_letter_code 
_entity_poly.pdbx_seq_one_letter_code_can 
_entity_poly.pdbx_strand_id 
_entity_poly.pdbx_target_identifier 
1 'polypeptide(L)' no no  
;GPLGSPEFEDDLYRQSLEIISRYLREQATGSKDSKPLGEAGAAGRRALETLRRVGDGVQRNHETAFQGMLRKLDIKNEGD
VKSFSRVMVHVFKDGVTNWGRIVTLISFGAFVAKHLKSVNQESFIEPLAETITDVLVRTKRDWLVKQRGWDGFVEFFHVQ
DLEGG
;
;GPLGSPEFEDDLYRQSLEIISRYLREQATGSKDSKPLGEAGAAGRRALETLRRVGDGVQRNHETAFQGMLRKLDIKNEGD
VKSFSRVMVHVFKDGVTNWGRIVTLISFGAFVAKHLKSVNQESFIEPLAETITDVLVRTKRDWLVKQRGWDGFVEFFHVQ
DLEGG
;
A ? 
2 'polypeptide(L)' no yes '(ACE)AA(DCY)LRRIGDCVNLRQKLLN(NH2)' XAACLRRIGDCVNLRQKLLNX B ? 
# 
loop_
_pdbx_entity_nonpoly.entity_id 
_pdbx_entity_nonpoly.name 
_pdbx_entity_nonpoly.comp_id 
3 "4,4'-bis(bromomethyl)biphenyl" 4BP 
4 water                           HOH 
# 
loop_
_entity_poly_seq.entity_id 
_entity_poly_seq.num 
_entity_poly_seq.mon_id 
_entity_poly_seq.hetero 
1 1   GLY n 
1 2   PRO n 
1 3   LEU n 
1 4   GLY n 
1 5   SER n 
1 6   PRO n 
1 7   GLU n 
1 8   PHE n 
1 9   GLU n 
1 10  ASP n 
1 11  ASP n 
1 12  LEU n 
1 13  TYR n 
1 14  ARG n 
1 15  GLN n 
1 16  SER n 
1 17  LEU n 
1 18  GLU n 
1 19  ILE n 
1 20  ILE n 
1 21  SER n 
1 22  ARG n 
1 23  TYR n 
1 24  LEU n 
1 25  ARG n 
1 26  GLU n 
1 27  GLN n 
1 28  ALA n 
1 29  THR n 
1 30  GLY n 
1 31  SER n 
1 32  LYS n 
1 33  ASP n 
1 34  SER n 
1 35  LYS n 
1 36  PRO n 
1 37  LEU n 
1 38  GLY n 
1 39  GLU n 
1 40  ALA n 
1 41  GLY n 
1 42  ALA n 
1 43  ALA n 
1 44  GLY n 
1 45  ARG n 
1 46  ARG n 
1 47  ALA n 
1 48  LEU n 
1 49  GLU n 
1 50  THR n 
1 51  LEU n 
1 52  ARG n 
1 53  ARG n 
1 54  VAL n 
1 55  GLY n 
1 56  ASP n 
1 57  GLY n 
1 58  VAL n 
1 59  GLN n 
1 60  ARG n 
1 61  ASN n 
1 62  HIS n 
1 63  GLU n 
1 64  THR n 
1 65  ALA n 
1 66  PHE n 
1 67  GLN n 
1 68  GLY n 
1 69  MET n 
1 70  LEU n 
1 71  ARG n 
1 72  LYS n 
1 73  LEU n 
1 74  ASP n 
1 75  ILE n 
1 76  LYS n 
1 77  ASN n 
1 78  GLU n 
1 79  GLY n 
1 80  ASP n 
1 81  VAL n 
1 82  LYS n 
1 83  SER n 
1 84  PHE n 
1 85  SER n 
1 86  ARG n 
1 87  VAL n 
1 88  MET n 
1 89  VAL n 
1 90  HIS n 
1 91  VAL n 
1 92  PHE n 
1 93  LYS n 
1 94  ASP n 
1 95  GLY n 
1 96  VAL n 
1 97  THR n 
1 98  ASN n 
1 99  TRP n 
1 100 GLY n 
1 101 ARG n 
1 102 ILE n 
1 103 VAL n 
1 104 THR n 
1 105 LEU n 
1 106 ILE n 
1 107 SER n 
1 108 PHE n 
1 109 GLY n 
1 110 ALA n 
1 111 PHE n 
1 112 VAL n 
1 113 ALA n 
1 114 LYS n 
1 115 HIS n 
1 116 LEU n 
1 117 LYS n 
1 118 SER n 
1 119 VAL n 
1 120 ASN n 
1 121 GLN n 
1 122 GLU n 
1 123 SER n 
1 124 PHE n 
1 125 ILE n 
1 126 GLU n 
1 127 PRO n 
1 128 LEU n 
1 129 ALA n 
1 130 GLU n 
1 131 THR n 
1 132 ILE n 
1 133 THR n 
1 134 ASP n 
1 135 VAL n 
1 136 LEU n 
1 137 VAL n 
1 138 ARG n 
1 139 THR n 
1 140 LYS n 
1 141 ARG n 
1 142 ASP n 
1 143 TRP n 
1 144 LEU n 
1 145 VAL n 
1 146 LYS n 
1 147 GLN n 
1 148 ARG n 
1 149 GLY n 
1 150 TRP n 
1 151 ASP n 
1 152 GLY n 
1 153 PHE n 
1 154 VAL n 
1 155 GLU n 
1 156 PHE n 
1 157 PHE n 
1 158 HIS n 
1 159 VAL n 
1 160 GLN n 
1 161 ASP n 
1 162 LEU n 
1 163 GLU n 
1 164 GLY n 
1 165 GLY n 
2 1   ACE n 
2 2   ALA n 
2 3   ALA n 
2 4   DCY n 
2 5   LEU n 
2 6   ARG n 
2 7   ARG n 
2 8   ILE n 
2 9   GLY n 
2 10  ASP n 
2 11  CYS n 
2 12  VAL n 
2 13  ASN n 
2 14  LEU n 
2 15  ARG n 
2 16  GLN n 
2 17  LYS n 
2 18  LEU n 
2 19  LEU n 
2 20  ASN n 
2 21  NH2 n 
# 
_entity_src_gen.entity_id                          1 
_entity_src_gen.pdbx_src_id                        1 
_entity_src_gen.pdbx_alt_source_flag               sample 
_entity_src_gen.pdbx_seq_type                      ? 
_entity_src_gen.pdbx_beg_seq_num                   ? 
_entity_src_gen.pdbx_end_seq_num                   ? 
_entity_src_gen.gene_src_common_name               mouse 
_entity_src_gen.gene_src_genus                     ? 
_entity_src_gen.pdbx_gene_src_gene                 Mcl1 
_entity_src_gen.gene_src_species                   ? 
_entity_src_gen.gene_src_strain                    ? 
_entity_src_gen.gene_src_tissue                    ? 
_entity_src_gen.gene_src_tissue_fraction           ? 
_entity_src_gen.gene_src_details                   ? 
_entity_src_gen.pdbx_gene_src_fragment             ? 
_entity_src_gen.pdbx_gene_src_scientific_name      'Mus musculus' 
_entity_src_gen.pdbx_gene_src_ncbi_taxonomy_id     10090 
_entity_src_gen.pdbx_gene_src_variant              ? 
_entity_src_gen.pdbx_gene_src_cell_line            ? 
_entity_src_gen.pdbx_gene_src_atcc                 ? 
_entity_src_gen.pdbx_gene_src_organ                ? 
_entity_src_gen.pdbx_gene_src_organelle            ? 
_entity_src_gen.pdbx_gene_src_cell                 ? 
_entity_src_gen.pdbx_gene_src_cellular_location    ? 
_entity_src_gen.host_org_common_name               ? 
_entity_src_gen.pdbx_host_org_scientific_name      'Escherichia coli' 
_entity_src_gen.pdbx_host_org_ncbi_taxonomy_id     562 
_entity_src_gen.host_org_genus                     ? 
_entity_src_gen.pdbx_host_org_gene                 ? 
_entity_src_gen.pdbx_host_org_organ                ? 
_entity_src_gen.host_org_species                   ? 
_entity_src_gen.pdbx_host_org_tissue               ? 
_entity_src_gen.pdbx_host_org_tissue_fraction      ? 
_entity_src_gen.pdbx_host_org_strain               ? 
_entity_src_gen.pdbx_host_org_variant              ? 
_entity_src_gen.pdbx_host_org_cell_line            ? 
_entity_src_gen.pdbx_host_org_atcc                 ? 
_entity_src_gen.pdbx_host_org_culture_collection   ? 
_entity_src_gen.pdbx_host_org_cell                 ? 
_entity_src_gen.pdbx_host_org_organelle            ? 
_entity_src_gen.pdbx_host_org_cellular_location    ? 
_entity_src_gen.pdbx_host_org_vector_type          ? 
_entity_src_gen.pdbx_host_org_vector               ? 
_entity_src_gen.host_org_details                   ? 
_entity_src_gen.expression_system_id               ? 
_entity_src_gen.plasmid_name                       ? 
_entity_src_gen.plasmid_details                    ? 
_entity_src_gen.pdbx_description                   ? 
# 
_pdbx_entity_src_syn.entity_id              2 
_pdbx_entity_src_syn.pdbx_src_id            1 
_pdbx_entity_src_syn.pdbx_alt_source_flag   sample 
_pdbx_entity_src_syn.pdbx_beg_seq_num       ? 
_pdbx_entity_src_syn.pdbx_end_seq_num       ? 
_pdbx_entity_src_syn.organism_scientific    ? 
_pdbx_entity_src_syn.organism_common_name   ? 
_pdbx_entity_src_syn.ncbi_taxonomy_id       ? 
_pdbx_entity_src_syn.details                'Synthetic Construct' 
# 
loop_
_chem_comp.id 
_chem_comp.type 
_chem_comp.mon_nstd_flag 
_chem_comp.name 
_chem_comp.pdbx_synonyms 
_chem_comp.formula 
_chem_comp.formula_weight 
4BP non-polymer         . "4,4'-bis(bromomethyl)biphenyl" ? 'C14 H12 Br2'    340.053 
ACE non-polymer         . 'ACETYL GROUP'                  ? 'C2 H4 O'        44.053  
ALA 'L-peptide linking' y ALANINE                         ? 'C3 H7 N O2'     89.093  
ARG 'L-peptide linking' y ARGININE                        ? 'C6 H15 N4 O2 1' 175.209 
ASN 'L-peptide linking' y ASPARAGINE                      ? 'C4 H8 N2 O3'    132.118 
ASP 'L-peptide linking' y 'ASPARTIC ACID'                 ? 'C4 H7 N O4'     133.103 
CYS 'L-peptide linking' y CYSTEINE                        ? 'C3 H7 N O2 S'   121.158 
DCY 'D-peptide linking' . D-CYSTEINE                      ? 'C3 H7 N O2 S'   121.158 
GLN 'L-peptide linking' y GLUTAMINE                       ? 'C5 H10 N2 O3'   146.144 
GLU 'L-peptide linking' y 'GLUTAMIC ACID'                 ? 'C5 H9 N O4'     147.129 
GLY 'peptide linking'   y GLYCINE                         ? 'C2 H5 N O2'     75.067  
HIS 'L-peptide linking' y HISTIDINE                       ? 'C6 H10 N3 O2 1' 156.162 
HOH non-polymer         . WATER                           ? 'H2 O'           18.015  
ILE 'L-peptide linking' y ISOLEUCINE                      ? 'C6 H13 N O2'    131.173 
LEU 'L-peptide linking' y LEUCINE                         ? 'C6 H13 N O2'    131.173 
LYS 'L-peptide linking' y LYSINE                          ? 'C6 H15 N2 O2 1' 147.195 
MET 'L-peptide linking' y METHIONINE                      ? 'C5 H11 N O2 S'  149.211 
NH2 non-polymer         . 'AMINO GROUP'                   ? 'H2 N'           16.023  
PHE 'L-peptide linking' y PHENYLALANINE                   ? 'C9 H11 N O2'    165.189 
PRO 'L-peptide linking' y PROLINE                         ? 'C5 H9 N O2'     115.130 
SER 'L-peptide linking' y SERINE                          ? 'C3 H7 N O3'     105.093 
THR 'L-peptide linking' y THREONINE                       ? 'C4 H9 N O3'     119.119 
TRP 'L-peptide linking' y TRYPTOPHAN                      ? 'C11 H12 N2 O2'  204.225 
TYR 'L-peptide linking' y TYROSINE                        ? 'C9 H11 N O3'    181.189 
VAL 'L-peptide linking' y VALINE                          ? 'C5 H11 N O2'    117.146 
# 
loop_
_pdbx_poly_seq_scheme.asym_id 
_pdbx_poly_seq_scheme.entity_id 
_pdbx_poly_seq_scheme.seq_id 
_pdbx_poly_seq_scheme.mon_id 
_pdbx_poly_seq_scheme.ndb_seq_num 
_pdbx_poly_seq_scheme.pdb_seq_num 
_pdbx_poly_seq_scheme.auth_seq_num 
_pdbx_poly_seq_scheme.pdb_mon_id 
_pdbx_poly_seq_scheme.auth_mon_id 
_pdbx_poly_seq_scheme.pdb_strand_id 
_pdbx_poly_seq_scheme.pdb_ins_code 
_pdbx_poly_seq_scheme.hetero 
A 1 1   GLY 1   163 ?   ?   ?   A . n 
A 1 2   PRO 2   164 ?   ?   ?   A . n 
A 1 3   LEU 3   165 ?   ?   ?   A . n 
A 1 4   GLY 4   166 ?   ?   ?   A . n 
A 1 5   SER 5   167 ?   ?   ?   A . n 
A 1 6   PRO 6   168 ?   ?   ?   A . n 
A 1 7   GLU 7   169 ?   ?   ?   A . n 
A 1 8   PHE 8   170 ?   ?   ?   A . n 
A 1 9   GLU 9   171 171 GLU GLU A . n 
A 1 10  ASP 10  172 172 ASP ASP A . n 
A 1 11  ASP 11  173 173 ASP ASP A . n 
A 1 12  LEU 12  174 174 LEU LEU A . n 
A 1 13  TYR 13  175 175 TYR TYR A . n 
A 1 14  ARG 14  176 176 ARG ARG A . n 
A 1 15  GLN 15  177 177 GLN GLN A . n 
A 1 16  SER 16  178 178 SER SER A . n 
A 1 17  LEU 17  179 179 LEU LEU A . n 
A 1 18  GLU 18  180 180 GLU GLU A . n 
A 1 19  ILE 19  181 181 ILE ILE A . n 
A 1 20  ILE 20  182 182 ILE ILE A . n 
A 1 21  SER 21  183 183 SER SER A . n 
A 1 22  ARG 22  184 184 ARG ARG A . n 
A 1 23  TYR 23  185 185 TYR TYR A . n 
A 1 24  LEU 24  186 186 LEU LEU A . n 
A 1 25  ARG 25  187 187 ARG ARG A . n 
A 1 26  GLU 26  188 188 GLU GLU A . n 
A 1 27  GLN 27  189 189 GLN GLN A . n 
A 1 28  ALA 28  190 190 ALA ALA A . n 
A 1 29  THR 29  191 191 THR THR A . n 
A 1 30  GLY 30  192 ?   ?   ?   A . n 
A 1 31  SER 31  193 ?   ?   ?   A . n 
A 1 32  LYS 32  194 ?   ?   ?   A . n 
A 1 33  ASP 33  195 ?   ?   ?   A . n 
A 1 34  SER 34  196 ?   ?   ?   A . n 
A 1 35  LYS 35  197 ?   ?   ?   A . n 
A 1 36  PRO 36  198 ?   ?   ?   A . n 
A 1 37  LEU 37  199 ?   ?   ?   A . n 
A 1 38  GLY 38  200 ?   ?   ?   A . n 
A 1 39  GLU 39  201 ?   ?   ?   A . n 
A 1 40  ALA 40  202 ?   ?   ?   A . n 
A 1 41  GLY 41  203 ?   ?   ?   A . n 
A 1 42  ALA 42  204 ?   ?   ?   A . n 
A 1 43  ALA 43  205 ?   ?   ?   A . n 
A 1 44  GLY 44  206 206 GLY GLY A . n 
A 1 45  ARG 45  207 207 ARG ARG A . n 
A 1 46  ARG 46  208 208 ARG ARG A . n 
A 1 47  ALA 47  209 209 ALA ALA A . n 
A 1 48  LEU 48  210 210 LEU LEU A . n 
A 1 49  GLU 49  211 211 GLU GLU A . n 
A 1 50  THR 50  212 212 THR THR A . n 
A 1 51  LEU 51  213 213 LEU LEU A . n 
A 1 52  ARG 52  214 214 ARG ARG A . n 
A 1 53  ARG 53  215 215 ARG ARG A . n 
A 1 54  VAL 54  216 216 VAL VAL A . n 
A 1 55  GLY 55  217 217 GLY GLY A . n 
A 1 56  ASP 56  218 218 ASP ASP A . n 
A 1 57  GLY 57  219 219 GLY GLY A . n 
A 1 58  VAL 58  220 220 VAL VAL A . n 
A 1 59  GLN 59  221 221 GLN GLN A . n 
A 1 60  ARG 60  222 222 ARG ARG A . n 
A 1 61  ASN 61  223 223 ASN ASN A . n 
A 1 62  HIS 62  224 224 HIS HIS A . n 
A 1 63  GLU 63  225 225 GLU GLU A . n 
A 1 64  THR 64  226 226 THR THR A . n 
A 1 65  ALA 65  227 227 ALA ALA A . n 
A 1 66  PHE 66  228 228 PHE PHE A . n 
A 1 67  GLN 67  229 229 GLN GLN A . n 
A 1 68  GLY 68  230 230 GLY GLY A . n 
A 1 69  MET 69  231 231 MET MET A . n 
A 1 70  LEU 70  232 232 LEU LEU A . n 
A 1 71  ARG 71  233 233 ARG ARG A . n 
A 1 72  LYS 72  234 234 LYS LYS A . n 
A 1 73  LEU 73  235 ?   ?   ?   A . n 
A 1 74  ASP 74  236 ?   ?   ?   A . n 
A 1 75  ILE 75  237 ?   ?   ?   A . n 
A 1 76  LYS 76  238 ?   ?   ?   A . n 
A 1 77  ASN 77  239 ?   ?   ?   A . n 
A 1 78  GLU 78  240 ?   ?   ?   A . n 
A 1 79  GLY 79  241 ?   ?   ?   A . n 
A 1 80  ASP 80  242 ?   ?   ?   A . n 
A 1 81  VAL 81  243 ?   ?   ?   A . n 
A 1 82  LYS 82  244 244 LYS LYS A . n 
A 1 83  SER 83  245 245 SER SER A . n 
A 1 84  PHE 84  246 246 PHE PHE A . n 
A 1 85  SER 85  247 247 SER SER A . n 
A 1 86  ARG 86  248 248 ARG ARG A . n 
A 1 87  VAL 87  249 249 VAL VAL A . n 
A 1 88  MET 88  250 250 MET MET A . n 
A 1 89  VAL 89  251 251 VAL VAL A . n 
A 1 90  HIS 90  252 252 HIS HIS A . n 
A 1 91  VAL 91  253 253 VAL VAL A . n 
A 1 92  PHE 92  254 254 PHE PHE A . n 
A 1 93  LYS 93  255 255 LYS LYS A . n 
A 1 94  ASP 94  256 256 ASP ASP A . n 
A 1 95  GLY 95  257 257 GLY GLY A . n 
A 1 96  VAL 96  258 258 VAL VAL A . n 
A 1 97  THR 97  259 259 THR THR A . n 
A 1 98  ASN 98  260 260 ASN ASN A . n 
A 1 99  TRP 99  261 261 TRP TRP A . n 
A 1 100 GLY 100 262 262 GLY GLY A . n 
A 1 101 ARG 101 263 263 ARG ARG A . n 
A 1 102 ILE 102 264 264 ILE ILE A . n 
A 1 103 VAL 103 265 265 VAL VAL A . n 
A 1 104 THR 104 266 266 THR THR A . n 
A 1 105 LEU 105 267 267 LEU LEU A . n 
A 1 106 ILE 106 268 268 ILE ILE A . n 
A 1 107 SER 107 269 269 SER SER A . n 
A 1 108 PHE 108 270 270 PHE PHE A . n 
A 1 109 GLY 109 271 271 GLY GLY A . n 
A 1 110 ALA 110 272 272 ALA ALA A . n 
A 1 111 PHE 111 273 273 PHE PHE A . n 
A 1 112 VAL 112 274 274 VAL VAL A . n 
A 1 113 ALA 113 275 275 ALA ALA A . n 
A 1 114 LYS 114 276 276 LYS LYS A . n 
A 1 115 HIS 115 277 277 HIS HIS A . n 
A 1 116 LEU 116 278 278 LEU LEU A . n 
A 1 117 LYS 117 279 279 LYS LYS A . n 
A 1 118 SER 118 280 280 SER SER A . n 
A 1 119 VAL 119 281 281 VAL VAL A . n 
A 1 120 ASN 120 282 282 ASN ASN A . n 
A 1 121 GLN 121 283 283 GLN GLN A . n 
A 1 122 GLU 122 284 284 GLU GLU A . n 
A 1 123 SER 123 285 285 SER SER A . n 
A 1 124 PHE 124 286 286 PHE PHE A . n 
A 1 125 ILE 125 287 287 ILE ILE A . n 
A 1 126 GLU 126 288 288 GLU GLU A . n 
A 1 127 PRO 127 289 289 PRO PRO A . n 
A 1 128 LEU 128 290 290 LEU LEU A . n 
A 1 129 ALA 129 291 291 ALA ALA A . n 
A 1 130 GLU 130 292 292 GLU GLU A . n 
A 1 131 THR 131 293 293 THR THR A . n 
A 1 132 ILE 132 294 294 ILE ILE A . n 
A 1 133 THR 133 295 295 THR THR A . n 
A 1 134 ASP 134 296 296 ASP ASP A . n 
A 1 135 VAL 135 297 297 VAL VAL A . n 
A 1 136 LEU 136 298 298 LEU LEU A . n 
A 1 137 VAL 137 299 299 VAL VAL A . n 
A 1 138 ARG 138 300 300 ARG ARG A . n 
A 1 139 THR 139 301 301 THR THR A . n 
A 1 140 LYS 140 302 302 LYS LYS A . n 
A 1 141 ARG 141 303 303 ARG ARG A . n 
A 1 142 ASP 142 304 304 ASP ASP A . n 
A 1 143 TRP 143 305 305 TRP TRP A . n 
A 1 144 LEU 144 306 306 LEU LEU A . n 
A 1 145 VAL 145 307 307 VAL VAL A . n 
A 1 146 LYS 146 308 308 LYS LYS A . n 
A 1 147 GLN 147 309 309 GLN GLN A . n 
A 1 148 ARG 148 310 310 ARG ARG A . n 
A 1 149 GLY 149 311 311 GLY GLY A . n 
A 1 150 TRP 150 312 312 TRP TRP A . n 
A 1 151 ASP 151 313 313 ASP ASP A . n 
A 1 152 GLY 152 314 314 GLY GLY A . n 
A 1 153 PHE 153 315 315 PHE PHE A . n 
A 1 154 VAL 154 316 316 VAL VAL A . n 
A 1 155 GLU 155 317 317 GLU GLU A . n 
A 1 156 PHE 156 318 318 PHE PHE A . n 
A 1 157 PHE 157 319 319 PHE PHE A . n 
A 1 158 HIS 158 320 320 HIS HIS A . n 
A 1 159 VAL 159 321 321 VAL VAL A . n 
A 1 160 GLN 160 322 322 GLN GLN A . n 
A 1 161 ASP 161 323 ?   ?   ?   A . n 
A 1 162 LEU 162 324 ?   ?   ?   A . n 
A 1 163 GLU 163 325 ?   ?   ?   A . n 
A 1 164 GLY 164 326 ?   ?   ?   A . n 
A 1 165 GLY 165 327 ?   ?   ?   A . n 
B 2 1   ACE 1   1   1   ACE ACE B . n 
B 2 2   ALA 2   2   2   ALA ALA B . n 
B 2 3   ALA 3   3   3   ALA ALA B . n 
B 2 4   DCY 4   4   4   DCY BPH B . n 
B 2 5   LEU 5   5   5   LEU LEU B . n 
B 2 6   ARG 6   6   6   ARG ARG B . n 
B 2 7   ARG 7   7   7   ARG ARG B . n 
B 2 8   ILE 8   8   8   ILE ILE B . n 
B 2 9   GLY 9   9   9   GLY GLY B . n 
B 2 10  ASP 10  10  10  ASP ASP B . n 
B 2 11  CYS 11  11  11  CYS CYS B . n 
B 2 12  VAL 12  12  12  VAL VAL B . n 
B 2 13  ASN 13  13  13  ASN ASN B . n 
B 2 14  LEU 14  14  14  LEU LEU B . n 
B 2 15  ARG 15  15  15  ARG ARG B . n 
B 2 16  GLN 16  16  16  GLN GLN B . n 
B 2 17  LYS 17  17  17  LYS LYS B . n 
B 2 18  LEU 18  18  18  LEU LEU B . n 
B 2 19  LEU 19  19  19  LEU LEU B . n 
B 2 20  ASN 20  20  20  ASN ASN B . n 
B 2 21  NH2 21  21  20  NH2 ASN B . n 
# 
loop_
_pdbx_nonpoly_scheme.asym_id 
_pdbx_nonpoly_scheme.entity_id 
_pdbx_nonpoly_scheme.mon_id 
_pdbx_nonpoly_scheme.ndb_seq_num 
_pdbx_nonpoly_scheme.pdb_seq_num 
_pdbx_nonpoly_scheme.auth_seq_num 
_pdbx_nonpoly_scheme.pdb_mon_id 
_pdbx_nonpoly_scheme.auth_mon_id 
_pdbx_nonpoly_scheme.pdb_strand_id 
_pdbx_nonpoly_scheme.pdb_ins_code 
C 3 4BP 1  101 4  4BP BPH B . 
D 4 HOH 1  401 4  HOH HOH A . 
D 4 HOH 2  402 5  HOH HOH A . 
D 4 HOH 3  403 26 HOH HOH A . 
D 4 HOH 4  404 30 HOH HOH A . 
D 4 HOH 5  405 37 HOH HOH A . 
D 4 HOH 6  406 40 HOH HOH A . 
D 4 HOH 7  407 44 HOH HOH A . 
D 4 HOH 8  408 47 HOH HOH A . 
D 4 HOH 9  409 49 HOH HOH A . 
D 4 HOH 10 410 53 HOH HOH A . 
D 4 HOH 11 411 54 HOH HOH A . 
D 4 HOH 12 412 55 HOH HOH A . 
D 4 HOH 13 413 59 HOH HOH A . 
D 4 HOH 14 414 60 HOH HOH A . 
D 4 HOH 15 415 61 HOH HOH A . 
D 4 HOH 16 416 62 HOH HOH A . 
D 4 HOH 17 417 64 HOH HOH A . 
D 4 HOH 18 418 66 HOH HOH A . 
D 4 HOH 19 419 68 HOH HOH A . 
D 4 HOH 20 420 70 HOH HOH A . 
D 4 HOH 21 421 71 HOH HOH A . 
D 4 HOH 22 422 73 HOH HOH A . 
D 4 HOH 23 423 74 HOH HOH A . 
D 4 HOH 24 424 75 HOH HOH A . 
D 4 HOH 25 425 76 HOH HOH A . 
D 4 HOH 26 426 77 HOH HOH A . 
D 4 HOH 27 427 78 HOH HOH A . 
D 4 HOH 28 428 79 HOH HOH A . 
D 4 HOH 29 429 80 HOH HOH A . 
D 4 HOH 30 430 81 HOH HOH A . 
D 4 HOH 31 431 82 HOH HOH A . 
D 4 HOH 32 432 83 HOH HOH A . 
D 4 HOH 33 433 84 HOH HOH A . 
D 4 HOH 34 434 86 HOH HOH A . 
D 4 HOH 35 435 87 HOH HOH A . 
E 4 HOH 1  201 69 HOH HOH B . 
E 4 HOH 2  202 72 HOH HOH B . 
E 4 HOH 3  203 88 HOH HOH B . 
E 4 HOH 4  204 90 HOH HOH B . 
# 
loop_
_pdbx_unobs_or_zero_occ_atoms.id 
_pdbx_unobs_or_zero_occ_atoms.PDB_model_num 
_pdbx_unobs_or_zero_occ_atoms.polymer_flag 
_pdbx_unobs_or_zero_occ_atoms.occupancy_flag 
_pdbx_unobs_or_zero_occ_atoms.auth_asym_id 
_pdbx_unobs_or_zero_occ_atoms.auth_comp_id 
_pdbx_unobs_or_zero_occ_atoms.auth_seq_id 
_pdbx_unobs_or_zero_occ_atoms.PDB_ins_code 
_pdbx_unobs_or_zero_occ_atoms.auth_atom_id 
_pdbx_unobs_or_zero_occ_atoms.label_alt_id 
_pdbx_unobs_or_zero_occ_atoms.label_asym_id 
_pdbx_unobs_or_zero_occ_atoms.label_comp_id 
_pdbx_unobs_or_zero_occ_atoms.label_seq_id 
_pdbx_unobs_or_zero_occ_atoms.label_atom_id 
1  1 Y 1 A LYS 244 ? CG  ? A LYS 82  CG  
2  1 Y 1 A LYS 244 ? CD  ? A LYS 82  CD  
3  1 Y 1 A LYS 244 ? CE  ? A LYS 82  CE  
4  1 Y 1 A LYS 244 ? NZ  ? A LYS 82  NZ  
5  1 Y 1 A LYS 255 ? CG  ? A LYS 93  CG  
6  1 Y 1 A LYS 255 ? CD  ? A LYS 93  CD  
7  1 Y 1 A LYS 255 ? CE  ? A LYS 93  CE  
8  1 Y 1 A LYS 255 ? NZ  ? A LYS 93  NZ  
9  1 Y 1 A ASN 282 ? CG  ? A ASN 120 CG  
10 1 Y 1 A ASN 282 ? OD1 ? A ASN 120 OD1 
11 1 Y 1 A ASN 282 ? ND2 ? A ASN 120 ND2 
12 1 Y 1 A ARG 300 ? CG  ? A ARG 138 CG  
13 1 Y 1 A ARG 300 ? CD  ? A ARG 138 CD  
14 1 Y 1 A ARG 300 ? NE  ? A ARG 138 NE  
15 1 Y 1 A ARG 300 ? CZ  ? A ARG 138 CZ  
16 1 Y 1 A ARG 300 ? NH1 ? A ARG 138 NH1 
17 1 Y 1 A ARG 300 ? NH2 ? A ARG 138 NH2 
# 
loop_
_software.name 
_software.classification 
_software.version 
_software.citation_id 
_software.pdbx_ordinal 
Blu-Ice 'data collection' .        ? 1 
MOLREP  phasing           .        ? 2 
REFMAC  refinement        5.5.0088 ? 3 
MOSFLM  'data reduction'  .        ? 4 
SCALA   'data scaling'    .        ? 5 
# 
_cell.entry_id           4G35 
_cell.length_a           42.040 
_cell.length_b           47.970 
_cell.length_c           68.600 
_cell.angle_alpha        90.00 
_cell.angle_beta         90.00 
_cell.angle_gamma        90.00 
_cell.Z_PDB              4 
_cell.pdbx_unique_axis   ? 
_cell.length_a_esd       ? 
_cell.length_b_esd       ? 
_cell.length_c_esd       ? 
_cell.angle_alpha_esd    ? 
_cell.angle_beta_esd     ? 
_cell.angle_gamma_esd    ? 
# 
_symmetry.entry_id                         4G35 
_symmetry.space_group_name_H-M             'P 21 21 21' 
_symmetry.pdbx_full_space_group_name_H-M   ? 
_symmetry.cell_setting                     ? 
_symmetry.Int_Tables_number                19 
_symmetry.space_group_name_Hall            ? 
# 
_exptl.entry_id          4G35 
_exptl.method            'X-RAY DIFFRACTION' 
_exptl.crystals_number   1 
# 
_exptl_crystal.id                    1 
_exptl_crystal.density_meas          ? 
_exptl_crystal.density_Matthews      1.73 
_exptl_crystal.density_percent_sol   28.75 
_exptl_crystal.description           ? 
_exptl_crystal.F_000                 ? 
_exptl_crystal.preparation           ? 
# 
_exptl_crystal_grow.crystal_id      1 
_exptl_crystal_grow.method          'VAPOR DIFFUSION, HANGING DROP' 
_exptl_crystal_grow.temp            293 
_exptl_crystal_grow.temp_details    ? 
_exptl_crystal_grow.pH              8.5 
_exptl_crystal_grow.pdbx_details    
'15% Peg 8000, 225 mM CaCl2, 2% Ethylene Glycol,50 mM Epps (pH 8.5), VAPOR DIFFUSION, HANGING DROP, temperature 293K' 
_exptl_crystal_grow.pdbx_pH_range   ? 
# 
_diffrn.id                     1 
_diffrn.ambient_temp           113 
_diffrn.ambient_temp_details   ? 
_diffrn.crystal_id             1 
# 
_diffrn_detector.diffrn_id              1 
_diffrn_detector.detector               CCD 
_diffrn_detector.type                   'MARMOSAIC 325 mm CCD' 
_diffrn_detector.pdbx_collection_date   2011-04-07 
_diffrn_detector.details                ? 
# 
_diffrn_radiation.diffrn_id                        1 
_diffrn_radiation.wavelength_id                    1 
_diffrn_radiation.pdbx_monochromatic_or_laue_m_l   M 
_diffrn_radiation.monochromator                    'Si(111)' 
_diffrn_radiation.pdbx_diffrn_protocol             'SINGLE WAVELENGTH' 
_diffrn_radiation.pdbx_scattering_type             x-ray 
# 
_diffrn_radiation_wavelength.id           1 
_diffrn_radiation_wavelength.wavelength   0.97945 
_diffrn_radiation_wavelength.wt           1.0 
# 
_diffrn_source.diffrn_id                   1 
_diffrn_source.source                      SYNCHROTRON 
_diffrn_source.type                        'SSRL BEAMLINE BL9-2' 
_diffrn_source.pdbx_synchrotron_site       SSRL 
_diffrn_source.pdbx_synchrotron_beamline   BL9-2 
_diffrn_source.pdbx_wavelength             ? 
_diffrn_source.pdbx_wavelength_list        0.97945 
# 
_reflns.entry_id                     4G35 
_reflns.observed_criterion_sigma_I   0.0 
_reflns.observed_criterion_sigma_F   0.0 
_reflns.d_resolution_low             39.31 
_reflns.d_resolution_high            2.0 
_reflns.number_obs                   9801 
_reflns.number_all                   9850 
_reflns.percent_possible_obs         99.5 
_reflns.pdbx_Rmerge_I_obs            ? 
_reflns.pdbx_Rsym_value              ? 
_reflns.pdbx_netI_over_sigmaI        ? 
_reflns.B_iso_Wilson_estimate        ? 
_reflns.pdbx_redundancy              ? 
_reflns.R_free_details               ? 
_reflns.limit_h_max                  ? 
_reflns.limit_h_min                  ? 
_reflns.limit_k_max                  ? 
_reflns.limit_k_min                  ? 
_reflns.limit_l_max                  ? 
_reflns.limit_l_min                  ? 
_reflns.observed_criterion_F_max     ? 
_reflns.observed_criterion_F_min     ? 
_reflns.pdbx_chi_squared             ? 
_reflns.pdbx_scaling_rejects         ? 
_reflns.pdbx_ordinal                 1 
_reflns.pdbx_diffrn_id               1 
# 
_reflns_shell.d_res_high             2.00 
_reflns_shell.d_res_low              2.11 
_reflns_shell.percent_possible_all   99.4 
_reflns_shell.Rmerge_I_obs           0.287 
_reflns_shell.pdbx_Rsym_value        ? 
_reflns_shell.meanI_over_sigI_obs    6.1 
_reflns_shell.pdbx_redundancy        6.8 
_reflns_shell.percent_possible_obs   ? 
_reflns_shell.number_unique_all      ? 
_reflns_shell.number_measured_all    ? 
_reflns_shell.number_measured_obs    ? 
_reflns_shell.number_unique_obs      ? 
_reflns_shell.pdbx_chi_squared       ? 
_reflns_shell.pdbx_ordinal           1 
_reflns_shell.pdbx_diffrn_id         1 
# 
_refine.entry_id                                 4G35 
_refine.ls_number_reflns_obs                     9295 
_refine.ls_number_reflns_all                     9357 
_refine.pdbx_ls_sigma_I                          ? 
_refine.pdbx_ls_sigma_F                          0.0 
_refine.pdbx_data_cutoff_high_absF               ? 
_refine.pdbx_data_cutoff_low_absF                ? 
_refine.pdbx_data_cutoff_high_rms_absF           ? 
_refine.ls_d_res_low                             39.31 
_refine.ls_d_res_high                            2.00 
_refine.ls_percent_reflns_obs                    99.34 
_refine.ls_R_factor_obs                          0.19389 
_refine.ls_R_factor_all                          0.1972 
_refine.ls_R_factor_R_work                       0.19171 
_refine.ls_R_factor_R_free                       0.23879 
_refine.ls_R_factor_R_free_error                 ? 
_refine.ls_R_factor_R_free_error_details         ? 
_refine.ls_percent_reflns_R_free                 4.8 
_refine.ls_number_reflns_R_free                  468 
_refine.ls_number_parameters                     ? 
_refine.ls_number_restraints                     ? 
_refine.occupancy_min                            ? 
_refine.occupancy_max                            ? 
_refine.correlation_coeff_Fo_to_Fc               0.947 
_refine.correlation_coeff_Fo_to_Fc_free          0.923 
_refine.B_iso_mean                               27.120 
_refine.aniso_B[1][1]                            -0.18 
_refine.aniso_B[2][2]                            -1.36 
_refine.aniso_B[3][3]                            1.54 
_refine.aniso_B[1][2]                            -0.00 
_refine.aniso_B[1][3]                            0.00 
_refine.aniso_B[2][3]                            0.00 
_refine.solvent_model_details                    MASK 
_refine.solvent_model_param_ksol                 ? 
_refine.solvent_model_param_bsol                 ? 
_refine.pdbx_solvent_vdw_probe_radii             1.40 
_refine.pdbx_solvent_ion_probe_radii             0.80 
_refine.pdbx_solvent_shrinkage_radii             0.80 
_refine.pdbx_ls_cross_valid_method               THROUGHOUT 
_refine.details                                  'HYDROGENS HAVE BEEN ADDED IN THE RIDING POSITIONS' 
_refine.pdbx_starting_model                      ? 
_refine.pdbx_method_to_determine_struct          'MOLECULAR REPLACEMENT' 
_refine.pdbx_isotropic_thermal_model             ? 
_refine.pdbx_stereochemistry_target_values       'MAXIMUM LIKELIHOOD' 
_refine.pdbx_stereochem_target_val_spec_case     ? 
_refine.pdbx_R_Free_selection_details            RANDOM 
_refine.pdbx_overall_ESU_R                       0.212 
_refine.pdbx_overall_ESU_R_Free                  0.179 
_refine.overall_SU_ML                            0.119 
_refine.pdbx_overall_phase_error                 ? 
_refine.overall_SU_B                             4.194 
_refine.overall_SU_R_Cruickshank_DPI             ? 
_refine.ls_redundancy_reflns_obs                 ? 
_refine.B_iso_min                                ? 
_refine.B_iso_max                                ? 
_refine.overall_SU_R_free                        ? 
_refine.ls_wR_factor_R_free                      ? 
_refine.ls_wR_factor_R_work                      ? 
_refine.overall_FOM_free_R_set                   ? 
_refine.overall_FOM_work_R_set                   ? 
_refine.pdbx_diffrn_id                           1 
_refine.pdbx_refine_id                           'X-RAY DIFFRACTION' 
_refine.pdbx_TLS_residual_ADP_flag               ? 
_refine.pdbx_overall_SU_R_free_Cruickshank_DPI   ? 
_refine.pdbx_overall_SU_R_Blow_DPI               ? 
_refine.pdbx_overall_SU_R_free_Blow_DPI          ? 
# 
_refine_hist.pdbx_refine_id                   'X-RAY DIFFRACTION' 
_refine_hist.cycle_id                         LAST 
_refine_hist.pdbx_number_atoms_protein        1202 
_refine_hist.pdbx_number_atoms_nucleic_acid   0 
_refine_hist.pdbx_number_atoms_ligand         14 
_refine_hist.number_atoms_solvent             39 
_refine_hist.number_atoms_total               1255 
_refine_hist.d_res_high                       2.00 
_refine_hist.d_res_low                        39.31 
# 
loop_
_refine_ls_restr.type 
_refine_ls_restr.dev_ideal 
_refine_ls_restr.dev_ideal_target 
_refine_ls_restr.weight 
_refine_ls_restr.number 
_refine_ls_restr.pdbx_restraint_function 
_refine_ls_restr.pdbx_refine_id 
r_bond_refined_d       0.021  0.021  ? 1237 ? 'X-RAY DIFFRACTION' 
r_angle_refined_deg    1.789  1.959  ? 1663 ? 'X-RAY DIFFRACTION' 
r_dihedral_angle_1_deg 6.001  5.000  ? 142  ? 'X-RAY DIFFRACTION' 
r_dihedral_angle_2_deg 33.486 22.063 ? 63   ? 'X-RAY DIFFRACTION' 
r_dihedral_angle_3_deg 16.303 15.000 ? 217  ? 'X-RAY DIFFRACTION' 
r_dihedral_angle_4_deg 19.134 15.000 ? 16   ? 'X-RAY DIFFRACTION' 
r_chiral_restr         0.136  0.200  ? 183  ? 'X-RAY DIFFRACTION' 
r_gen_planes_refined   0.010  0.020  ? 933  ? 'X-RAY DIFFRACTION' 
r_mcbond_it            1.218  1.500  ? 731  ? 'X-RAY DIFFRACTION' 
r_mcangle_it           2.362  2.000  ? 1169 ? 'X-RAY DIFFRACTION' 
r_scbond_it            3.791  3.000  ? 506  ? 'X-RAY DIFFRACTION' 
r_scangle_it           6.258  4.500  ? 494  ? 'X-RAY DIFFRACTION' 
# 
_refine_ls_shell.pdbx_total_number_of_bins_used   20 
_refine_ls_shell.d_res_high                       2.000 
_refine_ls_shell.d_res_low                        2.052 
_refine_ls_shell.number_reflns_R_work             652 
_refine_ls_shell.R_factor_R_work                  0.202 
_refine_ls_shell.percent_reflns_obs               99.00 
_refine_ls_shell.R_factor_R_free                  0.271 
_refine_ls_shell.R_factor_R_free_error            ? 
_refine_ls_shell.percent_reflns_R_free            ? 
_refine_ls_shell.number_reflns_R_free             39 
_refine_ls_shell.number_reflns_all                ? 
_refine_ls_shell.R_factor_all                     ? 
_refine_ls_shell.number_reflns_obs                ? 
_refine_ls_shell.redundancy_reflns_obs            ? 
_refine_ls_shell.pdbx_refine_id                   'X-RAY DIFFRACTION' 
# 
_struct.entry_id                  4G35 
_struct.title                     'Mcl-1 in complex with a biphenyl cross-linked Noxa peptide.' 
_struct.pdbx_model_details        ? 
_struct.pdbx_CASP_flag            ? 
_struct.pdbx_model_type_details   ? 
# 
_struct_keywords.entry_id        4G35 
_struct_keywords.pdbx_keywords   Apoptosis/Inhibitor 
_struct_keywords.text            'APOPTOSIS, BH3 domain, Bcl-2 family, Apoptosis-Inhibitor complex' 
# 
loop_
_struct_asym.id 
_struct_asym.pdbx_blank_PDB_chainid_flag 
_struct_asym.pdbx_modified 
_struct_asym.entity_id 
_struct_asym.details 
A N N 1 ? 
B N N 2 ? 
C N N 3 ? 
D N N 4 ? 
E N N 4 ? 
# 
loop_
_struct_ref.id 
_struct_ref.db_name 
_struct_ref.db_code 
_struct_ref.pdbx_db_accession 
_struct_ref.entity_id 
_struct_ref.pdbx_seq_one_letter_code 
_struct_ref.pdbx_align_begin 
_struct_ref.pdbx_db_isoform 
1 UNP MCL1_MOUSE P97287 1 
;EDDLYRQSLEIISRYLREQATGSKDSKPLGEAGAAGRRALETLRRVGDGVQRNHETAFQGMLRKLDIKNEGDVKSFSRVM
VHVFKDGVTNWGRIVTLISFGAFVAKHLKSVNQESFIEPLAETITDVLVRTKRDWLVKQRGWDGFVEFFHVQDLEGG
;
152 ? 
2 PDB 4G35       4G35   2 ? ?   ? 
# 
loop_
_struct_ref_seq.align_id 
_struct_ref_seq.ref_id 
_struct_ref_seq.pdbx_PDB_id_code 
_struct_ref_seq.pdbx_strand_id 
_struct_ref_seq.seq_align_beg 
_struct_ref_seq.pdbx_seq_align_beg_ins_code 
_struct_ref_seq.seq_align_end 
_struct_ref_seq.pdbx_seq_align_end_ins_code 
_struct_ref_seq.pdbx_db_accession 
_struct_ref_seq.db_align_beg 
_struct_ref_seq.pdbx_db_align_beg_ins_code 
_struct_ref_seq.db_align_end 
_struct_ref_seq.pdbx_db_align_end_ins_code 
_struct_ref_seq.pdbx_auth_seq_align_beg 
_struct_ref_seq.pdbx_auth_seq_align_end 
1 1 4G35 A 9 ? 165 ? P97287 152 ? 308 ? 171 327 
2 2 4G35 B 1 ? 21  ? 4G35   1   ? 21  ? 1   21  
# 
loop_
_struct_ref_seq_dif.align_id 
_struct_ref_seq_dif.pdbx_pdb_id_code 
_struct_ref_seq_dif.mon_id 
_struct_ref_seq_dif.pdbx_pdb_strand_id 
_struct_ref_seq_dif.seq_num 
_struct_ref_seq_dif.pdbx_pdb_ins_code 
_struct_ref_seq_dif.pdbx_seq_db_name 
_struct_ref_seq_dif.pdbx_seq_db_accession_code 
_struct_ref_seq_dif.db_mon_id 
_struct_ref_seq_dif.pdbx_seq_db_seq_num 
_struct_ref_seq_dif.details 
_struct_ref_seq_dif.pdbx_auth_seq_num 
_struct_ref_seq_dif.pdbx_ordinal 
1 4G35 GLY A 1 ? UNP P97287 ? ? 'expression tag' 163 1 
1 4G35 PRO A 2 ? UNP P97287 ? ? 'expression tag' 164 2 
1 4G35 LEU A 3 ? UNP P97287 ? ? 'expression tag' 165 3 
1 4G35 GLY A 4 ? UNP P97287 ? ? 'expression tag' 166 4 
1 4G35 SER A 5 ? UNP P97287 ? ? 'expression tag' 167 5 
1 4G35 PRO A 6 ? UNP P97287 ? ? 'expression tag' 168 6 
1 4G35 GLU A 7 ? UNP P97287 ? ? 'expression tag' 169 7 
1 4G35 PHE A 8 ? UNP P97287 ? ? 'expression tag' 170 8 
# 
_pdbx_struct_assembly.id                   1 
_pdbx_struct_assembly.details              author_and_software_defined_assembly 
_pdbx_struct_assembly.method_details       PISA 
_pdbx_struct_assembly.oligomeric_details   dimeric 
_pdbx_struct_assembly.oligomeric_count     2 
# 
loop_
_pdbx_struct_assembly_prop.biol_id 
_pdbx_struct_assembly_prop.type 
_pdbx_struct_assembly_prop.value 
_pdbx_struct_assembly_prop.details 
1 'ABSA (A^2)' 1960 ? 
1 MORE         -14  ? 
1 'SSA (A^2)'  8170 ? 
# 
_pdbx_struct_assembly_gen.assembly_id       1 
_pdbx_struct_assembly_gen.oper_expression   1 
_pdbx_struct_assembly_gen.asym_id_list      A,B,C,D,E 
# 
_pdbx_struct_oper_list.id                   1 
_pdbx_struct_oper_list.type                 'identity operation' 
_pdbx_struct_oper_list.name                 1_555 
_pdbx_struct_oper_list.symmetry_operation   x,y,z 
_pdbx_struct_oper_list.matrix[1][1]         1.0000000000 
_pdbx_struct_oper_list.matrix[1][2]         0.0000000000 
_pdbx_struct_oper_list.matrix[1][3]         0.0000000000 
_pdbx_struct_oper_list.vector[1]            0.0000000000 
_pdbx_struct_oper_list.matrix[2][1]         0.0000000000 
_pdbx_struct_oper_list.matrix[2][2]         1.0000000000 
_pdbx_struct_oper_list.matrix[2][3]         0.0000000000 
_pdbx_struct_oper_list.vector[2]            0.0000000000 
_pdbx_struct_oper_list.matrix[3][1]         0.0000000000 
_pdbx_struct_oper_list.matrix[3][2]         0.0000000000 
_pdbx_struct_oper_list.matrix[3][3]         1.0000000000 
_pdbx_struct_oper_list.vector[3]            0.0000000000 
# 
_struct_biol.id        1 
_struct_biol.details   ? 
# 
loop_
_struct_conf.conf_type_id 
_struct_conf.id 
_struct_conf.pdbx_PDB_helix_id 
_struct_conf.beg_label_comp_id 
_struct_conf.beg_label_asym_id 
_struct_conf.beg_label_seq_id 
_struct_conf.pdbx_beg_PDB_ins_code 
_struct_conf.end_label_comp_id 
_struct_conf.end_label_asym_id 
_struct_conf.end_label_seq_id 
_struct_conf.pdbx_end_PDB_ins_code 
_struct_conf.beg_auth_comp_id 
_struct_conf.beg_auth_asym_id 
_struct_conf.beg_auth_seq_id 
_struct_conf.end_auth_comp_id 
_struct_conf.end_auth_asym_id 
_struct_conf.end_auth_seq_id 
_struct_conf.pdbx_PDB_helix_class 
_struct_conf.details 
_struct_conf.pdbx_PDB_helix_length 
HELX_P HELX_P1 1 ASP A 10  ? THR A 29  ? ASP A 172 THR A 191 1 ? 20 
HELX_P HELX_P2 2 ARG A 45  ? HIS A 62  ? ARG A 207 HIS A 224 1 ? 18 
HELX_P HELX_P3 3 HIS A 62  ? ARG A 71  ? HIS A 224 ARG A 233 1 ? 10 
HELX_P HELX_P4 4 SER A 83  ? PHE A 92  ? SER A 245 PHE A 254 1 ? 10 
HELX_P HELX_P5 5 ASN A 98  ? VAL A 119 ? ASN A 260 VAL A 281 1 ? 22 
HELX_P HELX_P6 6 GLN A 121 ? SER A 123 ? GLN A 283 SER A 285 5 ? 3  
HELX_P HELX_P7 7 PHE A 124 ? GLN A 147 ? PHE A 286 GLN A 309 1 ? 24 
HELX_P HELX_P8 8 ARG A 148 ? HIS A 158 ? ARG A 310 HIS A 320 1 ? 11 
HELX_P HELX_P9 9 ALA B 2   ? ASN B 20  ? ALA B 2   ASN B 20  1 ? 19 
# 
_struct_conf_type.id          HELX_P 
_struct_conf_type.criteria    ? 
_struct_conf_type.reference   ? 
# 
loop_
_struct_conn.id 
_struct_conn.conn_type_id 
_struct_conn.pdbx_leaving_atom_flag 
_struct_conn.pdbx_PDB_id 
_struct_conn.ptnr1_label_asym_id 
_struct_conn.ptnr1_label_comp_id 
_struct_conn.ptnr1_label_seq_id 
_struct_conn.ptnr1_label_atom_id 
_struct_conn.pdbx_ptnr1_label_alt_id 
_struct_conn.pdbx_ptnr1_PDB_ins_code 
_struct_conn.pdbx_ptnr1_standard_comp_id 
_struct_conn.ptnr1_symmetry 
_struct_conn.ptnr2_label_asym_id 
_struct_conn.ptnr2_label_comp_id 
_struct_conn.ptnr2_label_seq_id 
_struct_conn.ptnr2_label_atom_id 
_struct_conn.pdbx_ptnr2_label_alt_id 
_struct_conn.pdbx_ptnr2_PDB_ins_code 
_struct_conn.ptnr1_auth_asym_id 
_struct_conn.ptnr1_auth_comp_id 
_struct_conn.ptnr1_auth_seq_id 
_struct_conn.ptnr2_auth_asym_id 
_struct_conn.ptnr2_auth_comp_id 
_struct_conn.ptnr2_auth_seq_id 
_struct_conn.ptnr2_symmetry 
_struct_conn.pdbx_ptnr3_label_atom_id 
_struct_conn.pdbx_ptnr3_label_seq_id 
_struct_conn.pdbx_ptnr3_label_comp_id 
_struct_conn.pdbx_ptnr3_label_asym_id 
_struct_conn.pdbx_ptnr3_label_alt_id 
_struct_conn.pdbx_ptnr3_PDB_ins_code 
_struct_conn.details 
_struct_conn.pdbx_dist_value 
_struct_conn.pdbx_value_order 
_struct_conn.pdbx_role 
covale1 covale both ? B ACE 1  C  ? ? ? 1_555 B ALA 2  N   ? ? B ACE 1  B ALA 2   1_555 ? ? ? ? ? ? ? 1.335 ? ? 
covale2 covale both ? B ALA 3  C  ? ? ? 1_555 B DCY 4  N   ? ? B ALA 3  B DCY 4   1_555 ? ? ? ? ? ? ? 1.318 ? ? 
covale3 covale both ? B DCY 4  C  ? ? ? 1_555 B LEU 5  N   ? ? B DCY 4  B LEU 5   1_555 ? ? ? ? ? ? ? 1.330 ? ? 
covale4 covale one  ? B DCY 4  SG ? ? ? 1_555 C 4BP .  C01 ? ? B DCY 4  B 4BP 101 1_555 ? ? ? ? ? ? ? 1.816 ? ? 
covale5 covale one  ? B CYS 11 SG ? ? ? 1_555 C 4BP .  C12 ? ? B CYS 11 B 4BP 101 1_555 ? ? ? ? ? ? ? 1.848 ? ? 
covale6 covale both ? B ASN 20 C  ? ? ? 1_555 B NH2 21 N   ? ? B ASN 20 B NH2 21  1_555 ? ? ? ? ? ? ? 1.235 ? ? 
# 
_struct_conn_type.id          covale 
_struct_conn_type.criteria    ? 
_struct_conn_type.reference   ? 
# 
loop_
_pdbx_modification_feature.ordinal 
_pdbx_modification_feature.label_comp_id 
_pdbx_modification_feature.label_asym_id 
_pdbx_modification_feature.label_seq_id 
_pdbx_modification_feature.label_alt_id 
_pdbx_modification_feature.modified_residue_label_comp_id 
_pdbx_modification_feature.modified_residue_label_asym_id 
_pdbx_modification_feature.modified_residue_label_seq_id 
_pdbx_modification_feature.modified_residue_label_alt_id 
_pdbx_modification_feature.auth_comp_id 
_pdbx_modification_feature.auth_asym_id 
_pdbx_modification_feature.auth_seq_id 
_pdbx_modification_feature.PDB_ins_code 
_pdbx_modification_feature.symmetry 
_pdbx_modification_feature.modified_residue_auth_comp_id 
_pdbx_modification_feature.modified_residue_auth_asym_id 
_pdbx_modification_feature.modified_residue_auth_seq_id 
_pdbx_modification_feature.modified_residue_PDB_ins_code 
_pdbx_modification_feature.modified_residue_symmetry 
_pdbx_modification_feature.comp_id_linking_atom 
_pdbx_modification_feature.modified_residue_id_linking_atom 
_pdbx_modification_feature.modified_residue_id 
_pdbx_modification_feature.ref_pcm_id 
_pdbx_modification_feature.ref_comp_id 
_pdbx_modification_feature.type 
_pdbx_modification_feature.category 
1 ACE B 1  ? ALA B 2  ? ACE B 1   ? 1_555 ALA B 2  ? 1_555 .   .  ALA 1  ACE None 'Terminal acetylation' 
2 NH2 B 21 ? ASN B 20 ? NH2 B 21  ? 1_555 ASN B 20 ? 1_555 .   .  ASN 17 NH2 None 'Terminal amidation'   
3 4BP C .  ? CYS B 11 ? 4BP B 101 ? 1_555 CYS B 11 ? 1_555 C12 SG CYS 1  4BP None Crosslinker            
4 4BP C .  ? DCY B 4  ? 4BP B 101 ? 1_555 DCY B 4  ? 1_555 C01 SG DCY 2  4BP None Crosslinker            
# 
_struct_site.id                   AC1 
_struct_site.pdbx_evidence_code   Software 
_struct_site.pdbx_auth_asym_id    ? 
_struct_site.pdbx_auth_comp_id    ? 
_struct_site.pdbx_auth_seq_id     ? 
_struct_site.pdbx_auth_ins_code   ? 
_struct_site.pdbx_num_residues    24 
_struct_site.details              'BINDING SITE FOR LINKED RESIDUES B 1 to 22' 
# 
loop_
_struct_site_gen.id 
_struct_site_gen.site_id 
_struct_site_gen.pdbx_num_res 
_struct_site_gen.label_comp_id 
_struct_site_gen.label_asym_id 
_struct_site_gen.label_seq_id 
_struct_site_gen.pdbx_auth_ins_code 
_struct_site_gen.auth_comp_id 
_struct_site_gen.auth_asym_id 
_struct_site_gen.auth_seq_id 
_struct_site_gen.label_atom_id 
_struct_site_gen.label_alt_id 
_struct_site_gen.symmetry 
_struct_site_gen.details 
1  AC1 24 GLU A 9   ? GLU A 171 . ? 4_445 ? 
2  AC1 24 GLU A 26  ? GLU A 188 . ? 4_455 ? 
3  AC1 24 THR A 29  ? THR A 191 . ? 4_455 ? 
4  AC1 24 ARG A 53  ? ARG A 215 . ? 4_455 ? 
5  AC1 24 ASP A 56  ? ASP A 218 . ? 4_455 ? 
6  AC1 24 GLY A 57  ? GLY A 219 . ? 4_455 ? 
7  AC1 24 HIS A 62  ? HIS A 224 . ? 1_555 ? 
8  AC1 24 MET A 69  ? MET A 231 . ? 1_555 ? 
9  AC1 24 VAL A 87  ? VAL A 249 . ? 1_555 ? 
10 AC1 24 HIS A 90  ? HIS A 252 . ? 1_555 ? 
11 AC1 24 VAL A 91  ? VAL A 253 . ? 1_555 ? 
12 AC1 24 ASP A 94  ? ASP A 256 . ? 1_555 ? 
13 AC1 24 ASN A 98  ? ASN A 260 . ? 1_555 ? 
14 AC1 24 TRP A 99  ? TRP A 261 . ? 1_555 ? 
15 AC1 24 GLY A 100 ? GLY A 262 . ? 1_555 ? 
16 AC1 24 ARG A 101 ? ARG A 263 . ? 1_555 ? 
17 AC1 24 THR A 104 ? THR A 266 . ? 1_555 ? 
18 AC1 24 LEU A 105 ? LEU A 267 . ? 1_555 ? 
19 AC1 24 PHE A 156 ? PHE A 318 . ? 1_555 ? 
20 AC1 24 PHE A 157 ? PHE A 319 . ? 1_555 ? 
21 AC1 24 VAL A 159 ? VAL A 321 . ? 1_555 ? 
22 AC1 24 GLN A 160 ? GLN A 322 . ? 4_455 ? 
23 AC1 24 HOH D .   ? HOH A 403 . ? 4_455 ? 
24 AC1 24 HOH E .   ? HOH B 201 . ? 1_555 ? 
# 
_pdbx_entry_details.entry_id                   4G35 
_pdbx_entry_details.compound_details           ? 
_pdbx_entry_details.source_details             ? 
_pdbx_entry_details.nonpolymer_details         ? 
_pdbx_entry_details.sequence_details           ? 
_pdbx_entry_details.has_ligand_of_interest     ? 
_pdbx_entry_details.has_protein_modification   Y 
# 
loop_
_pdbx_validate_close_contact.id 
_pdbx_validate_close_contact.PDB_model_num 
_pdbx_validate_close_contact.auth_atom_id_1 
_pdbx_validate_close_contact.auth_asym_id_1 
_pdbx_validate_close_contact.auth_comp_id_1 
_pdbx_validate_close_contact.auth_seq_id_1 
_pdbx_validate_close_contact.PDB_ins_code_1 
_pdbx_validate_close_contact.label_alt_id_1 
_pdbx_validate_close_contact.auth_atom_id_2 
_pdbx_validate_close_contact.auth_asym_id_2 
_pdbx_validate_close_contact.auth_comp_id_2 
_pdbx_validate_close_contact.auth_seq_id_2 
_pdbx_validate_close_contact.PDB_ins_code_2 
_pdbx_validate_close_contact.label_alt_id_2 
_pdbx_validate_close_contact.dist 
1 1 OD2 A ASP 172 ? ? NH1 A ARG 303 ? ? 1.95 
2 1 OE1 A GLU 171 ? ? O   A HOH 421 ? ? 2.15 
# 
_pdbx_validate_torsion.id              1 
_pdbx_validate_torsion.PDB_model_num   1 
_pdbx_validate_torsion.auth_comp_id    PHE 
_pdbx_validate_torsion.auth_asym_id    A 
_pdbx_validate_torsion.auth_seq_id     246 
_pdbx_validate_torsion.PDB_ins_code    ? 
_pdbx_validate_torsion.label_alt_id    ? 
_pdbx_validate_torsion.phi             -36.15 
_pdbx_validate_torsion.psi             -38.01 
# 
_pdbx_validate_peptide_omega.id               1 
_pdbx_validate_peptide_omega.PDB_model_num    1 
_pdbx_validate_peptide_omega.auth_comp_id_1   SER 
_pdbx_validate_peptide_omega.auth_asym_id_1   A 
_pdbx_validate_peptide_omega.auth_seq_id_1    245 
_pdbx_validate_peptide_omega.PDB_ins_code_1   ? 
_pdbx_validate_peptide_omega.label_alt_id_1   ? 
_pdbx_validate_peptide_omega.auth_comp_id_2   PHE 
_pdbx_validate_peptide_omega.auth_asym_id_2   A 
_pdbx_validate_peptide_omega.auth_seq_id_2    246 
_pdbx_validate_peptide_omega.PDB_ins_code_2   ? 
_pdbx_validate_peptide_omega.label_alt_id_2   ? 
_pdbx_validate_peptide_omega.omega            143.53 
# 
_pdbx_molecule_features.prd_id    PRD_000921 
_pdbx_molecule_features.name      'Noxa BH3 peptide (cysteine-mediated cross-linked)' 
_pdbx_molecule_features.type      Polypeptide 
_pdbx_molecule_features.class     Anticancer 
_pdbx_molecule_features.details   ? 
# 
loop_
_pdbx_molecule.instance_id 
_pdbx_molecule.prd_id 
_pdbx_molecule.asym_id 
1 PRD_000921 B 
1 PRD_000921 C 
# 
loop_
_pdbx_unobs_or_zero_occ_residues.id 
_pdbx_unobs_or_zero_occ_residues.PDB_model_num 
_pdbx_unobs_or_zero_occ_residues.polymer_flag 
_pdbx_unobs_or_zero_occ_residues.occupancy_flag 
_pdbx_unobs_or_zero_occ_residues.auth_asym_id 
_pdbx_unobs_or_zero_occ_residues.auth_comp_id 
_pdbx_unobs_or_zero_occ_residues.auth_seq_id 
_pdbx_unobs_or_zero_occ_residues.PDB_ins_code 
_pdbx_unobs_or_zero_occ_residues.label_asym_id 
_pdbx_unobs_or_zero_occ_residues.label_comp_id 
_pdbx_unobs_or_zero_occ_residues.label_seq_id 
1  1 Y 1 A GLY 163 ? A GLY 1   
2  1 Y 1 A PRO 164 ? A PRO 2   
3  1 Y 1 A LEU 165 ? A LEU 3   
4  1 Y 1 A GLY 166 ? A GLY 4   
5  1 Y 1 A SER 167 ? A SER 5   
6  1 Y 1 A PRO 168 ? A PRO 6   
7  1 Y 1 A GLU 169 ? A GLU 7   
8  1 Y 1 A PHE 170 ? A PHE 8   
9  1 Y 1 A GLY 192 ? A GLY 30  
10 1 Y 1 A SER 193 ? A SER 31  
11 1 Y 1 A LYS 194 ? A LYS 32  
12 1 Y 1 A ASP 195 ? A ASP 33  
13 1 Y 1 A SER 196 ? A SER 34  
14 1 Y 1 A LYS 197 ? A LYS 35  
15 1 Y 1 A PRO 198 ? A PRO 36  
16 1 Y 1 A LEU 199 ? A LEU 37  
17 1 Y 1 A GLY 200 ? A GLY 38  
18 1 Y 1 A GLU 201 ? A GLU 39  
19 1 Y 1 A ALA 202 ? A ALA 40  
20 1 Y 1 A GLY 203 ? A GLY 41  
21 1 Y 1 A ALA 204 ? A ALA 42  
22 1 Y 1 A ALA 205 ? A ALA 43  
23 1 Y 1 A LEU 235 ? A LEU 73  
24 1 Y 1 A ASP 236 ? A ASP 74  
25 1 Y 1 A ILE 237 ? A ILE 75  
26 1 Y 1 A LYS 238 ? A LYS 76  
27 1 Y 1 A ASN 239 ? A ASN 77  
28 1 Y 1 A GLU 240 ? A GLU 78  
29 1 Y 1 A GLY 241 ? A GLY 79  
30 1 Y 1 A ASP 242 ? A ASP 80  
31 1 Y 1 A VAL 243 ? A VAL 81  
32 1 Y 1 A ASP 323 ? A ASP 161 
33 1 Y 1 A LEU 324 ? A LEU 162 
34 1 Y 1 A GLU 325 ? A GLU 163 
35 1 Y 1 A GLY 326 ? A GLY 164 
36 1 Y 1 A GLY 327 ? A GLY 165 
# 
loop_
_chem_comp_atom.comp_id 
_chem_comp_atom.atom_id 
_chem_comp_atom.type_symbol 
_chem_comp_atom.pdbx_aromatic_flag 
_chem_comp_atom.pdbx_stereo_config 
_chem_comp_atom.pdbx_ordinal 
4BP C12  C  N N 1   
4BP C11  C  Y N 2   
4BP C10  C  Y N 3   
4BP C09  C  Y N 4   
4BP C13  C  Y N 5   
4BP C14  C  Y N 6   
4BP C08  C  Y N 7   
4BP C05  C  Y N 8   
4BP C04  C  Y N 9   
4BP C03  C  Y N 10  
4BP C06  C  Y N 11  
4BP C07  C  Y N 12  
4BP C02  C  Y N 13  
4BP C01  C  N N 14  
4BP H1   H  N N 15  
4BP H2   H  N N 16  
4BP H4   H  N N 17  
4BP H5   H  N N 18  
4BP H6   H  N N 19  
4BP H7   H  N N 20  
4BP H8   H  N N 21  
4BP H9   H  N N 22  
4BP H10  H  N N 23  
4BP H11  H  N N 24  
4BP H12  H  N N 25  
4BP H13  H  N N 26  
4BP BR1  BR N N 27  
4BP BR2  BR N N 28  
ACE C    C  N N 29  
ACE O    O  N N 30  
ACE CH3  C  N N 31  
ACE H    H  N N 32  
ACE H1   H  N N 33  
ACE H2   H  N N 34  
ACE H3   H  N N 35  
ALA N    N  N N 36  
ALA CA   C  N S 37  
ALA C    C  N N 38  
ALA O    O  N N 39  
ALA CB   C  N N 40  
ALA OXT  O  N N 41  
ALA H    H  N N 42  
ALA H2   H  N N 43  
ALA HA   H  N N 44  
ALA HB1  H  N N 45  
ALA HB2  H  N N 46  
ALA HB3  H  N N 47  
ALA HXT  H  N N 48  
ARG N    N  N N 49  
ARG CA   C  N S 50  
ARG C    C  N N 51  
ARG O    O  N N 52  
ARG CB   C  N N 53  
ARG CG   C  N N 54  
ARG CD   C  N N 55  
ARG NE   N  N N 56  
ARG CZ   C  N N 57  
ARG NH1  N  N N 58  
ARG NH2  N  N N 59  
ARG OXT  O  N N 60  
ARG H    H  N N 61  
ARG H2   H  N N 62  
ARG HA   H  N N 63  
ARG HB2  H  N N 64  
ARG HB3  H  N N 65  
ARG HG2  H  N N 66  
ARG HG3  H  N N 67  
ARG HD2  H  N N 68  
ARG HD3  H  N N 69  
ARG HE   H  N N 70  
ARG HH11 H  N N 71  
ARG HH12 H  N N 72  
ARG HH21 H  N N 73  
ARG HH22 H  N N 74  
ARG HXT  H  N N 75  
ASN N    N  N N 76  
ASN CA   C  N S 77  
ASN C    C  N N 78  
ASN O    O  N N 79  
ASN CB   C  N N 80  
ASN CG   C  N N 81  
ASN OD1  O  N N 82  
ASN ND2  N  N N 83  
ASN OXT  O  N N 84  
ASN H    H  N N 85  
ASN H2   H  N N 86  
ASN HA   H  N N 87  
ASN HB2  H  N N 88  
ASN HB3  H  N N 89  
ASN HD21 H  N N 90  
ASN HD22 H  N N 91  
ASN HXT  H  N N 92  
ASP N    N  N N 93  
ASP CA   C  N S 94  
ASP C    C  N N 95  
ASP O    O  N N 96  
ASP CB   C  N N 97  
ASP CG   C  N N 98  
ASP OD1  O  N N 99  
ASP OD2  O  N N 100 
ASP OXT  O  N N 101 
ASP H    H  N N 102 
ASP H2   H  N N 103 
ASP HA   H  N N 104 
ASP HB2  H  N N 105 
ASP HB3  H  N N 106 
ASP HD2  H  N N 107 
ASP HXT  H  N N 108 
CYS N    N  N N 109 
CYS CA   C  N R 110 
CYS C    C  N N 111 
CYS O    O  N N 112 
CYS CB   C  N N 113 
CYS SG   S  N N 114 
CYS OXT  O  N N 115 
CYS H    H  N N 116 
CYS H2   H  N N 117 
CYS HA   H  N N 118 
CYS HB2  H  N N 119 
CYS HB3  H  N N 120 
CYS HG   H  N N 121 
CYS HXT  H  N N 122 
DCY N    N  N N 123 
DCY CA   C  N S 124 
DCY C    C  N N 125 
DCY O    O  N N 126 
DCY CB   C  N N 127 
DCY SG   S  N N 128 
DCY OXT  O  N N 129 
DCY H    H  N N 130 
DCY H2   H  N N 131 
DCY HA   H  N N 132 
DCY HB2  H  N N 133 
DCY HB3  H  N N 134 
DCY HG   H  N N 135 
DCY HXT  H  N N 136 
GLN N    N  N N 137 
GLN CA   C  N S 138 
GLN C    C  N N 139 
GLN O    O  N N 140 
GLN CB   C  N N 141 
GLN CG   C  N N 142 
GLN CD   C  N N 143 
GLN OE1  O  N N 144 
GLN NE2  N  N N 145 
GLN OXT  O  N N 146 
GLN H    H  N N 147 
GLN H2   H  N N 148 
GLN HA   H  N N 149 
GLN HB2  H  N N 150 
GLN HB3  H  N N 151 
GLN HG2  H  N N 152 
GLN HG3  H  N N 153 
GLN HE21 H  N N 154 
GLN HE22 H  N N 155 
GLN HXT  H  N N 156 
GLU N    N  N N 157 
GLU CA   C  N S 158 
GLU C    C  N N 159 
GLU O    O  N N 160 
GLU CB   C  N N 161 
GLU CG   C  N N 162 
GLU CD   C  N N 163 
GLU OE1  O  N N 164 
GLU OE2  O  N N 165 
GLU OXT  O  N N 166 
GLU H    H  N N 167 
GLU H2   H  N N 168 
GLU HA   H  N N 169 
GLU HB2  H  N N 170 
GLU HB3  H  N N 171 
GLU HG2  H  N N 172 
GLU HG3  H  N N 173 
GLU HE2  H  N N 174 
GLU HXT  H  N N 175 
GLY N    N  N N 176 
GLY CA   C  N N 177 
GLY C    C  N N 178 
GLY O    O  N N 179 
GLY OXT  O  N N 180 
GLY H    H  N N 181 
GLY H2   H  N N 182 
GLY HA2  H  N N 183 
GLY HA3  H  N N 184 
GLY HXT  H  N N 185 
HIS N    N  N N 186 
HIS CA   C  N S 187 
HIS C    C  N N 188 
HIS O    O  N N 189 
HIS CB   C  N N 190 
HIS CG   C  Y N 191 
HIS ND1  N  Y N 192 
HIS CD2  C  Y N 193 
HIS CE1  C  Y N 194 
HIS NE2  N  Y N 195 
HIS OXT  O  N N 196 
HIS H    H  N N 197 
HIS H2   H  N N 198 
HIS HA   H  N N 199 
HIS HB2  H  N N 200 
HIS HB3  H  N N 201 
HIS HD1  H  N N 202 
HIS HD2  H  N N 203 
HIS HE1  H  N N 204 
HIS HE2  H  N N 205 
HIS HXT  H  N N 206 
HOH O    O  N N 207 
HOH H1   H  N N 208 
HOH H2   H  N N 209 
ILE N    N  N N 210 
ILE CA   C  N S 211 
ILE C    C  N N 212 
ILE O    O  N N 213 
ILE CB   C  N S 214 
ILE CG1  C  N N 215 
ILE CG2  C  N N 216 
ILE CD1  C  N N 217 
ILE OXT  O  N N 218 
ILE H    H  N N 219 
ILE H2   H  N N 220 
ILE HA   H  N N 221 
ILE HB   H  N N 222 
ILE HG12 H  N N 223 
ILE HG13 H  N N 224 
ILE HG21 H  N N 225 
ILE HG22 H  N N 226 
ILE HG23 H  N N 227 
ILE HD11 H  N N 228 
ILE HD12 H  N N 229 
ILE HD13 H  N N 230 
ILE HXT  H  N N 231 
LEU N    N  N N 232 
LEU CA   C  N S 233 
LEU C    C  N N 234 
LEU O    O  N N 235 
LEU CB   C  N N 236 
LEU CG   C  N N 237 
LEU CD1  C  N N 238 
LEU CD2  C  N N 239 
LEU OXT  O  N N 240 
LEU H    H  N N 241 
LEU H2   H  N N 242 
LEU HA   H  N N 243 
LEU HB2  H  N N 244 
LEU HB3  H  N N 245 
LEU HG   H  N N 246 
LEU HD11 H  N N 247 
LEU HD12 H  N N 248 
LEU HD13 H  N N 249 
LEU HD21 H  N N 250 
LEU HD22 H  N N 251 
LEU HD23 H  N N 252 
LEU HXT  H  N N 253 
LYS N    N  N N 254 
LYS CA   C  N S 255 
LYS C    C  N N 256 
LYS O    O  N N 257 
LYS CB   C  N N 258 
LYS CG   C  N N 259 
LYS CD   C  N N 260 
LYS CE   C  N N 261 
LYS NZ   N  N N 262 
LYS OXT  O  N N 263 
LYS H    H  N N 264 
LYS H2   H  N N 265 
LYS HA   H  N N 266 
LYS HB2  H  N N 267 
LYS HB3  H  N N 268 
LYS HG2  H  N N 269 
LYS HG3  H  N N 270 
LYS HD2  H  N N 271 
LYS HD3  H  N N 272 
LYS HE2  H  N N 273 
LYS HE3  H  N N 274 
LYS HZ1  H  N N 275 
LYS HZ2  H  N N 276 
LYS HZ3  H  N N 277 
LYS HXT  H  N N 278 
MET N    N  N N 279 
MET CA   C  N S 280 
MET C    C  N N 281 
MET O    O  N N 282 
MET CB   C  N N 283 
MET CG   C  N N 284 
MET SD   S  N N 285 
MET CE   C  N N 286 
MET OXT  O  N N 287 
MET H    H  N N 288 
MET H2   H  N N 289 
MET HA   H  N N 290 
MET HB2  H  N N 291 
MET HB3  H  N N 292 
MET HG2  H  N N 293 
MET HG3  H  N N 294 
MET HE1  H  N N 295 
MET HE2  H  N N 296 
MET HE3  H  N N 297 
MET HXT  H  N N 298 
NH2 N    N  N N 299 
NH2 HN1  H  N N 300 
NH2 HN2  H  N N 301 
PHE N    N  N N 302 
PHE CA   C  N S 303 
PHE C    C  N N 304 
PHE O    O  N N 305 
PHE CB   C  N N 306 
PHE CG   C  Y N 307 
PHE CD1  C  Y N 308 
PHE CD2  C  Y N 309 
PHE CE1  C  Y N 310 
PHE CE2  C  Y N 311 
PHE CZ   C  Y N 312 
PHE OXT  O  N N 313 
PHE H    H  N N 314 
PHE H2   H  N N 315 
PHE HA   H  N N 316 
PHE HB2  H  N N 317 
PHE HB3  H  N N 318 
PHE HD1  H  N N 319 
PHE HD2  H  N N 320 
PHE HE1  H  N N 321 
PHE HE2  H  N N 322 
PHE HZ   H  N N 323 
PHE HXT  H  N N 324 
PRO N    N  N N 325 
PRO CA   C  N S 326 
PRO C    C  N N 327 
PRO O    O  N N 328 
PRO CB   C  N N 329 
PRO CG   C  N N 330 
PRO CD   C  N N 331 
PRO OXT  O  N N 332 
PRO H    H  N N 333 
PRO HA   H  N N 334 
PRO HB2  H  N N 335 
PRO HB3  H  N N 336 
PRO HG2  H  N N 337 
PRO HG3  H  N N 338 
PRO HD2  H  N N 339 
PRO HD3  H  N N 340 
PRO HXT  H  N N 341 
SER N    N  N N 342 
SER CA   C  N S 343 
SER C    C  N N 344 
SER O    O  N N 345 
SER CB   C  N N 346 
SER OG   O  N N 347 
SER OXT  O  N N 348 
SER H    H  N N 349 
SER H2   H  N N 350 
SER HA   H  N N 351 
SER HB2  H  N N 352 
SER HB3  H  N N 353 
SER HG   H  N N 354 
SER HXT  H  N N 355 
THR N    N  N N 356 
THR CA   C  N S 357 
THR C    C  N N 358 
THR O    O  N N 359 
THR CB   C  N R 360 
THR OG1  O  N N 361 
THR CG2  C  N N 362 
THR OXT  O  N N 363 
THR H    H  N N 364 
THR H2   H  N N 365 
THR HA   H  N N 366 
THR HB   H  N N 367 
THR HG1  H  N N 368 
THR HG21 H  N N 369 
THR HG22 H  N N 370 
THR HG23 H  N N 371 
THR HXT  H  N N 372 
TRP N    N  N N 373 
TRP CA   C  N S 374 
TRP C    C  N N 375 
TRP O    O  N N 376 
TRP CB   C  N N 377 
TRP CG   C  Y N 378 
TRP CD1  C  Y N 379 
TRP CD2  C  Y N 380 
TRP NE1  N  Y N 381 
TRP CE2  C  Y N 382 
TRP CE3  C  Y N 383 
TRP CZ2  C  Y N 384 
TRP CZ3  C  Y N 385 
TRP CH2  C  Y N 386 
TRP OXT  O  N N 387 
TRP H    H  N N 388 
TRP H2   H  N N 389 
TRP HA   H  N N 390 
TRP HB2  H  N N 391 
TRP HB3  H  N N 392 
TRP HD1  H  N N 393 
TRP HE1  H  N N 394 
TRP HE3  H  N N 395 
TRP HZ2  H  N N 396 
TRP HZ3  H  N N 397 
TRP HH2  H  N N 398 
TRP HXT  H  N N 399 
TYR N    N  N N 400 
TYR CA   C  N S 401 
TYR C    C  N N 402 
TYR O    O  N N 403 
TYR CB   C  N N 404 
TYR CG   C  Y N 405 
TYR CD1  C  Y N 406 
TYR CD2  C  Y N 407 
TYR CE1  C  Y N 408 
TYR CE2  C  Y N 409 
TYR CZ   C  Y N 410 
TYR OH   O  N N 411 
TYR OXT  O  N N 412 
TYR H    H  N N 413 
TYR H2   H  N N 414 
TYR HA   H  N N 415 
TYR HB2  H  N N 416 
TYR HB3  H  N N 417 
TYR HD1  H  N N 418 
TYR HD2  H  N N 419 
TYR HE1  H  N N 420 
TYR HE2  H  N N 421 
TYR HH   H  N N 422 
TYR HXT  H  N N 423 
VAL N    N  N N 424 
VAL CA   C  N S 425 
VAL C    C  N N 426 
VAL O    O  N N 427 
VAL CB   C  N N 428 
VAL CG1  C  N N 429 
VAL CG2  C  N N 430 
VAL OXT  O  N N 431 
VAL H    H  N N 432 
VAL H2   H  N N 433 
VAL HA   H  N N 434 
VAL HB   H  N N 435 
VAL HG11 H  N N 436 
VAL HG12 H  N N 437 
VAL HG13 H  N N 438 
VAL HG21 H  N N 439 
VAL HG22 H  N N 440 
VAL HG23 H  N N 441 
VAL HXT  H  N N 442 
# 
loop_
_chem_comp_bond.comp_id 
_chem_comp_bond.atom_id_1 
_chem_comp_bond.atom_id_2 
_chem_comp_bond.value_order 
_chem_comp_bond.pdbx_aromatic_flag 
_chem_comp_bond.pdbx_stereo_config 
_chem_comp_bond.pdbx_ordinal 
4BP C12 C11  sing N N 1   
4BP C11 C10  doub Y N 2   
4BP C11 C13  sing Y N 3   
4BP C10 C09  sing Y N 4   
4BP C13 C14  doub Y N 5   
4BP C09 C08  doub Y N 6   
4BP C14 C08  sing Y N 7   
4BP C08 C05  sing N N 8   
4BP C05 C06  doub Y N 9   
4BP C05 C04  sing Y N 10  
4BP C06 C07  sing Y N 11  
4BP C04 C03  doub Y N 12  
4BP C07 C02  doub Y N 13  
4BP C03 C02  sing Y N 14  
4BP C02 C01  sing N N 15  
4BP C12 H1   sing N N 16  
4BP C12 H2   sing N N 17  
4BP C10 H4   sing N N 18  
4BP C09 H5   sing N N 19  
4BP C13 H6   sing N N 20  
4BP C14 H7   sing N N 21  
4BP C04 H8   sing N N 22  
4BP C03 H9   sing N N 23  
4BP C06 H10  sing N N 24  
4BP C07 H11  sing N N 25  
4BP C01 H12  sing N N 26  
4BP C01 H13  sing N N 27  
4BP C01 BR1  sing N N 28  
4BP C12 BR2  sing N N 29  
ACE C   O    doub N N 30  
ACE C   CH3  sing N N 31  
ACE C   H    sing N N 32  
ACE CH3 H1   sing N N 33  
ACE CH3 H2   sing N N 34  
ACE CH3 H3   sing N N 35  
ALA N   CA   sing N N 36  
ALA N   H    sing N N 37  
ALA N   H2   sing N N 38  
ALA CA  C    sing N N 39  
ALA CA  CB   sing N N 40  
ALA CA  HA   sing N N 41  
ALA C   O    doub N N 42  
ALA C   OXT  sing N N 43  
ALA CB  HB1  sing N N 44  
ALA CB  HB2  sing N N 45  
ALA CB  HB3  sing N N 46  
ALA OXT HXT  sing N N 47  
ARG N   CA   sing N N 48  
ARG N   H    sing N N 49  
ARG N   H2   sing N N 50  
ARG CA  C    sing N N 51  
ARG CA  CB   sing N N 52  
ARG CA  HA   sing N N 53  
ARG C   O    doub N N 54  
ARG C   OXT  sing N N 55  
ARG CB  CG   sing N N 56  
ARG CB  HB2  sing N N 57  
ARG CB  HB3  sing N N 58  
ARG CG  CD   sing N N 59  
ARG CG  HG2  sing N N 60  
ARG CG  HG3  sing N N 61  
ARG CD  NE   sing N N 62  
ARG CD  HD2  sing N N 63  
ARG CD  HD3  sing N N 64  
ARG NE  CZ   sing N N 65  
ARG NE  HE   sing N N 66  
ARG CZ  NH1  sing N N 67  
ARG CZ  NH2  doub N N 68  
ARG NH1 HH11 sing N N 69  
ARG NH1 HH12 sing N N 70  
ARG NH2 HH21 sing N N 71  
ARG NH2 HH22 sing N N 72  
ARG OXT HXT  sing N N 73  
ASN N   CA   sing N N 74  
ASN N   H    sing N N 75  
ASN N   H2   sing N N 76  
ASN CA  C    sing N N 77  
ASN CA  CB   sing N N 78  
ASN CA  HA   sing N N 79  
ASN C   O    doub N N 80  
ASN C   OXT  sing N N 81  
ASN CB  CG   sing N N 82  
ASN CB  HB2  sing N N 83  
ASN CB  HB3  sing N N 84  
ASN CG  OD1  doub N N 85  
ASN CG  ND2  sing N N 86  
ASN ND2 HD21 sing N N 87  
ASN ND2 HD22 sing N N 88  
ASN OXT HXT  sing N N 89  
ASP N   CA   sing N N 90  
ASP N   H    sing N N 91  
ASP N   H2   sing N N 92  
ASP CA  C    sing N N 93  
ASP CA  CB   sing N N 94  
ASP CA  HA   sing N N 95  
ASP C   O    doub N N 96  
ASP C   OXT  sing N N 97  
ASP CB  CG   sing N N 98  
ASP CB  HB2  sing N N 99  
ASP CB  HB3  sing N N 100 
ASP CG  OD1  doub N N 101 
ASP CG  OD2  sing N N 102 
ASP OD2 HD2  sing N N 103 
ASP OXT HXT  sing N N 104 
CYS N   CA   sing N N 105 
CYS N   H    sing N N 106 
CYS N   H2   sing N N 107 
CYS CA  C    sing N N 108 
CYS CA  CB   sing N N 109 
CYS CA  HA   sing N N 110 
CYS C   O    doub N N 111 
CYS C   OXT  sing N N 112 
CYS CB  SG   sing N N 113 
CYS CB  HB2  sing N N 114 
CYS CB  HB3  sing N N 115 
CYS SG  HG   sing N N 116 
CYS OXT HXT  sing N N 117 
DCY N   CA   sing N N 118 
DCY N   H    sing N N 119 
DCY N   H2   sing N N 120 
DCY CA  C    sing N N 121 
DCY CA  CB   sing N N 122 
DCY CA  HA   sing N N 123 
DCY C   O    doub N N 124 
DCY C   OXT  sing N N 125 
DCY CB  SG   sing N N 126 
DCY CB  HB2  sing N N 127 
DCY CB  HB3  sing N N 128 
DCY SG  HG   sing N N 129 
DCY OXT HXT  sing N N 130 
GLN N   CA   sing N N 131 
GLN N   H    sing N N 132 
GLN N   H2   sing N N 133 
GLN CA  C    sing N N 134 
GLN CA  CB   sing N N 135 
GLN CA  HA   sing N N 136 
GLN C   O    doub N N 137 
GLN C   OXT  sing N N 138 
GLN CB  CG   sing N N 139 
GLN CB  HB2  sing N N 140 
GLN CB  HB3  sing N N 141 
GLN CG  CD   sing N N 142 
GLN CG  HG2  sing N N 143 
GLN CG  HG3  sing N N 144 
GLN CD  OE1  doub N N 145 
GLN CD  NE2  sing N N 146 
GLN NE2 HE21 sing N N 147 
GLN NE2 HE22 sing N N 148 
GLN OXT HXT  sing N N 149 
GLU N   CA   sing N N 150 
GLU N   H    sing N N 151 
GLU N   H2   sing N N 152 
GLU CA  C    sing N N 153 
GLU CA  CB   sing N N 154 
GLU CA  HA   sing N N 155 
GLU C   O    doub N N 156 
GLU C   OXT  sing N N 157 
GLU CB  CG   sing N N 158 
GLU CB  HB2  sing N N 159 
GLU CB  HB3  sing N N 160 
GLU CG  CD   sing N N 161 
GLU CG  HG2  sing N N 162 
GLU CG  HG3  sing N N 163 
GLU CD  OE1  doub N N 164 
GLU CD  OE2  sing N N 165 
GLU OE2 HE2  sing N N 166 
GLU OXT HXT  sing N N 167 
GLY N   CA   sing N N 168 
GLY N   H    sing N N 169 
GLY N   H2   sing N N 170 
GLY CA  C    sing N N 171 
GLY CA  HA2  sing N N 172 
GLY CA  HA3  sing N N 173 
GLY C   O    doub N N 174 
GLY C   OXT  sing N N 175 
GLY OXT HXT  sing N N 176 
HIS N   CA   sing N N 177 
HIS N   H    sing N N 178 
HIS N   H2   sing N N 179 
HIS CA  C    sing N N 180 
HIS CA  CB   sing N N 181 
HIS CA  HA   sing N N 182 
HIS C   O    doub N N 183 
HIS C   OXT  sing N N 184 
HIS CB  CG   sing N N 185 
HIS CB  HB2  sing N N 186 
HIS CB  HB3  sing N N 187 
HIS CG  ND1  sing Y N 188 
HIS CG  CD2  doub Y N 189 
HIS ND1 CE1  doub Y N 190 
HIS ND1 HD1  sing N N 191 
HIS CD2 NE2  sing Y N 192 
HIS CD2 HD2  sing N N 193 
HIS CE1 NE2  sing Y N 194 
HIS CE1 HE1  sing N N 195 
HIS NE2 HE2  sing N N 196 
HIS OXT HXT  sing N N 197 
HOH O   H1   sing N N 198 
HOH O   H2   sing N N 199 
ILE N   CA   sing N N 200 
ILE N   H    sing N N 201 
ILE N   H2   sing N N 202 
ILE CA  C    sing N N 203 
ILE CA  CB   sing N N 204 
ILE CA  HA   sing N N 205 
ILE C   O    doub N N 206 
ILE C   OXT  sing N N 207 
ILE CB  CG1  sing N N 208 
ILE CB  CG2  sing N N 209 
ILE CB  HB   sing N N 210 
ILE CG1 CD1  sing N N 211 
ILE CG1 HG12 sing N N 212 
ILE CG1 HG13 sing N N 213 
ILE CG2 HG21 sing N N 214 
ILE CG2 HG22 sing N N 215 
ILE CG2 HG23 sing N N 216 
ILE CD1 HD11 sing N N 217 
ILE CD1 HD12 sing N N 218 
ILE CD1 HD13 sing N N 219 
ILE OXT HXT  sing N N 220 
LEU N   CA   sing N N 221 
LEU N   H    sing N N 222 
LEU N   H2   sing N N 223 
LEU CA  C    sing N N 224 
LEU CA  CB   sing N N 225 
LEU CA  HA   sing N N 226 
LEU C   O    doub N N 227 
LEU C   OXT  sing N N 228 
LEU CB  CG   sing N N 229 
LEU CB  HB2  sing N N 230 
LEU CB  HB3  sing N N 231 
LEU CG  CD1  sing N N 232 
LEU CG  CD2  sing N N 233 
LEU CG  HG   sing N N 234 
LEU CD1 HD11 sing N N 235 
LEU CD1 HD12 sing N N 236 
LEU CD1 HD13 sing N N 237 
LEU CD2 HD21 sing N N 238 
LEU CD2 HD22 sing N N 239 
LEU CD2 HD23 sing N N 240 
LEU OXT HXT  sing N N 241 
LYS N   CA   sing N N 242 
LYS N   H    sing N N 243 
LYS N   H2   sing N N 244 
LYS CA  C    sing N N 245 
LYS CA  CB   sing N N 246 
LYS CA  HA   sing N N 247 
LYS C   O    doub N N 248 
LYS C   OXT  sing N N 249 
LYS CB  CG   sing N N 250 
LYS CB  HB2  sing N N 251 
LYS CB  HB3  sing N N 252 
LYS CG  CD   sing N N 253 
LYS CG  HG2  sing N N 254 
LYS CG  HG3  sing N N 255 
LYS CD  CE   sing N N 256 
LYS CD  HD2  sing N N 257 
LYS CD  HD3  sing N N 258 
LYS CE  NZ   sing N N 259 
LYS CE  HE2  sing N N 260 
LYS CE  HE3  sing N N 261 
LYS NZ  HZ1  sing N N 262 
LYS NZ  HZ2  sing N N 263 
LYS NZ  HZ3  sing N N 264 
LYS OXT HXT  sing N N 265 
MET N   CA   sing N N 266 
MET N   H    sing N N 267 
MET N   H2   sing N N 268 
MET CA  C    sing N N 269 
MET CA  CB   sing N N 270 
MET CA  HA   sing N N 271 
MET C   O    doub N N 272 
MET C   OXT  sing N N 273 
MET CB  CG   sing N N 274 
MET CB  HB2  sing N N 275 
MET CB  HB3  sing N N 276 
MET CG  SD   sing N N 277 
MET CG  HG2  sing N N 278 
MET CG  HG3  sing N N 279 
MET SD  CE   sing N N 280 
MET CE  HE1  sing N N 281 
MET CE  HE2  sing N N 282 
MET CE  HE3  sing N N 283 
MET OXT HXT  sing N N 284 
NH2 N   HN1  sing N N 285 
NH2 N   HN2  sing N N 286 
PHE N   CA   sing N N 287 
PHE N   H    sing N N 288 
PHE N   H2   sing N N 289 
PHE CA  C    sing N N 290 
PHE CA  CB   sing N N 291 
PHE CA  HA   sing N N 292 
PHE C   O    doub N N 293 
PHE C   OXT  sing N N 294 
PHE CB  CG   sing N N 295 
PHE CB  HB2  sing N N 296 
PHE CB  HB3  sing N N 297 
PHE CG  CD1  doub Y N 298 
PHE CG  CD2  sing Y N 299 
PHE CD1 CE1  sing Y N 300 
PHE CD1 HD1  sing N N 301 
PHE CD2 CE2  doub Y N 302 
PHE CD2 HD2  sing N N 303 
PHE CE1 CZ   doub Y N 304 
PHE CE1 HE1  sing N N 305 
PHE CE2 CZ   sing Y N 306 
PHE CE2 HE2  sing N N 307 
PHE CZ  HZ   sing N N 308 
PHE OXT HXT  sing N N 309 
PRO N   CA   sing N N 310 
PRO N   CD   sing N N 311 
PRO N   H    sing N N 312 
PRO CA  C    sing N N 313 
PRO CA  CB   sing N N 314 
PRO CA  HA   sing N N 315 
PRO C   O    doub N N 316 
PRO C   OXT  sing N N 317 
PRO CB  CG   sing N N 318 
PRO CB  HB2  sing N N 319 
PRO CB  HB3  sing N N 320 
PRO CG  CD   sing N N 321 
PRO CG  HG2  sing N N 322 
PRO CG  HG3  sing N N 323 
PRO CD  HD2  sing N N 324 
PRO CD  HD3  sing N N 325 
PRO OXT HXT  sing N N 326 
SER N   CA   sing N N 327 
SER N   H    sing N N 328 
SER N   H2   sing N N 329 
SER CA  C    sing N N 330 
SER CA  CB   sing N N 331 
SER CA  HA   sing N N 332 
SER C   O    doub N N 333 
SER C   OXT  sing N N 334 
SER CB  OG   sing N N 335 
SER CB  HB2  sing N N 336 
SER CB  HB3  sing N N 337 
SER OG  HG   sing N N 338 
SER OXT HXT  sing N N 339 
THR N   CA   sing N N 340 
THR N   H    sing N N 341 
THR N   H2   sing N N 342 
THR CA  C    sing N N 343 
THR CA  CB   sing N N 344 
THR CA  HA   sing N N 345 
THR C   O    doub N N 346 
THR C   OXT  sing N N 347 
THR CB  OG1  sing N N 348 
THR CB  CG2  sing N N 349 
THR CB  HB   sing N N 350 
THR OG1 HG1  sing N N 351 
THR CG2 HG21 sing N N 352 
THR CG2 HG22 sing N N 353 
THR CG2 HG23 sing N N 354 
THR OXT HXT  sing N N 355 
TRP N   CA   sing N N 356 
TRP N   H    sing N N 357 
TRP N   H2   sing N N 358 
TRP CA  C    sing N N 359 
TRP CA  CB   sing N N 360 
TRP CA  HA   sing N N 361 
TRP C   O    doub N N 362 
TRP C   OXT  sing N N 363 
TRP CB  CG   sing N N 364 
TRP CB  HB2  sing N N 365 
TRP CB  HB3  sing N N 366 
TRP CG  CD1  doub Y N 367 
TRP CG  CD2  sing Y N 368 
TRP CD1 NE1  sing Y N 369 
TRP CD1 HD1  sing N N 370 
TRP CD2 CE2  doub Y N 371 
TRP CD2 CE3  sing Y N 372 
TRP NE1 CE2  sing Y N 373 
TRP NE1 HE1  sing N N 374 
TRP CE2 CZ2  sing Y N 375 
TRP CE3 CZ3  doub Y N 376 
TRP CE3 HE3  sing N N 377 
TRP CZ2 CH2  doub Y N 378 
TRP CZ2 HZ2  sing N N 379 
TRP CZ3 CH2  sing Y N 380 
TRP CZ3 HZ3  sing N N 381 
TRP CH2 HH2  sing N N 382 
TRP OXT HXT  sing N N 383 
TYR N   CA   sing N N 384 
TYR N   H    sing N N 385 
TYR N   H2   sing N N 386 
TYR CA  C    sing N N 387 
TYR CA  CB   sing N N 388 
TYR CA  HA   sing N N 389 
TYR C   O    doub N N 390 
TYR C   OXT  sing N N 391 
TYR CB  CG   sing N N 392 
TYR CB  HB2  sing N N 393 
TYR CB  HB3  sing N N 394 
TYR CG  CD1  doub Y N 395 
TYR CG  CD2  sing Y N 396 
TYR CD1 CE1  sing Y N 397 
TYR CD1 HD1  sing N N 398 
TYR CD2 CE2  doub Y N 399 
TYR CD2 HD2  sing N N 400 
TYR CE1 CZ   doub Y N 401 
TYR CE1 HE1  sing N N 402 
TYR CE2 CZ   sing Y N 403 
TYR CE2 HE2  sing N N 404 
TYR CZ  OH   sing N N 405 
TYR OH  HH   sing N N 406 
TYR OXT HXT  sing N N 407 
VAL N   CA   sing N N 408 
VAL N   H    sing N N 409 
VAL N   H2   sing N N 410 
VAL CA  C    sing N N 411 
VAL CA  CB   sing N N 412 
VAL CA  HA   sing N N 413 
VAL C   O    doub N N 414 
VAL C   OXT  sing N N 415 
VAL CB  CG1  sing N N 416 
VAL CB  CG2  sing N N 417 
VAL CB  HB   sing N N 418 
VAL CG1 HG11 sing N N 419 
VAL CG1 HG12 sing N N 420 
VAL CG1 HG13 sing N N 421 
VAL CG2 HG21 sing N N 422 
VAL CG2 HG22 sing N N 423 
VAL CG2 HG23 sing N N 424 
VAL OXT HXT  sing N N 425 
# 
_atom_sites.entry_id                    4G35 
_atom_sites.fract_transf_matrix[1][1]   0.00834723 
_atom_sites.fract_transf_matrix[1][2]   0.01313559 
_atom_sites.fract_transf_matrix[1][3]   -0.01798893 
_atom_sites.fract_transf_matrix[2][1]   0.01946367 
_atom_sites.fract_transf_matrix[2][2]   -0.00301941 
_atom_sites.fract_transf_matrix[2][3]   0.00682675 
_atom_sites.fract_transf_matrix[3][1]   0.00103941 
_atom_sites.fract_transf_matrix[3][2]   -0.01196803 
_atom_sites.fract_transf_matrix[3][3]   -0.00825680 
_atom_sites.fract_transf_vector[1]      0.049820 
_atom_sites.fract_transf_vector[2]      0.031744 
_atom_sites.fract_transf_vector[3]      0.071713 
# 
loop_
_atom_type.symbol 
C 
N 
O 
S 
# 
loop_
_atom_site.group_PDB 
_atom_site.id 
_atom_site.type_symbol 
_atom_site.label_atom_id 
_atom_site.label_alt_id 
_atom_site.label_comp_id 
_atom_site.label_asym_id 
_atom_site.label_entity_id 
_atom_site.label_seq_id 
_atom_site.pdbx_PDB_ins_code 
_atom_site.Cartn_x 
_atom_site.Cartn_y 
_atom_site.Cartn_z 
_atom_site.occupancy 
_atom_site.B_iso_or_equiv 
_atom_site.pdbx_formal_charge 
_atom_site.auth_seq_id 
_atom_site.auth_comp_id 
_atom_site.auth_asym_id 
_atom_site.auth_atom_id 
_atom_site.pdbx_PDB_model_num 
ATOM   1    N N   . GLU A 1 9   ? -12.682 7.449   -16.770 1.00 28.46 ? 171 GLU A N   1 
ATOM   2    C CA  . GLU A 1 9   ? -13.807 8.174   -16.063 1.00 27.76 ? 171 GLU A CA  1 
ATOM   3    C C   . GLU A 1 9   ? -13.766 8.031   -14.594 1.00 26.87 ? 171 GLU A C   1 
ATOM   4    O O   . GLU A 1 9   ? -14.236 8.894   -13.889 1.00 25.85 ? 171 GLU A O   1 
ATOM   5    C CB  . GLU A 1 9   ? -15.189 7.759   -16.574 1.00 27.13 ? 171 GLU A CB  1 
ATOM   6    C CG  . GLU A 1 9   ? -15.352 8.123   -18.029 1.00 29.98 ? 171 GLU A CG  1 
ATOM   7    C CD  . GLU A 1 9   ? -16.780 7.996   -18.575 1.00 31.87 ? 171 GLU A CD  1 
ATOM   8    O OE1 . GLU A 1 9   ? -17.683 7.515   -17.862 1.00 29.68 ? 171 GLU A OE1 1 
ATOM   9    O OE2 . GLU A 1 9   ? -16.975 8.409   -19.753 1.00 33.73 ? 171 GLU A OE2 1 
ATOM   10   N N   . ASP A 1 10  ? -13.233 6.913   -14.107 1.00 28.16 ? 172 ASP A N   1 
ATOM   11   C CA  . ASP A 1 10  ? -12.945 6.844   -12.688 1.00 29.74 ? 172 ASP A CA  1 
ATOM   12   C C   . ASP A 1 10  ? -11.576 7.485   -12.445 1.00 29.98 ? 172 ASP A C   1 
ATOM   13   O O   . ASP A 1 10  ? -10.521 6.806   -12.509 1.00 29.41 ? 172 ASP A O   1 
ATOM   14   C CB  . ASP A 1 10  ? -12.996 5.414   -12.095 1.00 30.09 ? 172 ASP A CB  1 
ATOM   15   C CG  . ASP A 1 10  ? -13.061 5.425   -10.572 1.00 31.88 ? 172 ASP A CG  1 
ATOM   16   O OD1 . ASP A 1 10  ? -12.665 6.405   -9.916  1.00 28.02 ? 172 ASP A OD1 1 
ATOM   17   O OD2 . ASP A 1 10  ? -13.542 4.430   -9.984  1.00 34.78 ? 172 ASP A OD2 1 
ATOM   18   N N   . ASP A 1 11  ? -11.614 8.773   -12.132 1.00 29.07 ? 173 ASP A N   1 
ATOM   19   C CA  . ASP A 1 11  ? -10.399 9.524   -11.992 1.00 28.23 ? 173 ASP A CA  1 
ATOM   20   C C   . ASP A 1 11  ? -9.696  9.131   -10.682 1.00 27.28 ? 173 ASP A C   1 
ATOM   21   O O   . ASP A 1 11  ? -8.485  8.970   -10.656 1.00 27.61 ? 173 ASP A O   1 
ATOM   22   C CB  . ASP A 1 11  ? -10.749 10.996  -12.018 1.00 27.35 ? 173 ASP A CB  1 
ATOM   23   C CG  . ASP A 1 11  ? -9.607  11.867  -12.463 1.00 28.35 ? 173 ASP A CG  1 
ATOM   24   O OD1 . ASP A 1 11  ? -8.543  11.392  -12.907 1.00 28.16 ? 173 ASP A OD1 1 
ATOM   25   O OD2 . ASP A 1 11  ? -9.798  13.076  -12.395 1.00 28.67 ? 173 ASP A OD2 1 
ATOM   26   N N   . LEU A 1 12  ? -10.439 8.890   -9.610  1.00 25.79 ? 174 LEU A N   1 
ATOM   27   C CA  . LEU A 1 12  ? -9.833  8.253   -8.440  1.00 23.72 ? 174 LEU A CA  1 
ATOM   28   C C   . LEU A 1 12  ? -9.092  6.922   -8.723  1.00 24.01 ? 174 LEU A C   1 
ATOM   29   O O   . LEU A 1 12  ? -7.952  6.710   -8.263  1.00 22.44 ? 174 LEU A O   1 
ATOM   30   C CB  . LEU A 1 12  ? -10.871 8.037   -7.347  1.00 25.18 ? 174 LEU A CB  1 
ATOM   31   C CG  . LEU A 1 12  ? -10.338 7.455   -6.041  1.00 21.02 ? 174 LEU A CG  1 
ATOM   32   C CD1 . LEU A 1 12  ? -9.329  8.384   -5.266  1.00 26.31 ? 174 LEU A CD1 1 
ATOM   33   C CD2 . LEU A 1 12  ? -11.478 7.114   -5.113  1.00 24.27 ? 174 LEU A CD2 1 
ATOM   34   N N   . TYR A 1 13  ? -9.713  6.030   -9.476  1.00 22.34 ? 175 TYR A N   1 
ATOM   35   C CA  . TYR A 1 13  ? -9.012  4.808   -9.899  1.00 22.32 ? 175 TYR A CA  1 
ATOM   36   C C   . TYR A 1 13  ? -7.780  5.121   -10.713 1.00 21.69 ? 175 TYR A C   1 
ATOM   37   O O   . TYR A 1 13  ? -6.729  4.538   -10.450 1.00 21.89 ? 175 TYR A O   1 
ATOM   38   C CB  . TYR A 1 13  ? -9.918  3.843   -10.732 1.00 21.66 ? 175 TYR A CB  1 
ATOM   39   C CG  . TYR A 1 13  ? -9.219  2.528   -11.144 1.00 24.39 ? 175 TYR A CG  1 
ATOM   40   C CD1 . TYR A 1 13  ? -9.341  1.370   -10.383 1.00 27.79 ? 175 TYR A CD1 1 
ATOM   41   C CD2 . TYR A 1 13  ? -8.465  2.459   -12.317 1.00 28.91 ? 175 TYR A CD2 1 
ATOM   42   C CE1 . TYR A 1 13  ? -8.699  0.163   -10.769 1.00 29.69 ? 175 TYR A CE1 1 
ATOM   43   C CE2 . TYR A 1 13  ? -7.803  1.267   -12.714 1.00 31.73 ? 175 TYR A CE2 1 
ATOM   44   C CZ  . TYR A 1 13  ? -7.925  0.128   -11.941 1.00 35.13 ? 175 TYR A CZ  1 
ATOM   45   O OH  . TYR A 1 13  ? -7.250  -1.031  -12.356 1.00 36.28 ? 175 TYR A OH  1 
ATOM   46   N N   . ARG A 1 14  ? -7.896  5.986   -11.731 1.00 21.64 ? 176 ARG A N   1 
ATOM   47   C CA  . ARG A 1 14  ? -6.774  6.314   -12.625 1.00 22.46 ? 176 ARG A CA  1 
ATOM   48   C C   . ARG A 1 14  ? -5.565  6.827   -11.839 1.00 21.38 ? 176 ARG A C   1 
ATOM   49   O O   . ARG A 1 14  ? -4.407  6.391   -12.044 1.00 20.41 ? 176 ARG A O   1 
ATOM   50   C CB  . ARG A 1 14  ? -7.187  7.386   -13.673 1.00 23.31 ? 176 ARG A CB  1 
ATOM   51   C CG  . ARG A 1 14  ? -6.078  7.803   -14.659 1.00 27.22 ? 176 ARG A CG  1 
ATOM   52   C CD  . ARG A 1 14  ? -6.321  9.269   -15.324 1.00 29.94 ? 176 ARG A CD  1 
ATOM   53   N NE  . ARG A 1 14  ? -6.469  10.368  -14.350 1.00 29.51 ? 176 ARG A NE  1 
ATOM   54   C CZ  . ARG A 1 14  ? -5.472  10.903  -13.635 1.00 33.27 ? 176 ARG A CZ  1 
ATOM   55   N NH1 . ARG A 1 14  ? -4.197  10.533  -13.813 1.00 35.01 ? 176 ARG A NH1 1 
ATOM   56   N NH2 . ARG A 1 14  ? -5.744  11.854  -12.758 1.00 33.46 ? 176 ARG A NH2 1 
ATOM   57   N N   . GLN A 1 15  ? -5.848  7.756   -10.951 1.00 21.85 ? 177 GLN A N   1 
ATOM   58   C CA  . GLN A 1 15  ? -4.830  8.372   -10.120 1.00 23.19 ? 177 GLN A CA  1 
ATOM   59   C C   . GLN A 1 15  ? -4.153  7.352   -9.148  1.00 21.73 ? 177 GLN A C   1 
ATOM   60   O O   . GLN A 1 15  ? -2.927  7.366   -9.034  1.00 20.83 ? 177 GLN A O   1 
ATOM   61   C CB  . GLN A 1 15  ? -5.451  9.540   -9.373  1.00 23.82 ? 177 GLN A CB  1 
ATOM   62   C CG  . GLN A 1 15  ? -4.551  10.137  -8.304  1.00 31.73 ? 177 GLN A CG  1 
ATOM   63   C CD  . GLN A 1 15  ? -5.261  11.197  -7.442  1.00 37.32 ? 177 GLN A CD  1 
ATOM   64   O OE1 . GLN A 1 15  ? -6.499  11.171  -7.292  1.00 41.50 ? 177 GLN A OE1 1 
ATOM   65   N NE2 . GLN A 1 15  ? -4.476  12.123  -6.861  1.00 42.12 ? 177 GLN A NE2 1 
ATOM   66   N N   . SER A 1 16  ? -4.953  6.514   -8.456  1.00 18.56 ? 178 SER A N   1 
ATOM   67   C CA  . SER A 1 16  ? -4.451  5.421   -7.590  1.00 19.01 ? 178 SER A CA  1 
ATOM   68   C C   . SER A 1 16  ? -3.592  4.428   -8.388  1.00 19.06 ? 178 SER A C   1 
ATOM   69   O O   . SER A 1 16  ? -2.500  4.026   -7.957  1.00 16.67 ? 178 SER A O   1 
ATOM   70   C CB  . SER A 1 16  ? -5.582  4.654   -6.922  1.00 16.97 ? 178 SER A CB  1 
ATOM   71   O OG  . SER A 1 16  ? -6.399  5.514   -6.103  1.00 17.89 ? 178 SER A OG  1 
ATOM   72   N N   . LEU A 1 17  ? -4.040  4.075   -9.604  1.00 19.85 ? 179 LEU A N   1 
ATOM   73   C CA  . LEU A 1 17  ? -3.265  3.092   -10.437 1.00 19.76 ? 179 LEU A CA  1 
ATOM   74   C C   . LEU A 1 17  ? -1.924  3.682   -10.836 1.00 20.86 ? 179 LEU A C   1 
ATOM   75   O O   . LEU A 1 17  ? -0.892  3.004   -10.841 1.00 20.25 ? 179 LEU A O   1 
ATOM   76   C CB  . LEU A 1 17  ? -4.051  2.628   -11.694 1.00 21.49 ? 179 LEU A CB  1 
ATOM   77   C CG  . LEU A 1 17  ? -3.299  1.637   -12.601 1.00 22.99 ? 179 LEU A CG  1 
ATOM   78   C CD1 . LEU A 1 17  ? -3.277  0.373   -11.830 1.00 27.68 ? 179 LEU A CD1 1 
ATOM   79   C CD2 . LEU A 1 17  ? -4.003  1.447   -13.966 1.00 28.34 ? 179 LEU A CD2 1 
ATOM   80   N N   . GLU A 1 18  ? -1.912  4.961   -11.157 1.00 21.99 ? 180 GLU A N   1 
ATOM   81   C CA  . GLU A 1 18  ? -0.662  5.546   -11.585 1.00 22.80 ? 180 GLU A CA  1 
ATOM   82   C C   . GLU A 1 18  ? 0.376   5.622   -10.469 1.00 21.59 ? 180 GLU A C   1 
ATOM   83   O O   . GLU A 1 18  ? 1.569   5.372   -10.677 1.00 20.33 ? 180 GLU A O   1 
ATOM   84   C CB  . GLU A 1 18  ? -0.905  6.907   -12.221 1.00 23.81 ? 180 GLU A CB  1 
ATOM   85   C CG  . GLU A 1 18  ? -1.152  6.698   -13.733 1.00 33.79 ? 180 GLU A CG  1 
ATOM   86   C CD  . GLU A 1 18  ? -1.826  7.859   -14.447 1.00 43.98 ? 180 GLU A CD  1 
ATOM   87   O OE1 . GLU A 1 18  ? -1.808  8.989   -13.886 1.00 49.05 ? 180 GLU A OE1 1 
ATOM   88   O OE2 . GLU A 1 18  ? -2.359  7.625   -15.578 1.00 45.32 ? 180 GLU A OE2 1 
ATOM   89   N N   . ILE A 1 19  ? -0.078  5.988   -9.280  1.00 19.13 ? 181 ILE A N   1 
ATOM   90   C CA  . ILE A 1 19  ? 0.809   6.068   -8.143  1.00 17.92 ? 181 ILE A CA  1 
ATOM   91   C C   . ILE A 1 19  ? 1.281   4.672   -7.780  1.00 16.78 ? 181 ILE A C   1 
ATOM   92   O O   . ILE A 1 19  ? 2.510   4.437   -7.600  1.00 17.92 ? 181 ILE A O   1 
ATOM   93   C CB  . ILE A 1 19  ? 0.069   6.710   -6.941  1.00 16.94 ? 181 ILE A CB  1 
ATOM   94   C CG1 . ILE A 1 19  ? -0.161  8.193   -7.279  1.00 21.39 ? 181 ILE A CG1 1 
ATOM   95   C CG2 . ILE A 1 19  ? 0.879   6.419   -5.646  1.00 18.74 ? 181 ILE A CG2 1 
ATOM   96   C CD1 . ILE A 1 19  ? -1.171  8.883   -6.386  1.00 26.76 ? 181 ILE A CD1 1 
ATOM   97   N N   . ILE A 1 20  ? 0.373   3.817   -7.611  1.00 15.96 ? 182 ILE A N   1 
ATOM   98   C CA  . ILE A 1 20  ? 0.740   2.449   -7.154  1.00 15.78 ? 182 ILE A CA  1 
ATOM   99   C C   . ILE A 1 20  ? 1.564   1.727   -8.239  1.00 16.73 ? 182 ILE A C   1 
ATOM   100  O O   . ILE A 1 20  ? 2.559   1.084   -7.916  1.00 17.11 ? 182 ILE A O   1 
ATOM   101  C CB  . ILE A 1 20  ? -0.520  1.632   -6.808  1.00 20.00 ? 182 ILE A CB  1 
ATOM   102  C CG1 . ILE A 1 20  ? -1.229  2.235   -5.595  1.00 20.00 ? 182 ILE A CG1 1 
ATOM   103  C CG2 . ILE A 1 20  ? -0.159  0.178   -6.552  1.00 20.00 ? 182 ILE A CG2 1 
ATOM   104  C CD1 . ILE A 1 20  ? -2.606  1.661   -5.346  1.00 20.00 ? 182 ILE A CD1 1 
ATOM   105  N N   . SER A 1 21  ? 1.196   1.758   -9.522  1.00 19.42 ? 183 SER A N   1 
ATOM   106  C CA  . SER A 1 21  ? 2.032   1.150   -10.580 1.00 20.12 ? 183 SER A CA  1 
ATOM   107  C C   . SER A 1 21  ? 3.425   1.725   -10.572 1.00 20.97 ? 183 SER A C   1 
ATOM   108  O O   . SER A 1 21  ? 4.426   0.990   -10.661 1.00 20.59 ? 183 SER A O   1 
ATOM   109  C CB  . SER A 1 21  ? 1.489   1.423   -11.992 1.00 21.91 ? 183 SER A CB  1 
ATOM   110  O OG  . SER A 1 21  ? 0.204   0.885   -12.036 1.00 30.06 ? 183 SER A OG  1 
ATOM   111  N N   . ARG A 1 22  ? 3.509   3.046   -10.542 1.00 20.39 ? 184 ARG A N   1 
ATOM   112  C CA  . ARG A 1 22  ? 4.816   3.689   -10.658 1.00 21.67 ? 184 ARG A CA  1 
ATOM   113  C C   . ARG A 1 22  ? 5.650   3.327   -9.425  1.00 20.36 ? 184 ARG A C   1 
ATOM   114  O O   . ARG A 1 22  ? 6.843   3.017   -9.530  1.00 21.12 ? 184 ARG A O   1 
ATOM   115  C CB  . ARG A 1 22  ? 4.651   5.201   -10.858 1.00 22.72 ? 184 ARG A CB  1 
ATOM   116  C CG  . ARG A 1 22  ? 5.833   6.023   -10.405 1.00 28.83 ? 184 ARG A CG  1 
ATOM   117  C CD  . ARG A 1 22  ? 6.695   6.425   -11.592 1.00 41.91 ? 184 ARG A CD  1 
ATOM   118  N NE  . ARG A 1 22  ? 8.091   6.661   -11.197 1.00 52.13 ? 184 ARG A NE  1 
ATOM   119  C CZ  . ARG A 1 22  ? 9.158   6.278   -11.906 1.00 56.64 ? 184 ARG A CZ  1 
ATOM   120  N NH1 . ARG A 1 22  ? 9.009   5.623   -13.059 1.00 58.99 ? 184 ARG A NH1 1 
ATOM   121  N NH2 . ARG A 1 22  ? 10.383  6.535   -11.450 1.00 58.77 ? 184 ARG A NH2 1 
ATOM   122  N N   . TYR A 1 23  ? 5.052   3.363   -8.239  1.00 18.97 ? 185 TYR A N   1 
ATOM   123  C CA  . TYR A 1 23  ? 5.807   2.955   -7.061  1.00 19.49 ? 185 TYR A CA  1 
ATOM   124  C C   . TYR A 1 23  ? 6.335   1.515   -7.193  1.00 20.02 ? 185 TYR A C   1 
ATOM   125  O O   . TYR A 1 23  ? 7.533   1.257   -6.908  1.00 21.02 ? 185 TYR A O   1 
ATOM   126  C CB  . TYR A 1 23  ? 4.942   3.063   -5.777  1.00 19.66 ? 185 TYR A CB  1 
ATOM   127  C CG  . TYR A 1 23  ? 5.678   2.688   -4.490  1.00 19.20 ? 185 TYR A CG  1 
ATOM   128  C CD1 . TYR A 1 23  ? 6.929   3.244   -4.217  1.00 21.56 ? 185 TYR A CD1 1 
ATOM   129  C CD2 . TYR A 1 23  ? 5.080   1.867   -3.515  1.00 18.26 ? 185 TYR A CD2 1 
ATOM   130  C CE1 . TYR A 1 23  ? 7.626   2.947   -3.036  1.00 21.12 ? 185 TYR A CE1 1 
ATOM   131  C CE2 . TYR A 1 23  ? 5.754   1.576   -2.304  1.00 20.08 ? 185 TYR A CE2 1 
ATOM   132  C CZ  . TYR A 1 23  ? 7.033   2.099   -2.090  1.00 19.72 ? 185 TYR A CZ  1 
ATOM   133  O OH  . TYR A 1 23  ? 7.760   1.895   -0.920  1.00 24.85 ? 185 TYR A OH  1 
ATOM   134  N N   . LEU A 1 24  ? 5.450   0.584   -7.578  1.00 21.39 ? 186 LEU A N   1 
ATOM   135  C CA  . LEU A 1 24  ? 5.837   -0.830  -7.720  1.00 23.94 ? 186 LEU A CA  1 
ATOM   136  C C   . LEU A 1 24  ? 6.956   -1.062  -8.791  1.00 25.71 ? 186 LEU A C   1 
ATOM   137  O O   . LEU A 1 24  ? 8.014   -1.687  -8.494  1.00 25.00 ? 186 LEU A O   1 
ATOM   138  C CB  . LEU A 1 24  ? 4.631   -1.741  -7.903  1.00 22.46 ? 186 LEU A CB  1 
ATOM   139  C CG  . LEU A 1 24  ? 4.095   -2.353  -6.601  1.00 22.77 ? 186 LEU A CG  1 
ATOM   140  C CD1 . LEU A 1 24  ? 3.738   -1.229  -5.581  1.00 17.86 ? 186 LEU A CD1 1 
ATOM   141  C CD2 . LEU A 1 24  ? 2.871   -3.281  -6.866  1.00 22.25 ? 186 LEU A CD2 1 
ATOM   142  N N   . ARG A 1 25  ? 6.757   -0.515  -9.983  1.00 27.12 ? 187 ARG A N   1 
ATOM   143  C CA  . ARG A 1 25  ? 7.823   -0.443  -11.036 1.00 30.50 ? 187 ARG A CA  1 
ATOM   144  C C   . ARG A 1 25  ? 9.164   0.212   -10.605 1.00 31.40 ? 187 ARG A C   1 
ATOM   145  O O   . ARG A 1 25  ? 10.250  -0.310  -10.885 1.00 34.44 ? 187 ARG A O   1 
ATOM   146  C CB  . ARG A 1 25  ? 7.262   0.211   -12.309 1.00 29.62 ? 187 ARG A CB  1 
ATOM   147  C CG  . ARG A 1 25  ? 6.218   -0.592  -13.003 1.00 35.01 ? 187 ARG A CG  1 
ATOM   148  C CD  . ARG A 1 25  ? 5.976   -0.061  -14.440 1.00 41.48 ? 187 ARG A CD  1 
ATOM   149  N NE  . ARG A 1 25  ? 4.870   0.915   -14.522 1.00 45.10 ? 187 ARG A NE  1 
ATOM   150  C CZ  . ARG A 1 25  ? 4.981   2.260   -14.496 1.00 47.58 ? 187 ARG A CZ  1 
ATOM   151  N NH1 . ARG A 1 25  ? 6.175   2.880   -14.366 1.00 47.24 ? 187 ARG A NH1 1 
ATOM   152  N NH2 . ARG A 1 25  ? 3.868   3.001   -14.594 1.00 45.80 ? 187 ARG A NH2 1 
ATOM   153  N N   . GLU A 1 26  ? 9.120   1.318   -9.901  1.00 32.27 ? 188 GLU A N   1 
ATOM   154  C CA  . GLU A 1 26  ? 10.317  2.013   -9.475  1.00 34.36 ? 188 GLU A CA  1 
ATOM   155  C C   . GLU A 1 26  ? 11.184  1.235   -8.417  1.00 35.98 ? 188 GLU A C   1 
ATOM   156  O O   . GLU A 1 26  ? 12.400  0.990   -8.603  1.00 33.86 ? 188 GLU A O   1 
ATOM   157  C CB  . GLU A 1 26  ? 9.820   3.309   -8.927  1.00 34.95 ? 188 GLU A CB  1 
ATOM   158  C CG  . GLU A 1 26  ? 10.806  4.280   -8.444  1.00 41.62 ? 188 GLU A CG  1 
ATOM   159  C CD  . GLU A 1 26  ? 10.102  5.584   -8.106  1.00 49.12 ? 188 GLU A CD  1 
ATOM   160  O OE1 . GLU A 1 26  ? 9.221   6.004   -8.906  1.00 53.45 ? 188 GLU A OE1 1 
ATOM   161  O OE2 . GLU A 1 26  ? 10.403  6.182   -7.056  1.00 49.91 ? 188 GLU A OE2 1 
ATOM   162  N N   . GLN A 1 27  ? 10.507  0.848   -7.327  1.00 36.52 ? 189 GLN A N   1 
ATOM   163  C CA  . GLN A 1 27  ? 10.991  -0.083  -6.286  1.00 36.67 ? 189 GLN A CA  1 
ATOM   164  C C   . GLN A 1 27  ? 11.594  -1.362  -6.865  1.00 37.84 ? 189 GLN A C   1 
ATOM   165  O O   . GLN A 1 27  ? 12.710  -1.765  -6.482  1.00 38.33 ? 189 GLN A O   1 
ATOM   166  C CB  . GLN A 1 27  ? 9.858   -0.420  -5.331  1.00 34.61 ? 189 GLN A CB  1 
ATOM   167  C CG  . GLN A 1 27  ? 9.577   0.778   -4.476  1.00 34.24 ? 189 GLN A CG  1 
ATOM   168  C CD  . GLN A 1 27  ? 10.622  0.996   -3.315  1.00 34.66 ? 189 GLN A CD  1 
ATOM   169  O OE1 . GLN A 1 27  ? 11.300  2.044   -3.247  1.00 30.74 ? 189 GLN A OE1 1 
ATOM   170  N NE2 . GLN A 1 27  ? 10.703  0.019   -2.390  1.00 29.75 ? 189 GLN A NE2 1 
ATOM   171  N N   . ALA A 1 28  ? 10.878  -1.954  -7.810  1.00 38.26 ? 190 ALA A N   1 
ATOM   172  C CA  . ALA A 1 28  ? 11.297  -3.189  -8.455  1.00 40.68 ? 190 ALA A CA  1 
ATOM   173  C C   . ALA A 1 28  ? 12.482  -3.053  -9.399  1.00 41.70 ? 190 ALA A C   1 
ATOM   174  O O   . ALA A 1 28  ? 13.523  -3.656  -9.187  1.00 43.27 ? 190 ALA A O   1 
ATOM   175  C CB  . ALA A 1 28  ? 10.147  -3.774  -9.201  1.00 40.19 ? 190 ALA A CB  1 
ATOM   176  N N   . THR A 1 29  ? 12.307  -2.317  -10.483 1.00 42.87 ? 191 THR A N   1 
ATOM   177  C CA  . THR A 1 29  ? 13.281  -2.335  -11.572 1.00 43.21 ? 191 THR A CA  1 
ATOM   178  C C   . THR A 1 29  ? 14.092  -1.048  -11.574 1.00 43.85 ? 191 THR A C   1 
ATOM   179  O O   . THR A 1 29  ? 15.058  -0.909  -12.319 1.00 44.88 ? 191 THR A O   1 
ATOM   180  C CB  . THR A 1 29  ? 12.563  -2.511  -12.901 1.00 43.32 ? 191 THR A CB  1 
ATOM   181  O OG1 . THR A 1 29  ? 11.911  -1.277  -13.235 1.00 45.13 ? 191 THR A OG1 1 
ATOM   182  C CG2 . THR A 1 29  ? 11.495  -3.588  -12.775 1.00 41.19 ? 191 THR A CG2 1 
ATOM   183  N N   . GLY A 1 44  ? 0.118   14.209  -7.475  1.00 41.14 ? 206 GLY A N   1 
ATOM   184  C CA  . GLY A 1 44  ? 0.648   12.892  -7.806  1.00 39.70 ? 206 GLY A CA  1 
ATOM   185  C C   . GLY A 1 44  ? 2.115   12.732  -7.395  1.00 39.12 ? 206 GLY A C   1 
ATOM   186  O O   . GLY A 1 44  ? 2.496   11.759  -6.760  1.00 37.36 ? 206 GLY A O   1 
ATOM   187  N N   . ARG A 1 45  ? 2.932   13.698  -7.808  1.00 38.09 ? 207 ARG A N   1 
ATOM   188  C CA  . ARG A 1 45  ? 4.341   13.737  -7.503  1.00 37.62 ? 207 ARG A CA  1 
ATOM   189  C C   . ARG A 1 45  ? 4.505   13.778  -6.008  1.00 35.84 ? 207 ARG A C   1 
ATOM   190  O O   . ARG A 1 45  ? 5.358   13.082  -5.441  1.00 35.23 ? 207 ARG A O   1 
ATOM   191  C CB  . ARG A 1 45  ? 4.982   14.988  -8.143  1.00 39.08 ? 207 ARG A CB  1 
ATOM   192  C CG  . ARG A 1 45  ? 6.508   14.944  -8.267  1.00 43.49 ? 207 ARG A CG  1 
ATOM   193  C CD  . ARG A 1 45  ? 6.980   15.371  -9.693  1.00 53.88 ? 207 ARG A CD  1 
ATOM   194  N NE  . ARG A 1 45  ? 6.570   14.414  -10.744 1.00 58.70 ? 207 ARG A NE  1 
ATOM   195  C CZ  . ARG A 1 45  ? 5.775   14.697  -11.786 1.00 61.85 ? 207 ARG A CZ  1 
ATOM   196  N NH1 . ARG A 1 45  ? 5.296   15.932  -11.960 1.00 63.30 ? 207 ARG A NH1 1 
ATOM   197  N NH2 . ARG A 1 45  ? 5.465   13.747  -12.673 1.00 61.68 ? 207 ARG A NH2 1 
ATOM   198  N N   . ARG A 1 46  ? 3.706   14.607  -5.356  1.00 33.09 ? 208 ARG A N   1 
ATOM   199  C CA  . ARG A 1 46  ? 3.759   14.690  -3.911  1.00 31.58 ? 208 ARG A CA  1 
ATOM   200  C C   . ARG A 1 46  ? 3.264   13.409  -3.157  1.00 28.82 ? 208 ARG A C   1 
ATOM   201  O O   . ARG A 1 46  ? 3.825   13.044  -2.082  1.00 27.14 ? 208 ARG A O   1 
ATOM   202  C CB  . ARG A 1 46  ? 3.056   15.962  -3.403  1.00 32.41 ? 208 ARG A CB  1 
ATOM   203  C CG  . ARG A 1 46  ? 4.093   17.028  -2.985  1.00 38.22 ? 208 ARG A CG  1 
ATOM   204  C CD  . ARG A 1 46  ? 3.433   18.370  -2.721  1.00 46.20 ? 208 ARG A CD  1 
ATOM   205  N NE  . ARG A 1 46  ? 2.949   18.539  -1.347  1.00 48.38 ? 208 ARG A NE  1 
ATOM   206  C CZ  . ARG A 1 46  ? 1.662   18.484  -0.985  1.00 51.27 ? 208 ARG A CZ  1 
ATOM   207  N NH1 . ARG A 1 46  ? 0.703   18.211  -1.880  1.00 48.76 ? 208 ARG A NH1 1 
ATOM   208  N NH2 . ARG A 1 46  ? 1.333   18.684  0.294   1.00 52.15 ? 208 ARG A NH2 1 
ATOM   209  N N   . ALA A 1 47  ? 2.239   12.741  -3.696  1.00 26.02 ? 209 ALA A N   1 
ATOM   210  C CA  . ALA A 1 47  ? 1.773   11.503  -3.092  1.00 24.36 ? 209 ALA A CA  1 
ATOM   211  C C   . ALA A 1 47  ? 2.866   10.424  -3.295  1.00 22.83 ? 209 ALA A C   1 
ATOM   212  O O   . ALA A 1 47  ? 3.114   9.621   -2.416  1.00 21.02 ? 209 ALA A O   1 
ATOM   213  C CB  . ALA A 1 47  ? 0.445   11.055  -3.738  1.00 25.51 ? 209 ALA A CB  1 
ATOM   214  N N   . LEU A 1 48  ? 3.460   10.357  -4.493  1.00 21.37 ? 210 LEU A N   1 
ATOM   215  C CA  . LEU A 1 48  ? 4.617   9.459   -4.697  1.00 20.23 ? 210 LEU A CA  1 
ATOM   216  C C   . LEU A 1 48  ? 5.750   9.710   -3.728  1.00 19.13 ? 210 LEU A C   1 
ATOM   217  O O   . LEU A 1 48  ? 6.311   8.755   -3.218  1.00 18.71 ? 210 LEU A O   1 
ATOM   218  C CB  . LEU A 1 48  ? 5.141   9.503   -6.142  1.00 21.08 ? 210 LEU A CB  1 
ATOM   219  C CG  . LEU A 1 48  ? 4.506   8.385   -6.951  1.00 25.57 ? 210 LEU A CG  1 
ATOM   220  C CD1 . LEU A 1 48  ? 4.687   8.739   -8.404  1.00 30.43 ? 210 LEU A CD1 1 
ATOM   221  C CD2 . LEU A 1 48  ? 5.163   6.991   -6.629  1.00 28.31 ? 210 LEU A CD2 1 
ATOM   222  N N   . GLU A 1 49  ? 6.119   10.960  -3.462  1.00 18.02 ? 211 GLU A N   1 
ATOM   223  C CA  . GLU A 1 49  ? 7.267   11.192  -2.588  1.00 17.96 ? 211 GLU A CA  1 
ATOM   224  C C   . GLU A 1 49  ? 6.914   10.705  -1.162  1.00 18.90 ? 211 GLU A C   1 
ATOM   225  O O   . GLU A 1 49  ? 7.743   10.061  -0.520  1.00 18.14 ? 211 GLU A O   1 
ATOM   226  C CB  . GLU A 1 49  ? 7.682   12.670  -2.514  1.00 19.38 ? 211 GLU A CB  1 
ATOM   227  C CG  . GLU A 1 49  ? 8.808   12.815  -1.500  1.00 19.40 ? 211 GLU A CG  1 
ATOM   228  C CD  . GLU A 1 49  ? 9.374   14.238  -1.313  1.00 24.35 ? 211 GLU A CD  1 
ATOM   229  O OE1 . GLU A 1 49  ? 8.952   15.156  -2.048  1.00 22.83 ? 211 GLU A OE1 1 
ATOM   230  O OE2 . GLU A 1 49  ? 10.252  14.426  -0.399  1.00 24.27 ? 211 GLU A OE2 1 
ATOM   231  N N   . THR A 1 50  ? 5.686   11.007  -0.702  1.00 16.77 ? 212 THR A N   1 
ATOM   232  C CA  . THR A 1 50  ? 5.144   10.484  0.584   1.00 15.40 ? 212 THR A CA  1 
ATOM   233  C C   . THR A 1 50  ? 5.136   8.941   0.644   1.00 14.41 ? 212 THR A C   1 
ATOM   234  O O   . THR A 1 50  ? 5.625   8.356   1.595   1.00 15.16 ? 212 THR A O   1 
ATOM   235  C CB  . THR A 1 50  ? 3.718   11.018  0.815   1.00 14.81 ? 212 THR A CB  1 
ATOM   236  O OG1 . THR A 1 50  ? 3.789   12.456  0.916   1.00 14.83 ? 212 THR A OG1 1 
ATOM   237  C CG2 . THR A 1 50  ? 3.187   10.465  2.142   1.00 12.18 ? 212 THR A CG2 1 
ATOM   238  N N   . LEU A 1 51  ? 4.632   8.297   -0.420  1.00 14.33 ? 213 LEU A N   1 
ATOM   239  C CA  . LEU A 1 51  ? 4.565   6.844   -0.471  1.00 15.61 ? 213 LEU A CA  1 
ATOM   240  C C   . LEU A 1 51  ? 5.942   6.202   -0.400  1.00 16.31 ? 213 LEU A C   1 
ATOM   241  O O   . LEU A 1 51  ? 6.168   5.225   0.368   1.00 14.81 ? 213 LEU A O   1 
ATOM   242  C CB  . LEU A 1 51  ? 3.838   6.382   -1.746  1.00 14.70 ? 213 LEU A CB  1 
ATOM   243  C CG  . LEU A 1 51  ? 3.778   4.850   -2.005  1.00 14.62 ? 213 LEU A CG  1 
ATOM   244  C CD1 . LEU A 1 51  ? 3.139   4.028   -0.790  1.00 12.99 ? 213 LEU A CD1 1 
ATOM   245  C CD2 . LEU A 1 51  ? 2.921   4.725   -3.277  1.00 11.98 ? 213 LEU A CD2 1 
ATOM   246  N N   . ARG A 1 52  ? 6.878   6.715   -1.213  1.00 16.96 ? 214 ARG A N   1 
ATOM   247  C CA  . ARG A 1 52  ? 8.231   6.107   -1.192  1.00 18.82 ? 214 ARG A CA  1 
ATOM   248  C C   . ARG A 1 52  ? 8.874   6.236   0.181   1.00 18.97 ? 214 ARG A C   1 
ATOM   249  O O   . ARG A 1 52  ? 9.549   5.314   0.628   1.00 18.68 ? 214 ARG A O   1 
ATOM   250  C CB  . ARG A 1 52  ? 9.202   6.768   -2.218  1.00 20.51 ? 214 ARG A CB  1 
ATOM   251  C CG  . ARG A 1 52  ? 8.815   6.561   -3.680  1.00 26.82 ? 214 ARG A CG  1 
ATOM   252  C CD  . ARG A 1 52  ? 9.991   6.950   -4.689  1.00 32.11 ? 214 ARG A CD  1 
ATOM   253  N NE  . ARG A 1 52  ? 9.950   8.364   -4.987  1.00 37.60 ? 214 ARG A NE  1 
ATOM   254  C CZ  . ARG A 1 52  ? 9.440   8.932   -6.087  1.00 35.21 ? 214 ARG A CZ  1 
ATOM   255  N NH1 . ARG A 1 52  ? 8.978   8.233   -7.109  1.00 35.75 ? 214 ARG A NH1 1 
ATOM   256  N NH2 . ARG A 1 52  ? 9.427   10.236  -6.166  1.00 36.91 ? 214 ARG A NH2 1 
ATOM   257  N N   . ARG A 1 53  ? 8.784   7.421   0.780   1.00 18.25 ? 215 ARG A N   1 
ATOM   258  C CA  . ARG A 1 53  ? 9.335   7.646   2.134   1.00 19.66 ? 215 ARG A CA  1 
ATOM   259  C C   . ARG A 1 53  ? 8.671   6.744   3.208   1.00 17.55 ? 215 ARG A C   1 
ATOM   260  O O   . ARG A 1 53  ? 9.356   6.035   3.942   1.00 17.64 ? 215 ARG A O   1 
ATOM   261  C CB  . ARG A 1 53  ? 9.241   9.130   2.557   1.00 19.65 ? 215 ARG A CB  1 
ATOM   262  C CG  . ARG A 1 53  ? 9.479   9.360   4.060   1.00 20.21 ? 215 ARG A CG  1 
ATOM   263  C CD  . ARG A 1 53  ? 9.433   10.821  4.413   1.00 21.23 ? 215 ARG A CD  1 
ATOM   264  N NE  . ARG A 1 53  ? 8.143   11.474  4.080   1.00 22.23 ? 215 ARG A NE  1 
ATOM   265  C CZ  . ARG A 1 53  ? 7.062   11.545  4.874   1.00 26.39 ? 215 ARG A CZ  1 
ATOM   266  N NH1 . ARG A 1 53  ? 7.072   11.010  6.080   1.00 20.73 ? 215 ARG A NH1 1 
ATOM   267  N NH2 . ARG A 1 53  ? 5.976   12.206  4.459   1.00 23.32 ? 215 ARG A NH2 1 
ATOM   268  N N   . VAL A 1 54  ? 7.345   6.757   3.292   1.00 17.10 ? 216 VAL A N   1 
ATOM   269  C CA  . VAL A 1 54  ? 6.681   6.009   4.381   1.00 16.14 ? 216 VAL A CA  1 
ATOM   270  C C   . VAL A 1 54  ? 6.850   4.531   4.041   1.00 16.08 ? 216 VAL A C   1 
ATOM   271  O O   . VAL A 1 54  ? 7.066   3.745   4.910   1.00 16.71 ? 216 VAL A O   1 
ATOM   272  C CB  . VAL A 1 54  ? 5.195   6.424   4.529   1.00 16.91 ? 216 VAL A CB  1 
ATOM   273  C CG1 . VAL A 1 54  ? 4.382   5.485   5.525   1.00 17.78 ? 216 VAL A CG1 1 
ATOM   274  C CG2 . VAL A 1 54  ? 5.130   7.877   4.966   1.00 15.48 ? 216 VAL A CG2 1 
ATOM   275  N N   . GLY A 1 55  ? 6.729   4.154   2.772   1.00 13.75 ? 217 GLY A N   1 
ATOM   276  C CA  . GLY A 1 55  ? 6.869   2.742   2.379   1.00 14.55 ? 217 GLY A CA  1 
ATOM   277  C C   . GLY A 1 55  ? 8.256   2.162   2.653   1.00 15.06 ? 217 GLY A C   1 
ATOM   278  O O   . GLY A 1 55  ? 8.383   1.001   2.918   1.00 13.83 ? 217 GLY A O   1 
ATOM   279  N N   . ASP A 1 56  ? 9.301   2.977   2.538   1.00 16.81 ? 218 ASP A N   1 
ATOM   280  C CA  . ASP A 1 56  ? 10.646  2.533   2.868   1.00 17.64 ? 218 ASP A CA  1 
ATOM   281  C C   . ASP A 1 56  ? 10.766  2.213   4.375   1.00 17.92 ? 218 ASP A C   1 
ATOM   282  O O   . ASP A 1 56  ? 11.283  1.137   4.739   1.00 19.13 ? 218 ASP A O   1 
ATOM   283  C CB  . ASP A 1 56  ? 11.671  3.585   2.460   1.00 16.97 ? 218 ASP A CB  1 
ATOM   284  C CG  . ASP A 1 56  ? 13.091  3.150   2.779   1.00 21.19 ? 218 ASP A CG  1 
ATOM   285  O OD1 . ASP A 1 56  ? 13.560  2.205   2.136   1.00 21.20 ? 218 ASP A OD1 1 
ATOM   286  O OD2 . ASP A 1 56  ? 13.689  3.751   3.678   1.00 26.02 ? 218 ASP A OD2 1 
ATOM   287  N N   . GLY A 1 57  ? 10.277  3.106   5.230   1.00 19.26 ? 219 GLY A N   1 
ATOM   288  C CA  . GLY A 1 57  ? 10.213  2.803   6.715   1.00 19.47 ? 219 GLY A CA  1 
ATOM   289  C C   . GLY A 1 57  ? 9.528   1.470   7.005   1.00 19.54 ? 219 GLY A C   1 
ATOM   290  O O   . GLY A 1 57  ? 10.014  0.693   7.799   1.00 18.56 ? 219 GLY A O   1 
ATOM   291  N N   . VAL A 1 58  ? 8.345   1.250   6.387   1.00 17.77 ? 220 VAL A N   1 
ATOM   292  C CA  . VAL A 1 58  ? 7.541   0.057   6.639   1.00 16.91 ? 220 VAL A CA  1 
ATOM   293  C C   . VAL A 1 58  ? 8.326   -1.206  6.197   1.00 17.43 ? 220 VAL A C   1 
ATOM   294  O O   . VAL A 1 58  ? 8.492   -2.159  6.953   1.00 16.01 ? 220 VAL A O   1 
ATOM   295  C CB  . VAL A 1 58  ? 6.171   0.104   5.860   1.00 17.00 ? 220 VAL A CB  1 
ATOM   296  C CG1 . VAL A 1 58  ? 5.371   -1.204  6.135   1.00 18.38 ? 220 VAL A CG1 1 
ATOM   297  C CG2 . VAL A 1 58  ? 5.324   1.389   6.264   1.00 16.26 ? 220 VAL A CG2 1 
ATOM   298  N N   . GLN A 1 59  ? 8.865   -1.200  4.981   1.00 18.14 ? 221 GLN A N   1 
ATOM   299  C CA  . GLN A 1 59  ? 9.597   -2.356  4.521   1.00 19.85 ? 221 GLN A CA  1 
ATOM   300  C C   . GLN A 1 59  ? 10.865  -2.639  5.352   1.00 21.58 ? 221 GLN A C   1 
ATOM   301  O O   . GLN A 1 59  ? 11.255  -3.749  5.527   1.00 21.98 ? 221 GLN A O   1 
ATOM   302  C CB  . GLN A 1 59  ? 9.984   -2.158  3.069   1.00 20.95 ? 221 GLN A CB  1 
ATOM   303  C CG  . GLN A 1 59  ? 8.824   -2.134  2.120   1.00 22.20 ? 221 GLN A CG  1 
ATOM   304  C CD  . GLN A 1 59  ? 9.305   -1.949  0.666   1.00 27.91 ? 221 GLN A CD  1 
ATOM   305  O OE1 . GLN A 1 59  ? 9.990   -2.805  0.141   1.00 28.43 ? 221 GLN A OE1 1 
ATOM   306  N NE2 . GLN A 1 59  ? 8.971   -0.819  0.048   1.00 28.43 ? 221 GLN A NE2 1 
ATOM   307  N N   . ARG A 1 60  ? 11.512  -1.595  5.822   1.00 22.77 ? 222 ARG A N   1 
ATOM   308  C CA  . ARG A 1 60  ? 12.807  -1.706  6.469   1.00 25.45 ? 222 ARG A CA  1 
ATOM   309  C C   . ARG A 1 60  ? 12.562  -2.280  7.900   1.00 24.58 ? 222 ARG A C   1 
ATOM   310  O O   . ARG A 1 60  ? 13.245  -3.188  8.360   1.00 25.95 ? 222 ARG A O   1 
ATOM   311  C CB  . ARG A 1 60  ? 13.336  -0.296  6.442   1.00 24.65 ? 222 ARG A CB  1 
ATOM   312  C CG  . ARG A 1 60  ? 14.495  0.086   7.267   1.00 35.09 ? 222 ARG A CG  1 
ATOM   313  C CD  . ARG A 1 60  ? 14.822  1.553   6.898   1.00 42.25 ? 222 ARG A CD  1 
ATOM   314  N NE  . ARG A 1 60  ? 16.260  1.814   7.022   1.00 52.61 ? 222 ARG A NE  1 
ATOM   315  C CZ  . ARG A 1 60  ? 17.187  1.420   6.138   1.00 55.31 ? 222 ARG A CZ  1 
ATOM   316  N NH1 . ARG A 1 60  ? 16.849  0.740   5.040   1.00 57.00 ? 222 ARG A NH1 1 
ATOM   317  N NH2 . ARG A 1 60  ? 18.465  1.711   6.351   1.00 58.34 ? 222 ARG A NH2 1 
ATOM   318  N N   . ASN A 1 61  ? 11.511  -1.799  8.515   1.00 24.89 ? 223 ASN A N   1 
ATOM   319  C CA  . ASN A 1 61  ? 11.148  -2.163  9.847   1.00 25.05 ? 223 ASN A CA  1 
ATOM   320  C C   . ASN A 1 61  ? 10.363  -3.464  9.935   1.00 23.03 ? 223 ASN A C   1 
ATOM   321  O O   . ASN A 1 61  ? 10.289  -4.028  11.046  1.00 22.81 ? 223 ASN A O   1 
ATOM   322  C CB  . ASN A 1 61  ? 10.384  -1.009  10.512  1.00 25.35 ? 223 ASN A CB  1 
ATOM   323  C CG  . ASN A 1 61  ? 11.274  0.231   10.708  1.00 30.52 ? 223 ASN A CG  1 
ATOM   324  O OD1 . ASN A 1 61  ? 10.988  1.312   10.227  1.00 37.92 ? 223 ASN A OD1 1 
ATOM   325  N ND2 . ASN A 1 61  ? 12.371  0.045   11.348  1.00 33.31 ? 223 ASN A ND2 1 
ATOM   326  N N   . HIS A 1 62  ? 9.773   -3.936  8.835   1.00 21.14 ? 224 HIS A N   1 
ATOM   327  C CA  . HIS A 1 62  ? 9.019   -5.210  8.889   1.00 21.60 ? 224 HIS A CA  1 
ATOM   328  C C   . HIS A 1 62  ? 9.441   -6.257  7.885   1.00 22.51 ? 224 HIS A C   1 
ATOM   329  O O   . HIS A 1 62  ? 8.659   -7.102  7.457   1.00 23.01 ? 224 HIS A O   1 
ATOM   330  C CB  . HIS A 1 62  ? 7.517   -4.945  8.857   1.00 20.67 ? 224 HIS A CB  1 
ATOM   331  C CG  . HIS A 1 62  ? 7.086   -3.938  9.873   1.00 19.20 ? 224 HIS A CG  1 
ATOM   332  N ND1 . HIS A 1 62  ? 6.680   -4.296  11.134  1.00 17.79 ? 224 HIS A ND1 1 
ATOM   333  C CD2 . HIS A 1 62  ? 6.999   -2.586  9.817   1.00 18.35 ? 224 HIS A CD2 1 
ATOM   334  C CE1 . HIS A 1 62  ? 6.367   -3.212  11.828  1.00 19.50 ? 224 HIS A CE1 1 
ATOM   335  N NE2 . HIS A 1 62  ? 6.541   -2.158  11.048  1.00 17.07 ? 224 HIS A NE2 1 
ATOM   336  N N   . GLU A 1 63  ? 10.744  -6.247  7.558   1.00 24.71 ? 225 GLU A N   1 
ATOM   337  C CA  . GLU A 1 63  ? 11.303  -7.081  6.512   1.00 26.04 ? 225 GLU A CA  1 
ATOM   338  C C   . GLU A 1 63  ? 11.094  -8.548  6.757   1.00 25.50 ? 225 GLU A C   1 
ATOM   339  O O   . GLU A 1 63  ? 10.688  -9.289  5.858   1.00 25.55 ? 225 GLU A O   1 
ATOM   340  C CB  . GLU A 1 63  ? 12.780  -6.747  6.424   1.00 28.08 ? 225 GLU A CB  1 
ATOM   341  C CG  . GLU A 1 63  ? 13.424  -7.144  5.123   1.00 35.75 ? 225 GLU A CG  1 
ATOM   342  C CD  . GLU A 1 63  ? 14.900  -6.797  5.213   1.00 44.99 ? 225 GLU A CD  1 
ATOM   343  O OE1 . GLU A 1 63  ? 15.609  -7.506  5.989   1.00 48.12 ? 225 GLU A OE1 1 
ATOM   344  O OE2 . GLU A 1 63  ? 15.327  -5.782  4.588   1.00 48.42 ? 225 GLU A OE2 1 
ATOM   345  N N   . THR A 1 64  ? 11.348  -8.996  7.993   1.00 26.14 ? 226 THR A N   1 
ATOM   346  C CA  . THR A 1 64  ? 11.119  -10.386 8.381   1.00 25.26 ? 226 THR A CA  1 
ATOM   347  C C   . THR A 1 64  ? 9.645   -10.773 8.324   1.00 24.84 ? 226 THR A C   1 
ATOM   348  O O   . THR A 1 64  ? 9.328   -11.864 7.850   1.00 25.35 ? 226 THR A O   1 
ATOM   349  C CB  . THR A 1 64  ? 11.759  -10.709 9.811   1.00 26.02 ? 226 THR A CB  1 
ATOM   350  O OG1 . THR A 1 64  ? 13.099  -10.220 9.829   1.00 26.97 ? 226 THR A OG1 1 
ATOM   351  C CG2 . THR A 1 64  ? 11.792  -12.191 10.126  1.00 27.96 ? 226 THR A CG2 1 
ATOM   352  N N   . ALA A 1 65  ? 8.732   -9.909  8.791   1.00 23.31 ? 227 ALA A N   1 
ATOM   353  C CA  . ALA A 1 65  ? 7.301   -10.246 8.645   1.00 24.01 ? 227 ALA A CA  1 
ATOM   354  C C   . ALA A 1 65  ? 6.953   -10.363 7.171   1.00 22.85 ? 227 ALA A C   1 
ATOM   355  O O   . ALA A 1 65  ? 6.195   -11.235 6.809   1.00 23.86 ? 227 ALA A O   1 
ATOM   356  C CB  . ALA A 1 65  ? 6.344   -9.213  9.330   1.00 22.79 ? 227 ALA A CB  1 
ATOM   357  N N   . PHE A 1 66  ? 7.462   -9.436  6.358   1.00 22.76 ? 228 PHE A N   1 
ATOM   358  C CA  . PHE A 1 66  ? 7.150   -9.353  4.921   1.00 22.97 ? 228 PHE A CA  1 
ATOM   359  C C   . PHE A 1 66  ? 7.740   -10.591 4.207   1.00 24.34 ? 228 PHE A C   1 
ATOM   360  O O   . PHE A 1 66  ? 7.052   -11.205 3.393   1.00 25.06 ? 228 PHE A O   1 
ATOM   361  C CB  . PHE A 1 66  ? 7.708   -8.069  4.334   1.00 21.70 ? 228 PHE A CB  1 
ATOM   362  C CG  . PHE A 1 66  ? 6.796   -6.839  4.477   1.00 20.76 ? 228 PHE A CG  1 
ATOM   363  C CD1 . PHE A 1 66  ? 5.723   -6.791  5.396   1.00 18.77 ? 228 PHE A CD1 1 
ATOM   364  C CD2 . PHE A 1 66  ? 7.058   -5.695  3.695   1.00 19.83 ? 228 PHE A CD2 1 
ATOM   365  C CE1 . PHE A 1 66  ? 4.904   -5.600  5.506   1.00 18.42 ? 228 PHE A CE1 1 
ATOM   366  C CE2 . PHE A 1 66  ? 6.237   -4.548  3.773   1.00 17.47 ? 228 PHE A CE2 1 
ATOM   367  C CZ  . PHE A 1 66  ? 5.177   -4.506  4.686   1.00 17.57 ? 228 PHE A CZ  1 
ATOM   368  N N   . GLN A 1 67  ? 8.957   -11.002 4.590   1.00 26.80 ? 229 GLN A N   1 
ATOM   369  C CA  . GLN A 1 67  ? 9.562   -12.267 4.074   1.00 29.07 ? 229 GLN A CA  1 
ATOM   370  C C   . GLN A 1 67  ? 8.648   -13.457 4.401   1.00 29.72 ? 229 GLN A C   1 
ATOM   371  O O   . GLN A 1 67  ? 8.231   -14.213 3.511   1.00 31.33 ? 229 GLN A O   1 
ATOM   372  C CB  . GLN A 1 67  ? 10.992  -12.490 4.595   1.00 28.95 ? 229 GLN A CB  1 
ATOM   373  C CG  . GLN A 1 67  ? 11.903  -11.239 4.389   1.00 35.64 ? 229 GLN A CG  1 
ATOM   374  C CD  . GLN A 1 67  ? 13.410  -11.439 4.531   1.00 42.52 ? 229 GLN A CD  1 
ATOM   375  O OE1 . GLN A 1 67  ? 13.946  -11.616 5.646   1.00 47.01 ? 229 GLN A OE1 1 
ATOM   376  N NE2 . GLN A 1 67  ? 14.114  -11.338 3.400   1.00 46.81 ? 229 GLN A NE2 1 
ATOM   377  N N   . GLY A 1 68  ? 8.279   -13.574 5.664   1.00 30.56 ? 230 GLY A N   1 
ATOM   378  C CA  . GLY A 1 68  ? 7.373   -14.616 6.108   1.00 30.54 ? 230 GLY A CA  1 
ATOM   379  C C   . GLY A 1 68  ? 6.113   -14.609 5.296   1.00 32.57 ? 230 GLY A C   1 
ATOM   380  O O   . GLY A 1 68  ? 5.650   -15.667 4.864   1.00 31.73 ? 230 GLY A O   1 
ATOM   381  N N   . MET A 1 69  ? 5.514   -13.426 5.098   1.00 32.59 ? 231 MET A N   1 
ATOM   382  C CA  . MET A 1 69  ? 4.233   -13.345 4.350   1.00 34.78 ? 231 MET A CA  1 
ATOM   383  C C   . MET A 1 69  ? 4.355   -13.686 2.838   1.00 35.95 ? 231 MET A C   1 
ATOM   384  O O   . MET A 1 69  ? 3.464   -14.297 2.251   1.00 35.25 ? 231 MET A O   1 
ATOM   385  C CB  . MET A 1 69  ? 3.592   -11.936 4.496   1.00 34.66 ? 231 MET A CB  1 
ATOM   386  C CG  . MET A 1 69  ? 2.959   -11.704 5.864   1.00 36.00 ? 231 MET A CG  1 
ATOM   387  S SD  . MET A 1 69  ? 2.467   -10.040 6.325   1.00 40.70 ? 231 MET A SD  1 
ATOM   388  C CE  . MET A 1 69  ? 3.606   -9.005  5.485   1.00 42.07 ? 231 MET A CE  1 
ATOM   389  N N   . LEU A 1 70  ? 5.431   -13.212 2.234   1.00 38.37 ? 232 LEU A N   1 
ATOM   390  C CA  . LEU A 1 70  ? 5.711   -13.440 0.842   1.00 42.02 ? 232 LEU A CA  1 
ATOM   391  C C   . LEU A 1 70  ? 5.716   -14.953 0.599   1.00 44.91 ? 232 LEU A C   1 
ATOM   392  O O   . LEU A 1 70  ? 4.981   -15.428 -0.253  1.00 46.00 ? 232 LEU A O   1 
ATOM   393  C CB  . LEU A 1 70  ? 7.047   -12.798 0.498   1.00 41.34 ? 232 LEU A CB  1 
ATOM   394  C CG  . LEU A 1 70  ? 7.788   -13.065 -0.795  1.00 42.11 ? 232 LEU A CG  1 
ATOM   395  C CD1 . LEU A 1 70  ? 7.496   -11.968 -1.742  1.00 42.87 ? 232 LEU A CD1 1 
ATOM   396  C CD2 . LEU A 1 70  ? 9.273   -13.102 -0.481  1.00 43.95 ? 232 LEU A CD2 1 
ATOM   397  N N   . ARG A 1 71  ? 6.460   -15.726 1.380   1.00 48.23 ? 233 ARG A N   1 
ATOM   398  C CA  . ARG A 1 71  ? 6.315   -17.183 1.248   1.00 51.23 ? 233 ARG A CA  1 
ATOM   399  C C   . ARG A 1 71  ? 5.016   -17.740 1.853   1.00 52.66 ? 233 ARG A C   1 
ATOM   400  O O   . ARG A 1 71  ? 5.014   -18.242 2.969   1.00 54.24 ? 233 ARG A O   1 
ATOM   401  C CB  . ARG A 1 71  ? 7.553   -17.933 1.747   1.00 51.33 ? 233 ARG A CB  1 
ATOM   402  C CG  . ARG A 1 71  ? 8.100   -17.495 3.066   1.00 53.73 ? 233 ARG A CG  1 
ATOM   403  C CD  . ARG A 1 71  ? 9.339   -18.322 3.422   1.00 56.48 ? 233 ARG A CD  1 
ATOM   404  N NE  . ARG A 1 71  ? 9.313   -18.803 4.807   1.00 61.24 ? 233 ARG A NE  1 
ATOM   405  C CZ  . ARG A 1 71  ? 8.733   -19.943 5.199   1.00 64.56 ? 233 ARG A CZ  1 
ATOM   406  N NH1 . ARG A 1 71  ? 8.752   -20.311 6.479   1.00 65.27 ? 233 ARG A NH1 1 
ATOM   407  N NH2 . ARG A 1 71  ? 8.125   -20.722 4.314   1.00 65.42 ? 233 ARG A NH2 1 
ATOM   408  N N   . LYS A 1 72  ? 3.917   -17.661 1.102   1.00 53.91 ? 234 LYS A N   1 
ATOM   409  C CA  . LYS A 1 72  ? 2.605   -18.136 1.554   1.00 54.95 ? 234 LYS A CA  1 
ATOM   410  C C   . LYS A 1 72  ? 1.617   -18.148 0.386   1.00 55.83 ? 234 LYS A C   1 
ATOM   411  O O   . LYS A 1 72  ? 1.487   -17.148 -0.345  1.00 57.07 ? 234 LYS A O   1 
ATOM   412  C CB  . LYS A 1 72  ? 2.035   -17.245 2.674   1.00 55.22 ? 234 LYS A CB  1 
ATOM   413  C CG  . LYS A 1 72  ? 2.591   -17.464 4.081   1.00 55.44 ? 234 LYS A CG  1 
ATOM   414  C CD  . LYS A 1 72  ? 1.508   -17.881 5.048   1.00 56.32 ? 234 LYS A CD  1 
ATOM   415  C CE  . LYS A 1 72  ? 2.119   -18.357 6.356   1.00 57.19 ? 234 LYS A CE  1 
ATOM   416  N NZ  . LYS A 1 72  ? 2.578   -19.786 6.319   1.00 58.32 ? 234 LYS A NZ  1 
ATOM   417  N N   . LYS A 1 82  ? -4.262  -14.431 -7.353  1.00 60.38 ? 244 LYS A N   1 
ATOM   418  C CA  . LYS A 1 82  ? -4.398  -13.126 -6.699  1.00 59.67 ? 244 LYS A CA  1 
ATOM   419  C C   . LYS A 1 82  ? -5.192  -13.241 -5.381  1.00 59.37 ? 244 LYS A C   1 
ATOM   420  O O   . LYS A 1 82  ? -6.135  -12.482 -5.160  1.00 59.63 ? 244 LYS A O   1 
ATOM   421  C CB  . LYS A 1 82  ? -5.048  -12.110 -7.657  1.00 59.64 ? 244 LYS A CB  1 
ATOM   422  N N   . SER A 1 83  ? -4.816  -14.199 -4.520  1.00 58.48 ? 245 SER A N   1 
ATOM   423  C CA  . SER A 1 83  ? -5.446  -14.352 -3.189  1.00 57.08 ? 245 SER A CA  1 
ATOM   424  C C   . SER A 1 83  ? -4.723  -13.482 -2.150  1.00 56.09 ? 245 SER A C   1 
ATOM   425  O O   . SER A 1 83  ? -5.141  -13.411 -0.980  1.00 56.42 ? 245 SER A O   1 
ATOM   426  C CB  . SER A 1 83  ? -5.548  -15.815 -2.748  1.00 57.33 ? 245 SER A CB  1 
ATOM   427  O OG  . SER A 1 83  ? -6.815  -16.380 -3.084  1.00 57.08 ? 245 SER A OG  1 
ATOM   428  N N   . PHE A 1 84  ? -3.626  -12.863 -2.600  1.00 54.18 ? 246 PHE A N   1 
ATOM   429  C CA  . PHE A 1 84  ? -3.219  -11.511 -2.188  1.00 53.34 ? 246 PHE A CA  1 
ATOM   430  C C   . PHE A 1 84  ? -4.464  -10.589 -1.980  1.00 51.93 ? 246 PHE A C   1 
ATOM   431  O O   . PHE A 1 84  ? -4.475  -9.783  -1.030  1.00 51.17 ? 246 PHE A O   1 
ATOM   432  C CB  . PHE A 1 84  ? -2.277  -10.923 -3.257  1.00 53.51 ? 246 PHE A CB  1 
ATOM   433  C CG  . PHE A 1 84  ? -1.480  -9.696  -2.816  1.00 55.33 ? 246 PHE A CG  1 
ATOM   434  C CD1 . PHE A 1 84  ? -0.101  -9.795  -2.560  1.00 56.08 ? 246 PHE A CD1 1 
ATOM   435  C CD2 . PHE A 1 84  ? -2.087  -8.432  -2.709  1.00 55.94 ? 246 PHE A CD2 1 
ATOM   436  C CE1 . PHE A 1 84  ? 0.655   -8.656  -2.166  1.00 55.97 ? 246 PHE A CE1 1 
ATOM   437  C CE2 . PHE A 1 84  ? -1.350  -7.292  -2.304  1.00 55.71 ? 246 PHE A CE2 1 
ATOM   438  C CZ  . PHE A 1 84  ? 0.025   -7.399  -2.035  1.00 56.00 ? 246 PHE A CZ  1 
ATOM   439  N N   . SER A 1 85  ? -5.497  -10.735 -2.845  1.00 49.84 ? 247 SER A N   1 
ATOM   440  C CA  . SER A 1 85  ? -6.743  -9.937  -2.796  1.00 48.37 ? 247 SER A CA  1 
ATOM   441  C C   . SER A 1 85  ? -7.563  -10.233 -1.556  1.00 46.31 ? 247 SER A C   1 
ATOM   442  O O   . SER A 1 85  ? -8.045  -9.311  -0.898  1.00 45.73 ? 247 SER A O   1 
ATOM   443  C CB  . SER A 1 85  ? -7.656  -10.170 -4.019  1.00 48.37 ? 247 SER A CB  1 
ATOM   444  O OG  . SER A 1 85  ? -6.936  -10.109 -5.237  1.00 52.11 ? 247 SER A OG  1 
ATOM   445  N N   . ARG A 1 86  ? -7.722  -11.526 -1.264  1.00 44.60 ? 248 ARG A N   1 
ATOM   446  C CA  . ARG A 1 86  ? -8.487  -11.991 -0.105  1.00 43.54 ? 248 ARG A CA  1 
ATOM   447  C C   . ARG A 1 86  ? -7.806  -11.504 1.158   1.00 41.86 ? 248 ARG A C   1 
ATOM   448  O O   . ARG A 1 86  ? -8.467  -11.070 2.124   1.00 42.94 ? 248 ARG A O   1 
ATOM   449  C CB  . ARG A 1 86  ? -8.586  -13.533 -0.072  1.00 44.27 ? 248 ARG A CB  1 
ATOM   450  C CG  . ARG A 1 86  ? -9.636  -14.122 -0.999  1.00 46.99 ? 248 ARG A CG  1 
ATOM   451  C CD  . ARG A 1 86  ? -9.672  -15.681 -1.010  1.00 53.26 ? 248 ARG A CD  1 
ATOM   452  N NE  . ARG A 1 86  ? -10.606 -16.174 -2.038  1.00 57.74 ? 248 ARG A NE  1 
ATOM   453  C CZ  . ARG A 1 86  ? -11.945 -16.126 -1.948  1.00 58.47 ? 248 ARG A CZ  1 
ATOM   454  N NH1 . ARG A 1 86  ? -12.523 -15.624 -0.857  1.00 59.11 ? 248 ARG A NH1 1 
ATOM   455  N NH2 . ARG A 1 86  ? -12.713 -16.570 -2.953  1.00 57.58 ? 248 ARG A NH2 1 
ATOM   456  N N   . VAL A 1 87  ? -6.480  -11.542 1.142   1.00 39.21 ? 249 VAL A N   1 
ATOM   457  C CA  . VAL A 1 87  ? -5.688  -11.107 2.294   1.00 36.32 ? 249 VAL A CA  1 
ATOM   458  C C   . VAL A 1 87  ? -5.780  -9.583  2.470   1.00 33.83 ? 249 VAL A C   1 
ATOM   459  O O   . VAL A 1 87  ? -6.045  -9.101  3.558   1.00 32.49 ? 249 VAL A O   1 
ATOM   460  C CB  . VAL A 1 87  ? -4.244  -11.608 2.144   1.00 36.79 ? 249 VAL A CB  1 
ATOM   461  C CG1 . VAL A 1 87  ? -3.291  -10.965 3.180   1.00 35.45 ? 249 VAL A CG1 1 
ATOM   462  C CG2 . VAL A 1 87  ? -4.244  -13.123 2.258   1.00 37.11 ? 249 VAL A CG2 1 
ATOM   463  N N   . MET A 1 88  ? -5.600  -8.834  1.395   1.00 32.23 ? 250 MET A N   1 
ATOM   464  C CA  . MET A 1 88  ? -5.921  -7.414  1.440   1.00 30.76 ? 250 MET A CA  1 
ATOM   465  C C   . MET A 1 88  ? -7.245  -7.173  2.072   1.00 30.76 ? 250 MET A C   1 
ATOM   466  O O   . MET A 1 88  ? -7.322  -6.388  3.006   1.00 28.60 ? 250 MET A O   1 
ATOM   467  C CB  . MET A 1 88  ? -5.933  -6.785  0.062   1.00 31.46 ? 250 MET A CB  1 
ATOM   468  C CG  . MET A 1 88  ? -4.604  -6.326  -0.405  1.00 33.86 ? 250 MET A CG  1 
ATOM   469  S SD  . MET A 1 88  ? -4.866  -5.295  -1.841  1.00 39.43 ? 250 MET A SD  1 
ATOM   470  C CE  . MET A 1 88  ? -4.887  -6.596  -3.080  1.00 43.38 ? 250 MET A CE  1 
ATOM   471  N N   . VAL A 1 89  ? -8.317  -7.833  1.588   1.00 31.44 ? 251 VAL A N   1 
ATOM   472  C CA  . VAL A 1 89  ? -9.635  -7.474  2.127   1.00 32.42 ? 251 VAL A CA  1 
ATOM   473  C C   . VAL A 1 89  ? -9.761  -7.902  3.559   1.00 32.04 ? 251 VAL A C   1 
ATOM   474  O O   . VAL A 1 89  ? -10.374 -7.183  4.370   1.00 31.68 ? 251 VAL A O   1 
ATOM   475  C CB  . VAL A 1 89  ? -10.888 -7.942  1.292   1.00 34.06 ? 251 VAL A CB  1 
ATOM   476  C CG1 . VAL A 1 89  ? -12.207 -7.672  2.118   1.00 33.04 ? 251 VAL A CG1 1 
ATOM   477  C CG2 . VAL A 1 89  ? -10.915 -7.202  -0.032  1.00 33.79 ? 251 VAL A CG2 1 
ATOM   478  N N   . HIS A 1 90  ? -9.146  -9.029  3.892   1.00 32.46 ? 252 HIS A N   1 
ATOM   479  C CA  . HIS A 1 90  ? -9.276  -9.496  5.258   1.00 33.56 ? 252 HIS A CA  1 
ATOM   480  C C   . HIS A 1 90  ? -8.672  -8.535  6.274   1.00 31.58 ? 252 HIS A C   1 
ATOM   481  O O   . HIS A 1 90  ? -9.215  -8.429  7.383   1.00 30.71 ? 252 HIS A O   1 
ATOM   482  C CB  . HIS A 1 90  ? -8.869  -10.954 5.481   1.00 35.74 ? 252 HIS A CB  1 
ATOM   483  C CG  . HIS A 1 90  ? -9.940  -11.727 6.196   1.00 44.30 ? 252 HIS A CG  1 
ATOM   484  N ND1 . HIS A 1 90  ? -10.015 -11.810 7.578   1.00 52.01 ? 252 HIS A ND1 1 
ATOM   485  C CD2 . HIS A 1 90  ? -11.050 -12.349 5.725   1.00 50.04 ? 252 HIS A CD2 1 
ATOM   486  C CE1 . HIS A 1 90  ? -11.087 -12.507 7.921   1.00 51.51 ? 252 HIS A CE1 1 
ATOM   487  N NE2 . HIS A 1 90  ? -11.728 -12.850 6.815   1.00 52.99 ? 252 HIS A NE2 1 
ATOM   488  N N   . VAL A 1 91  ? -7.632  -7.781  5.863   1.00 28.97 ? 253 VAL A N   1 
ATOM   489  C CA  . VAL A 1 91  ? -7.055  -6.730  6.714   1.00 26.05 ? 253 VAL A CA  1 
ATOM   490  C C   . VAL A 1 91  ? -8.178  -5.853  7.222   1.00 25.75 ? 253 VAL A C   1 
ATOM   491  O O   . VAL A 1 91  ? -8.212  -5.487  8.393   1.00 25.41 ? 253 VAL A O   1 
ATOM   492  C CB  . VAL A 1 91  ? -5.982  -5.882  5.975   1.00 25.01 ? 253 VAL A CB  1 
ATOM   493  C CG1 . VAL A 1 91  ? -5.706  -4.653  6.767   1.00 22.53 ? 253 VAL A CG1 1 
ATOM   494  C CG2 . VAL A 1 91  ? -4.699  -6.679  5.793   1.00 22.43 ? 253 VAL A CG2 1 
ATOM   495  N N   . PHE A 1 92  ? -9.118  -5.533  6.337   1.00 25.11 ? 254 PHE A N   1 
ATOM   496  C CA  . PHE A 1 92  ? -10.143 -4.548  6.636   1.00 25.12 ? 254 PHE A CA  1 
ATOM   497  C C   . PHE A 1 92  ? -11.424 -5.096  7.268   1.00 26.93 ? 254 PHE A C   1 
ATOM   498  O O   . PHE A 1 92  ? -12.293 -4.303  7.600   1.00 26.94 ? 254 PHE A O   1 
ATOM   499  C CB  . PHE A 1 92  ? -10.478 -3.747  5.360   1.00 25.51 ? 254 PHE A CB  1 
ATOM   500  C CG  . PHE A 1 92  ? -9.306  -2.964  4.825   1.00 22.89 ? 254 PHE A CG  1 
ATOM   501  C CD1 . PHE A 1 92  ? -8.863  -1.822  5.486   1.00 26.16 ? 254 PHE A CD1 1 
ATOM   502  C CD2 . PHE A 1 92  ? -8.656  -3.357  3.689   1.00 23.04 ? 254 PHE A CD2 1 
ATOM   503  C CE1 . PHE A 1 92  ? -7.787  -1.082  5.026   1.00 24.37 ? 254 PHE A CE1 1 
ATOM   504  C CE2 . PHE A 1 92  ? -7.597  -2.616  3.219   1.00 24.70 ? 254 PHE A CE2 1 
ATOM   505  C CZ  . PHE A 1 92  ? -7.137  -1.496  3.893   1.00 20.34 ? 254 PHE A CZ  1 
ATOM   506  N N   . LYS A 1 93  ? -11.485 -6.398  7.549   1.00 28.25 ? 255 LYS A N   1 
ATOM   507  C CA  . LYS A 1 93  ? -12.742 -7.096  7.973   1.00 30.25 ? 255 LYS A CA  1 
ATOM   508  C C   . LYS A 1 93  ? -13.312 -6.628  9.338   1.00 30.64 ? 255 LYS A C   1 
ATOM   509  O O   . LYS A 1 93  ? -14.532 -6.693  9.577   1.00 32.33 ? 255 LYS A O   1 
ATOM   510  C CB  . LYS A 1 93  ? -12.555 -8.621  7.918   1.00 30.72 ? 255 LYS A CB  1 
ATOM   511  N N   . ASP A 1 94  ? -12.467 -6.055  10.185  1.00 28.52 ? 256 ASP A N   1 
ATOM   512  C CA  . ASP A 1 94  ? -12.893 -5.605  11.470  1.00 27.36 ? 256 ASP A CA  1 
ATOM   513  C C   . ASP A 1 94  ? -13.582 -4.280  11.339  1.00 26.88 ? 256 ASP A C   1 
ATOM   514  O O   . ASP A 1 94  ? -13.929 -3.648  12.328  1.00 28.28 ? 256 ASP A O   1 
ATOM   515  C CB  . ASP A 1 94  ? -11.703 -5.540  12.423  1.00 28.05 ? 256 ASP A CB  1 
ATOM   516  C CG  . ASP A 1 94  ? -10.603 -4.540  11.947  1.00 28.87 ? 256 ASP A CG  1 
ATOM   517  O OD1 . ASP A 1 94  ? -10.624 -4.130  10.747  1.00 23.80 ? 256 ASP A OD1 1 
ATOM   518  O OD2 . ASP A 1 94  ? -9.698  -4.239  12.770  1.00 27.59 ? 256 ASP A OD2 1 
ATOM   519  N N   . GLY A 1 95  ? -13.747 -3.819  10.096  1.00 27.82 ? 257 GLY A N   1 
ATOM   520  C CA  . GLY A 1 95  ? -14.478 -2.564  9.816   1.00 25.62 ? 257 GLY A CA  1 
ATOM   521  C C   . GLY A 1 95  ? -13.684 -1.301  10.052  1.00 25.17 ? 257 GLY A C   1 
ATOM   522  O O   . GLY A 1 95  ? -14.247 -0.246  10.206  1.00 25.28 ? 257 GLY A O   1 
ATOM   523  N N   . VAL A 1 96  ? -12.353 -1.424  10.089  1.00 23.40 ? 258 VAL A N   1 
ATOM   524  C CA  . VAL A 1 96  ? -11.504 -0.290  10.385  1.00 22.11 ? 258 VAL A CA  1 
ATOM   525  C C   . VAL A 1 96  ? -10.679 -0.027  9.110   1.00 19.29 ? 258 VAL A C   1 
ATOM   526  O O   . VAL A 1 96  ? -10.260 -0.932  8.487   1.00 17.93 ? 258 VAL A O   1 
ATOM   527  C CB  . VAL A 1 96  ? -10.526 -0.569  11.584  1.00 22.99 ? 258 VAL A CB  1 
ATOM   528  C CG1 . VAL A 1 96  ? -9.427  0.536   11.675  1.00 21.02 ? 258 VAL A CG1 1 
ATOM   529  C CG2 . VAL A 1 96  ? -11.325 -0.687  12.909  1.00 24.06 ? 258 VAL A CG2 1 
ATOM   530  N N   . THR A 1 97  ? -10.522 1.220   8.727   1.00 18.87 ? 259 THR A N   1 
ATOM   531  C CA  . THR A 1 97  ? -9.687  1.543   7.578   1.00 18.11 ? 259 THR A CA  1 
ATOM   532  C C   . THR A 1 97  ? -8.892  2.730   8.022   1.00 17.41 ? 259 THR A C   1 
ATOM   533  O O   . THR A 1 97  ? -9.461  3.701   8.589   1.00 17.22 ? 259 THR A O   1 
ATOM   534  C CB  . THR A 1 97  ? -10.598 2.030   6.455   1.00 18.67 ? 259 THR A CB  1 
ATOM   535  O OG1 . THR A 1 97  ? -11.571 1.014   6.184   1.00 21.08 ? 259 THR A OG1 1 
ATOM   536  C CG2 . THR A 1 97  ? -9.826  2.336   5.146   1.00 21.45 ? 259 THR A CG2 1 
ATOM   537  N N   . ASN A 1 98  ? -7.593  2.710   7.769   1.00 14.86 ? 260 ASN A N   1 
ATOM   538  C CA  . ASN A 1 98  ? -6.787  3.887   8.061   1.00 14.91 ? 260 ASN A CA  1 
ATOM   539  C C   . ASN A 1 98  ? -5.610  3.936   7.071   1.00 13.96 ? 260 ASN A C   1 
ATOM   540  O O   . ASN A 1 98  ? -5.390  2.983   6.315   1.00 12.67 ? 260 ASN A O   1 
ATOM   541  C CB  . ASN A 1 98  ? -6.415  3.968   9.571   1.00 14.73 ? 260 ASN A CB  1 
ATOM   542  C CG  . ASN A 1 98  ? -5.582  2.767   10.011  1.00 17.71 ? 260 ASN A CG  1 
ATOM   543  O OD1 . ASN A 1 98  ? -4.664  2.419   9.319   1.00 17.84 ? 260 ASN A OD1 1 
ATOM   544  N ND2 . ASN A 1 98  ? -5.879  2.179   11.157  1.00 16.22 ? 260 ASN A ND2 1 
ATOM   545  N N   . TRP A 1 99  ? -4.922  5.075   6.995   1.00 13.15 ? 261 TRP A N   1 
ATOM   546  C CA  . TRP A 1 99  ? -3.808  5.208   6.046   1.00 14.63 ? 261 TRP A CA  1 
ATOM   547  C C   . TRP A 1 99  ? -2.630  4.315   6.347   1.00 13.46 ? 261 TRP A C   1 
ATOM   548  O O   . TRP A 1 99  ? -1.911  3.923   5.453   1.00 14.52 ? 261 TRP A O   1 
ATOM   549  C CB  . TRP A 1 99  ? -3.316  6.662   6.004   1.00 14.45 ? 261 TRP A CB  1 
ATOM   550  C CG  . TRP A 1 99  ? -4.322  7.569   5.294   1.00 14.36 ? 261 TRP A CG  1 
ATOM   551  C CD1 . TRP A 1 99  ? -4.977  8.633   5.840   1.00 19.01 ? 261 TRP A CD1 1 
ATOM   552  C CD2 . TRP A 1 99  ? -4.742  7.503   3.904   1.00 16.01 ? 261 TRP A CD2 1 
ATOM   553  N NE1 . TRP A 1 99  ? -5.774  9.252   4.880   1.00 17.37 ? 261 TRP A NE1 1 
ATOM   554  C CE2 . TRP A 1 99  ? -5.674  8.563   3.695   1.00 15.91 ? 261 TRP A CE2 1 
ATOM   555  C CE3 . TRP A 1 99  ? -4.466  6.635   2.849   1.00 16.33 ? 261 TRP A CE3 1 
ATOM   556  C CZ2 . TRP A 1 99  ? -6.289  8.799   2.466   1.00 18.72 ? 261 TRP A CZ2 1 
ATOM   557  C CZ3 . TRP A 1 99  ? -5.071  6.889   1.607   1.00 22.51 ? 261 TRP A CZ3 1 
ATOM   558  C CH2 . TRP A 1 99  ? -5.972  7.974   1.437   1.00 18.05 ? 261 TRP A CH2 1 
ATOM   559  N N   . GLY A 1 100 ? -2.405  4.029   7.621   1.00 13.71 ? 262 GLY A N   1 
ATOM   560  C CA  . GLY A 1 100 ? -1.373  3.056   7.972   1.00 12.74 ? 262 GLY A CA  1 
ATOM   561  C C   . GLY A 1 100 ? -1.612  1.691   7.358   1.00 13.33 ? 262 GLY A C   1 
ATOM   562  O O   . GLY A 1 100 ? -0.649  1.069   6.825   1.00 13.59 ? 262 GLY A O   1 
ATOM   563  N N   . ARG A 1 101 ? -2.851  1.186   7.453   1.00 13.01 ? 263 ARG A N   1 
ATOM   564  C CA  . ARG A 1 101 ? -3.149  -0.118  6.832   1.00 12.73 ? 263 ARG A CA  1 
ATOM   565  C C   . ARG A 1 101 ? -2.944  -0.055  5.294   1.00 13.80 ? 263 ARG A C   1 
ATOM   566  O O   . ARG A 1 101 ? -2.370  -0.954  4.681   1.00 11.81 ? 263 ARG A O   1 
ATOM   567  C CB  . ARG A 1 101 ? -4.581  -0.540  7.144   1.00 13.27 ? 263 ARG A CB  1 
ATOM   568  C CG  . ARG A 1 101 ? -4.742  -0.982  8.606   1.00 14.22 ? 263 ARG A CG  1 
ATOM   569  C CD  . ARG A 1 101 ? -6.182  -1.310  8.901   1.00 19.05 ? 263 ARG A CD  1 
ATOM   570  N NE  . ARG A 1 101 ? -6.411  -1.579  10.326  1.00 18.28 ? 263 ARG A NE  1 
ATOM   571  C CZ  . ARG A 1 101 ? -7.445  -2.305  10.774  1.00 24.41 ? 263 ARG A CZ  1 
ATOM   572  N NH1 . ARG A 1 101 ? -8.366  -2.781  9.901   1.00 19.16 ? 263 ARG A NH1 1 
ATOM   573  N NH2 . ARG A 1 101 ? -7.584  -2.542  12.098  1.00 19.71 ? 263 ARG A NH2 1 
ATOM   574  N N   . ILE A 1 102 ? -3.373  1.072   4.711   1.00 14.37 ? 264 ILE A N   1 
ATOM   575  C CA  . ILE A 1 102 ? -3.309  1.257   3.232   1.00 14.85 ? 264 ILE A CA  1 
ATOM   576  C C   . ILE A 1 102 ? -1.849  1.318   2.793   1.00 14.66 ? 264 ILE A C   1 
ATOM   577  O O   . ILE A 1 102 ? -1.405  0.595   1.860   1.00 13.48 ? 264 ILE A O   1 
ATOM   578  C CB  . ILE A 1 102 ? -4.096  2.534   2.795   1.00 14.79 ? 264 ILE A CB  1 
ATOM   579  C CG1 . ILE A 1 102 ? -5.577  2.229   2.938   1.00 14.97 ? 264 ILE A CG1 1 
ATOM   580  C CG2 . ILE A 1 102 ? -3.743  2.917   1.323   1.00 12.91 ? 264 ILE A CG2 1 
ATOM   581  C CD1 . ILE A 1 102 ? -6.488  3.448   2.968   1.00 18.86 ? 264 ILE A CD1 1 
ATOM   582  N N   . VAL A 1 103 ? -1.081  2.186   3.471   1.00 14.70 ? 265 VAL A N   1 
ATOM   583  C CA  . VAL A 1 103 ? 0.294   2.317   3.065   1.00 14.86 ? 265 VAL A CA  1 
ATOM   584  C C   . VAL A 1 103 ? 1.087   1.013   3.290   1.00 14.45 ? 265 VAL A C   1 
ATOM   585  O O   . VAL A 1 103 ? 2.043   0.692   2.521   1.00 12.80 ? 265 VAL A O   1 
ATOM   586  C CB  . VAL A 1 103 ? 0.974   3.530   3.667   1.00 14.38 ? 265 VAL A CB  1 
ATOM   587  C CG1 . VAL A 1 103 ? 1.518   3.254   5.110   1.00 12.59 ? 265 VAL A CG1 1 
ATOM   588  C CG2 . VAL A 1 103 ? 2.028   4.040   2.728   1.00 15.73 ? 265 VAL A CG2 1 
ATOM   589  N N   . THR A 1 104 ? 0.691   0.278   4.322   1.00 13.99 ? 266 THR A N   1 
ATOM   590  C CA  . THR A 1 104 ? 1.360   -1.019  4.617   1.00 13.60 ? 266 THR A CA  1 
ATOM   591  C C   . THR A 1 104 ? 1.078   -2.009  3.557   1.00 13.28 ? 266 THR A C   1 
ATOM   592  O O   . THR A 1 104 ? 1.975   -2.745  3.164   1.00 13.74 ? 266 THR A O   1 
ATOM   593  C CB  . THR A 1 104 ? 0.926   -1.579  6.026   1.00 14.94 ? 266 THR A CB  1 
ATOM   594  O OG1 . THR A 1 104 ? 1.430   -0.707  7.056   1.00 15.88 ? 266 THR A OG1 1 
ATOM   595  C CG2 . THR A 1 104 ? 1.465   -2.965  6.255   1.00 12.18 ? 266 THR A CG2 1 
ATOM   596  N N   . LEU A 1 105 ? -0.175  -2.048  3.080   1.00 13.99 ? 267 LEU A N   1 
ATOM   597  C CA  . LEU A 1 105 ? -0.523  -2.931  1.939   1.00 13.48 ? 267 LEU A CA  1 
ATOM   598  C C   . LEU A 1 105 ? 0.225   -2.616  0.667   1.00 13.89 ? 267 LEU A C   1 
ATOM   599  O O   . LEU A 1 105 ? 0.735   -3.513  -0.023  1.00 13.87 ? 267 LEU A O   1 
ATOM   600  C CB  . LEU A 1 105 ? -2.034  -2.928  1.647   1.00 14.19 ? 267 LEU A CB  1 
ATOM   601  C CG  . LEU A 1 105 ? -2.718  -3.662  2.822   1.00 19.86 ? 267 LEU A CG  1 
ATOM   602  C CD1 . LEU A 1 105 ? -4.199  -3.549  2.817   1.00 24.14 ? 267 LEU A CD1 1 
ATOM   603  C CD2 . LEU A 1 105 ? -2.311  -5.151  2.884   1.00 22.64 ? 267 LEU A CD2 1 
ATOM   604  N N   . ILE A 1 106 ? 0.322   -1.329  0.351   1.00 14.35 ? 268 ILE A N   1 
ATOM   605  C CA  . ILE A 1 106 ? 1.050   -0.921  -0.827  1.00 14.50 ? 268 ILE A CA  1 
ATOM   606  C C   . ILE A 1 106 ? 2.574   -1.211  -0.706  1.00 16.04 ? 268 ILE A C   1 
ATOM   607  O O   . ILE A 1 106 ? 3.222   -1.659  -1.659  1.00 16.08 ? 268 ILE A O   1 
ATOM   608  C CB  . ILE A 1 106 ? 0.792   0.546   -1.093  1.00 13.60 ? 268 ILE A CB  1 
ATOM   609  C CG1 . ILE A 1 106 ? -0.693  0.769   -1.409  1.00 15.47 ? 268 ILE A CG1 1 
ATOM   610  C CG2 . ILE A 1 106 ? 1.585   0.935   -2.404  1.00 14.52 ? 268 ILE A CG2 1 
ATOM   611  C CD1 . ILE A 1 106 ? -1.110  2.249   -1.395  1.00 15.53 ? 268 ILE A CD1 1 
ATOM   612  N N   . SER A 1 107 ? 3.120   -0.961  0.500   1.00 16.11 ? 269 SER A N   1 
ATOM   613  C CA  . SER A 1 107 ? 4.509   -1.270  0.837   1.00 17.18 ? 269 SER A CA  1 
ATOM   614  C C   . SER A 1 107 ? 4.828   -2.753  0.710   1.00 16.35 ? 269 SER A C   1 
ATOM   615  O O   . SER A 1 107 ? 5.943   -3.130  0.245   1.00 17.26 ? 269 SER A O   1 
ATOM   616  C CB  . SER A 1 107 ? 4.785   -0.835  2.319   1.00 17.09 ? 269 SER A CB  1 
ATOM   617  O OG  . SER A 1 107 ? 4.597   0.531   2.453   1.00 20.05 ? 269 SER A OG  1 
ATOM   618  N N   . PHE A 1 108 ? 3.904   -3.589  1.201   1.00 16.47 ? 270 PHE A N   1 
ATOM   619  C CA  . PHE A 1 108 ? 4.063   -5.014  0.992   1.00 16.02 ? 270 PHE A CA  1 
ATOM   620  C C   . PHE A 1 108 ? 3.971   -5.386  -0.483  1.00 17.04 ? 270 PHE A C   1 
ATOM   621  O O   . PHE A 1 108 ? 4.711   -6.240  -0.943  1.00 17.01 ? 270 PHE A O   1 
ATOM   622  C CB  . PHE A 1 108 ? 3.061   -5.784  1.794   1.00 17.12 ? 270 PHE A CB  1 
ATOM   623  C CG  . PHE A 1 108 ? 3.154   -7.295  1.589   1.00 18.73 ? 270 PHE A CG  1 
ATOM   624  C CD1 . PHE A 1 108 ? 4.323   -7.986  1.888   1.00 21.04 ? 270 PHE A CD1 1 
ATOM   625  C CD2 . PHE A 1 108 ? 2.080   -8.013  1.085   1.00 21.96 ? 270 PHE A CD2 1 
ATOM   626  C CE1 . PHE A 1 108 ? 4.392   -9.385  1.695   1.00 22.38 ? 270 PHE A CE1 1 
ATOM   627  C CE2 . PHE A 1 108 ? 2.156   -9.423  0.905   1.00 23.78 ? 270 PHE A CE2 1 
ATOM   628  C CZ  . PHE A 1 108 ? 3.332   -10.086 1.193   1.00 21.18 ? 270 PHE A CZ  1 
ATOM   629  N N   . GLY A 1 109 ? 3.107   -4.723  -1.240  1.00 17.13 ? 271 GLY A N   1 
ATOM   630  C CA  . GLY A 1 109 ? 3.195   -4.861  -2.702  1.00 18.82 ? 271 GLY A CA  1 
ATOM   631  C C   . GLY A 1 109 ? 4.538   -4.519  -3.355  1.00 17.77 ? 271 GLY A C   1 
ATOM   632  O O   . GLY A 1 109 ? 4.969   -5.244  -4.249  1.00 18.08 ? 271 GLY A O   1 
ATOM   633  N N   . ALA A 1 110 ? 5.177   -3.388  -2.978  1.00 18.32 ? 272 ALA A N   1 
ATOM   634  C CA  . ALA A 1 110 ? 6.543   -3.024  -3.416  1.00 18.17 ? 272 ALA A CA  1 
ATOM   635  C C   . ALA A 1 110 ? 7.589   -4.073  -3.032  1.00 18.65 ? 272 ALA A C   1 
ATOM   636  O O   . ALA A 1 110 ? 8.467   -4.395  -3.839  1.00 18.41 ? 272 ALA A O   1 
ATOM   637  C CB  . ALA A 1 110 ? 6.965   -1.638  -2.819  1.00 18.44 ? 272 ALA A CB  1 
ATOM   638  N N   . PHE A 1 111 ? 7.480   -4.601  -1.798  1.00 17.20 ? 273 PHE A N   1 
ATOM   639  C CA  . PHE A 1 111 ? 8.326   -5.739  -1.345  1.00 19.66 ? 273 PHE A CA  1 
ATOM   640  C C   . PHE A 1 111 ? 8.157   -6.965  -2.271  1.00 18.82 ? 273 PHE A C   1 
ATOM   641  O O   . PHE A 1 111 ? 9.121   -7.525  -2.739  1.00 20.49 ? 273 PHE A O   1 
ATOM   642  C CB  . PHE A 1 111 ? 7.966   -6.129  0.107   1.00 18.75 ? 273 PHE A CB  1 
ATOM   643  C CG  . PHE A 1 111 ? 8.942   -7.072  0.750   1.00 24.20 ? 273 PHE A CG  1 
ATOM   644  C CD1 . PHE A 1 111 ? 10.122  -6.585  1.330   1.00 25.41 ? 273 PHE A CD1 1 
ATOM   645  C CD2 . PHE A 1 111 ? 8.694   -8.426  0.776   1.00 26.14 ? 273 PHE A CD2 1 
ATOM   646  C CE1 . PHE A 1 111 ? 11.041  -7.474  1.914   1.00 30.03 ? 273 PHE A CE1 1 
ATOM   647  C CE2 . PHE A 1 111 ? 9.620   -9.313  1.381   1.00 28.49 ? 273 PHE A CE2 1 
ATOM   648  C CZ  . PHE A 1 111 ? 10.769  -8.836  1.936   1.00 29.54 ? 273 PHE A CZ  1 
ATOM   649  N N   . VAL A 1 112 ? 6.927   -7.385  -2.506  1.00 20.14 ? 274 VAL A N   1 
ATOM   650  C CA  . VAL A 1 112 ? 6.617   -8.436  -3.422  1.00 20.64 ? 274 VAL A CA  1 
ATOM   651  C C   . VAL A 1 112 ? 7.168   -8.080  -4.807  1.00 21.42 ? 274 VAL A C   1 
ATOM   652  O O   . VAL A 1 112 ? 7.839   -8.913  -5.423  1.00 22.31 ? 274 VAL A O   1 
ATOM   653  C CB  . VAL A 1 112 ? 5.102   -8.785  -3.449  1.00 22.67 ? 274 VAL A CB  1 
ATOM   654  C CG1 . VAL A 1 112 ? 4.776   -9.888  -4.497  1.00 19.96 ? 274 VAL A CG1 1 
ATOM   655  C CG2 . VAL A 1 112 ? 4.618   -9.254  -2.046  1.00 22.33 ? 274 VAL A CG2 1 
ATOM   656  N N   . ALA A 1 113 ? 6.918   -6.862  -5.296  1.00 19.43 ? 275 ALA A N   1 
ATOM   657  C CA  . ALA A 1 113 ? 7.504   -6.430  -6.593  1.00 20.96 ? 275 ALA A CA  1 
ATOM   658  C C   . ALA A 1 113 ? 9.048   -6.587  -6.706  1.00 22.62 ? 275 ALA A C   1 
ATOM   659  O O   . ALA A 1 113 ? 9.581   -6.981  -7.756  1.00 22.72 ? 275 ALA A O   1 
ATOM   660  C CB  . ALA A 1 113 ? 7.062   -4.968  -6.887  1.00 20.69 ? 275 ALA A CB  1 
ATOM   661  N N   . LYS A 1 114 ? 9.778   -6.238  -5.641  1.00 23.99 ? 276 LYS A N   1 
ATOM   662  C CA  . LYS A 1 114 ? 11.233  -6.306  -5.642  1.00 25.40 ? 276 LYS A CA  1 
ATOM   663  C C   . LYS A 1 114 ? 11.664  -7.737  -5.730  1.00 26.41 ? 276 LYS A C   1 
ATOM   664  O O   . LYS A 1 114 ? 12.652  -8.026  -6.402  1.00 26.40 ? 276 LYS A O   1 
ATOM   665  C CB  . LYS A 1 114 ? 11.832  -5.594  -4.440  1.00 25.48 ? 276 LYS A CB  1 
ATOM   666  C CG  . LYS A 1 114 ? 11.753  -4.104  -4.674  1.00 28.24 ? 276 LYS A CG  1 
ATOM   667  C CD  . LYS A 1 114 ? 12.550  -3.358  -3.648  1.00 31.58 ? 276 LYS A CD  1 
ATOM   668  C CE  . LYS A 1 114 ? 11.886  -3.387  -2.276  1.00 33.37 ? 276 LYS A CE  1 
ATOM   669  N NZ  . LYS A 1 114 ? 12.143  -2.107  -1.499  1.00 30.90 ? 276 LYS A NZ  1 
ATOM   670  N N   . HIS A 1 115 ? 10.872  -8.631  -5.143  1.00 26.65 ? 277 HIS A N   1 
ATOM   671  C CA  . HIS A 1 115 ? 11.149  -10.049 -5.216  1.00 28.75 ? 277 HIS A CA  1 
ATOM   672  C C   . HIS A 1 115 ? 10.967  -10.575 -6.602  1.00 28.64 ? 277 HIS A C   1 
ATOM   673  O O   . HIS A 1 115 ? 11.729  -11.438 -7.013  1.00 28.55 ? 277 HIS A O   1 
ATOM   674  C CB  . HIS A 1 115 ? 10.291  -10.896 -4.262  1.00 29.80 ? 277 HIS A CB  1 
ATOM   675  C CG  . HIS A 1 115 ? 10.767  -12.332 -4.117  1.00 36.97 ? 277 HIS A CG  1 
ATOM   676  N ND1 . HIS A 1 115 ? 11.993  -12.676 -3.556  1.00 44.22 ? 277 HIS A ND1 1 
ATOM   677  C CD2 . HIS A 1 115 ? 10.179  -13.513 -4.460  1.00 41.53 ? 277 HIS A CD2 1 
ATOM   678  C CE1 . HIS A 1 115 ? 12.136  -13.996 -3.562  1.00 42.04 ? 277 HIS A CE1 1 
ATOM   679  N NE2 . HIS A 1 115 ? 11.049  -14.527 -4.102  1.00 43.29 ? 277 HIS A NE2 1 
ATOM   680  N N   . LEU A 1 116 ? 9.922   -10.107 -7.297  1.00 27.66 ? 278 LEU A N   1 
ATOM   681  C CA  . LEU A 1 116 ? 9.628   -10.553 -8.677  1.00 27.22 ? 278 LEU A CA  1 
ATOM   682  C C   . LEU A 1 116 ? 10.743  -10.092 -9.588  1.00 27.23 ? 278 LEU A C   1 
ATOM   683  O O   . LEU A 1 116 ? 11.198  -10.855 -10.421 1.00 29.12 ? 278 LEU A O   1 
ATOM   684  C CB  . LEU A 1 116 ? 8.244   -10.056 -9.187  1.00 25.33 ? 278 LEU A CB  1 
ATOM   685  C CG  . LEU A 1 116 ? 7.034   -10.556 -8.408  1.00 23.59 ? 278 LEU A CG  1 
ATOM   686  C CD1 . LEU A 1 116 ? 5.854   -9.584  -8.598  1.00 23.85 ? 278 LEU A CD1 1 
ATOM   687  C CD2 . LEU A 1 116 ? 6.575   -11.932 -8.873  1.00 26.11 ? 278 LEU A CD2 1 
ATOM   688  N N   . LYS A 1 117 ? 11.182  -8.849  -9.445  1.00 27.09 ? 279 LYS A N   1 
ATOM   689  C CA  . LYS A 1 117 ? 12.360  -8.394  -10.146 1.00 28.68 ? 279 LYS A CA  1 
ATOM   690  C C   . LYS A 1 117 ? 13.587  -9.322  -9.882  1.00 30.41 ? 279 LYS A C   1 
ATOM   691  O O   . LYS A 1 117 ? 14.283  -9.759  -10.829 1.00 30.85 ? 279 LYS A O   1 
ATOM   692  C CB  . LYS A 1 117 ? 12.656  -6.953  -9.731  1.00 29.33 ? 279 LYS A CB  1 
ATOM   693  C CG  . LYS A 1 117 ? 14.076  -6.501  -9.969  1.00 32.29 ? 279 LYS A CG  1 
ATOM   694  C CD  . LYS A 1 117 ? 14.452  -6.446  -11.405 1.00 33.58 ? 279 LYS A CD  1 
ATOM   695  C CE  . LYS A 1 117 ? 15.807  -5.724  -11.511 1.00 39.70 ? 279 LYS A CE  1 
ATOM   696  N NZ  . LYS A 1 117 ? 16.478  -6.120  -12.766 1.00 41.18 ? 279 LYS A NZ  1 
ATOM   697  N N   . SER A 1 118 ? 13.846  -9.647  -8.619  1.00 30.28 ? 280 SER A N   1 
ATOM   698  C CA  . SER A 1 118 ? 14.971  -10.558 -8.253  1.00 31.60 ? 280 SER A CA  1 
ATOM   699  C C   . SER A 1 118 ? 14.909  -11.916 -8.942  1.00 31.28 ? 280 SER A C   1 
ATOM   700  O O   . SER A 1 118 ? 15.924  -12.556 -9.174  1.00 31.91 ? 280 SER A O   1 
ATOM   701  C CB  . SER A 1 118 ? 14.942  -10.847 -6.744  1.00 31.59 ? 280 SER A CB  1 
ATOM   702  O OG  . SER A 1 118 ? 15.463  -9.721  -6.077  1.00 35.67 ? 280 SER A OG  1 
ATOM   703  N N   . VAL A 1 119 ? 13.701  -12.370 -9.191  1.00 30.58 ? 281 VAL A N   1 
ATOM   704  C CA  . VAL A 1 119 ? 13.447  -13.713 -9.593  1.00 30.57 ? 281 VAL A CA  1 
ATOM   705  C C   . VAL A 1 119 ? 13.115  -13.728 -11.126 1.00 30.23 ? 281 VAL A C   1 
ATOM   706  O O   . VAL A 1 119 ? 12.684  -14.740 -11.675 1.00 29.56 ? 281 VAL A O   1 
ATOM   707  C CB  . VAL A 1 119 ? 12.342  -14.225 -8.653  1.00 30.98 ? 281 VAL A CB  1 
ATOM   708  C CG1 . VAL A 1 119 ? 11.225  -14.919 -9.320  1.00 33.68 ? 281 VAL A CG1 1 
ATOM   709  C CG2 . VAL A 1 119 ? 12.952  -15.026 -7.450  1.00 30.56 ? 281 VAL A CG2 1 
ATOM   710  N N   . ASN A 1 120 ? 13.272  -12.569 -11.779 1.00 30.38 ? 282 ASN A N   1 
ATOM   711  C CA  . ASN A 1 120 ? 13.035  -12.423 -13.233 1.00 31.45 ? 282 ASN A CA  1 
ATOM   712  C C   . ASN A 1 120 ? 11.568  -12.677 -13.670 1.00 32.08 ? 282 ASN A C   1 
ATOM   713  O O   . ASN A 1 120 ? 11.269  -13.278 -14.748 1.00 33.49 ? 282 ASN A O   1 
ATOM   714  C CB  . ASN A 1 120 ? 14.018  -13.301 -14.048 1.00 32.43 ? 282 ASN A CB  1 
ATOM   715  N N   . GLN A 1 121 ? 10.643  -12.237 -12.833 1.00 29.88 ? 283 GLN A N   1 
ATOM   716  C CA  . GLN A 1 121 ? 9.248   -12.388 -13.098 1.00 28.92 ? 283 GLN A CA  1 
ATOM   717  C C   . GLN A 1 121 ? 8.541   -11.017 -13.030 1.00 27.09 ? 283 GLN A C   1 
ATOM   718  O O   . GLN A 1 121 ? 7.461   -10.883 -12.459 1.00 25.59 ? 283 GLN A O   1 
ATOM   719  C CB  . GLN A 1 121 ? 8.674   -13.423 -12.126 1.00 30.13 ? 283 GLN A CB  1 
ATOM   720  C CG  . GLN A 1 121 ? 9.046   -14.859 -12.554 1.00 37.44 ? 283 GLN A CG  1 
ATOM   721  C CD  . GLN A 1 121 ? 8.826   -15.904 -11.478 1.00 45.37 ? 283 GLN A CD  1 
ATOM   722  O OE1 . GLN A 1 121 ? 9.609   -16.871 -11.375 1.00 50.56 ? 283 GLN A OE1 1 
ATOM   723  N NE2 . GLN A 1 121 ? 7.779   -15.724 -10.660 1.00 46.41 ? 283 GLN A NE2 1 
ATOM   724  N N   . GLU A 1 122 ? 9.202   -10.021 -13.620 1.00 25.98 ? 284 GLU A N   1 
ATOM   725  C CA  . GLU A 1 122 ? 8.705   -8.640  -13.747 1.00 26.09 ? 284 GLU A CA  1 
ATOM   726  C C   . GLU A 1 122 ? 7.328   -8.570  -14.390 1.00 24.88 ? 284 GLU A C   1 
ATOM   727  O O   . GLU A 1 122 ? 6.538   -7.679  -14.074 1.00 24.56 ? 284 GLU A O   1 
ATOM   728  C CB  . GLU A 1 122 ? 9.703   -7.792  -14.513 1.00 26.86 ? 284 GLU A CB  1 
ATOM   729  C CG  . GLU A 1 122 ? 11.027  -7.652  -13.789 1.00 32.45 ? 284 GLU A CG  1 
ATOM   730  C CD  . GLU A 1 122 ? 12.134  -7.004  -14.608 1.00 37.76 ? 284 GLU A CD  1 
ATOM   731  O OE1 . GLU A 1 122 ? 11.871  -5.965  -15.262 1.00 44.11 ? 284 GLU A OE1 1 
ATOM   732  O OE2 . GLU A 1 122 ? 13.282  -7.474  -14.549 1.00 42.10 ? 284 GLU A OE2 1 
ATOM   733  N N   . SER A 1 123 ? 6.978   -9.550  -15.218 1.00 23.54 ? 285 SER A N   1 
ATOM   734  C CA  . SER A 1 123 ? 5.625   -9.550  -15.849 1.00 24.29 ? 285 SER A CA  1 
ATOM   735  C C   . SER A 1 123 ? 4.472   -9.596  -14.838 1.00 25.06 ? 285 SER A C   1 
ATOM   736  O O   . SER A 1 123 ? 3.348   -9.264  -15.193 1.00 24.64 ? 285 SER A O   1 
ATOM   737  C CB  . SER A 1 123 ? 5.458   -10.698 -16.857 1.00 24.10 ? 285 SER A CB  1 
ATOM   738  O OG  . SER A 1 123 ? 5.116   -11.912 -16.187 1.00 24.59 ? 285 SER A OG  1 
ATOM   739  N N   . PHE A 1 124 ? 4.713   -10.054 -13.611 1.00 25.39 ? 286 PHE A N   1 
ATOM   740  C CA  . PHE A 1 124 ? 3.653   -10.020 -12.581 1.00 27.16 ? 286 PHE A CA  1 
ATOM   741  C C   . PHE A 1 124 ? 3.562   -8.695  -11.865 1.00 26.79 ? 286 PHE A C   1 
ATOM   742  O O   . PHE A 1 124 ? 2.677   -8.528  -11.030 1.00 26.79 ? 286 PHE A O   1 
ATOM   743  C CB  . PHE A 1 124 ? 3.875   -11.085 -11.515 1.00 28.31 ? 286 PHE A CB  1 
ATOM   744  C CG  . PHE A 1 124 ? 3.659   -12.483 -12.010 1.00 33.14 ? 286 PHE A CG  1 
ATOM   745  C CD1 . PHE A 1 124 ? 2.396   -13.038 -12.001 1.00 36.32 ? 286 PHE A CD1 1 
ATOM   746  C CD2 . PHE A 1 124 ? 4.733   -13.225 -12.493 1.00 37.42 ? 286 PHE A CD2 1 
ATOM   747  C CE1 . PHE A 1 124 ? 2.183   -14.345 -12.458 1.00 40.61 ? 286 PHE A CE1 1 
ATOM   748  C CE2 . PHE A 1 124 ? 4.553   -14.513 -12.973 1.00 41.65 ? 286 PHE A CE2 1 
ATOM   749  C CZ  . PHE A 1 124 ? 3.269   -15.092 -12.952 1.00 43.33 ? 286 PHE A CZ  1 
ATOM   750  N N   . ILE A 1 125 ? 4.451   -7.747  -12.165 1.00 26.14 ? 287 ILE A N   1 
ATOM   751  C CA  . ILE A 1 125 ? 4.430   -6.494  -11.404 1.00 26.35 ? 287 ILE A CA  1 
ATOM   752  C C   . ILE A 1 125 ? 3.226   -5.609  -11.716 1.00 27.30 ? 287 ILE A C   1 
ATOM   753  O O   . ILE A 1 125 ? 2.581   -5.082  -10.793 1.00 26.09 ? 287 ILE A O   1 
ATOM   754  C CB  . ILE A 1 125 ? 5.723   -5.714  -11.548 1.00 26.46 ? 287 ILE A CB  1 
ATOM   755  C CG1 . ILE A 1 125 ? 6.824   -6.470  -10.831 1.00 23.97 ? 287 ILE A CG1 1 
ATOM   756  C CG2 . ILE A 1 125 ? 5.585   -4.296  -10.955 1.00 26.12 ? 287 ILE A CG2 1 
ATOM   757  C CD1 . ILE A 1 125 ? 8.108   -5.751  -10.909 1.00 22.08 ? 287 ILE A CD1 1 
ATOM   758  N N   . GLU A 1 126 ? 2.920   -5.466  -13.009 1.00 26.27 ? 288 GLU A N   1 
ATOM   759  C CA  . GLU A 1 126 ? 1.744   -4.692  -13.398 1.00 27.68 ? 288 GLU A CA  1 
ATOM   760  C C   . GLU A 1 126 ? 0.404   -5.345  -13.024 1.00 26.57 ? 288 GLU A C   1 
ATOM   761  O O   . GLU A 1 126 ? -0.463  -4.648  -12.460 1.00 26.05 ? 288 GLU A O   1 
ATOM   762  C CB  . GLU A 1 126 ? 1.828   -4.193  -14.854 1.00 28.95 ? 288 GLU A CB  1 
ATOM   763  C CG  . GLU A 1 126 ? 0.798   -3.146  -15.223 1.00 33.80 ? 288 GLU A CG  1 
ATOM   764  C CD  . GLU A 1 126 ? 1.058   -1.780  -14.540 1.00 40.97 ? 288 GLU A CD  1 
ATOM   765  O OE1 . GLU A 1 126 ? 2.231   -1.549  -14.113 1.00 44.42 ? 288 GLU A OE1 1 
ATOM   766  O OE2 . GLU A 1 126 ? 0.094   -0.962  -14.432 1.00 41.31 ? 288 GLU A OE2 1 
ATOM   767  N N   . PRO A 1 127 ? 0.234   -6.672  -13.234 1.00 25.58 ? 289 PRO A N   1 
ATOM   768  C CA  . PRO A 1 127 ? -0.978  -7.278  -12.678 1.00 24.68 ? 289 PRO A CA  1 
ATOM   769  C C   . PRO A 1 127 ? -1.089  -7.072  -11.188 1.00 24.29 ? 289 PRO A C   1 
ATOM   770  O O   . PRO A 1 127 ? -2.198  -6.869  -10.694 1.00 24.35 ? 289 PRO A O   1 
ATOM   771  C CB  . PRO A 1 127 ? -0.761  -8.761  -12.903 1.00 24.91 ? 289 PRO A CB  1 
ATOM   772  C CG  . PRO A 1 127 ? 0.018   -8.810  -14.186 1.00 25.44 ? 289 PRO A CG  1 
ATOM   773  C CD  . PRO A 1 127 ? 0.863   -7.550  -14.226 1.00 25.56 ? 289 PRO A CD  1 
ATOM   774  N N   . LEU A 1 128 ? 0.032   -7.157  -10.466 1.00 23.52 ? 290 LEU A N   1 
ATOM   775  C CA  . LEU A 1 128 ? 0.021   -6.887  -9.013  1.00 21.96 ? 290 LEU A CA  1 
ATOM   776  C C   . LEU A 1 128 ? -0.507  -5.460  -8.704  1.00 20.55 ? 290 LEU A C   1 
ATOM   777  O O   . LEU A 1 128 ? -1.379  -5.303  -7.848  1.00 22.16 ? 290 LEU A O   1 
ATOM   778  C CB  . LEU A 1 128 ? 1.419   -7.103  -8.382  1.00 20.59 ? 290 LEU A CB  1 
ATOM   779  C CG  . LEU A 1 128 ? 1.539   -6.849  -6.868  1.00 22.15 ? 290 LEU A CG  1 
ATOM   780  C CD1 . LEU A 1 128 ? 0.599   -7.762  -6.133  1.00 22.04 ? 290 LEU A CD1 1 
ATOM   781  C CD2 . LEU A 1 128 ? 3.023   -7.038  -6.335  1.00 25.25 ? 290 LEU A CD2 1 
ATOM   782  N N   . ALA A 1 129 ? 0.028   -4.437  -9.370  1.00 19.96 ? 291 ALA A N   1 
ATOM   783  C CA  . ALA A 1 129 ? -0.365  -3.065  -9.099  1.00 19.32 ? 291 ALA A CA  1 
ATOM   784  C C   . ALA A 1 129 ? -1.806  -2.908  -9.436  1.00 19.84 ? 291 ALA A C   1 
ATOM   785  O O   . ALA A 1 129 ? -2.522  -2.238  -8.724  1.00 19.44 ? 291 ALA A O   1 
ATOM   786  C CB  . ALA A 1 129 ? 0.462   -2.121  -9.920  1.00 20.13 ? 291 ALA A CB  1 
ATOM   787  N N   . GLU A 1 130 ? -2.246  -3.467  -10.567 1.00 20.16 ? 292 GLU A N   1 
ATOM   788  C CA  . GLU A 1 130 ? -3.645  -3.438  -10.927 1.00 20.49 ? 292 GLU A CA  1 
ATOM   789  C C   . GLU A 1 130 ? -4.529  -4.051  -9.847  1.00 20.56 ? 292 GLU A C   1 
ATOM   790  O O   . GLU A 1 130 ? -5.536  -3.470  -9.471  1.00 19.72 ? 292 GLU A O   1 
ATOM   791  C CB  . GLU A 1 130 ? -3.832  -4.191  -12.241 1.00 21.57 ? 292 GLU A CB  1 
ATOM   792  C CG  . GLU A 1 130 ? -3.225  -3.456  -13.441 1.00 24.57 ? 292 GLU A CG  1 
ATOM   793  C CD  . GLU A 1 130 ? -3.224  -4.297  -14.725 1.00 32.38 ? 292 GLU A CD  1 
ATOM   794  O OE1 . GLU A 1 130 ? -3.694  -5.460  -14.735 1.00 34.74 ? 292 GLU A OE1 1 
ATOM   795  O OE2 . GLU A 1 130 ? -2.763  -3.782  -15.741 1.00 33.48 ? 292 GLU A OE2 1 
ATOM   796  N N   . THR A 1 131 ? -4.115  -5.211  -9.319  1.00 20.53 ? 293 THR A N   1 
ATOM   797  C CA  . THR A 1 131 ? -4.868  -5.920  -8.304  1.00 21.30 ? 293 THR A CA  1 
ATOM   798  C C   . THR A 1 131 ? -4.989  -5.137  -7.010  1.00 20.05 ? 293 THR A C   1 
ATOM   799  O O   . THR A 1 131 ? -6.120  -4.947  -6.498  1.00 21.86 ? 293 THR A O   1 
ATOM   800  C CB  . THR A 1 131 ? -4.273  -7.333  -8.031  1.00 22.74 ? 293 THR A CB  1 
ATOM   801  O OG1 . THR A 1 131 ? -4.728  -8.204  -9.054  1.00 26.58 ? 293 THR A OG1 1 
ATOM   802  C CG2 . THR A 1 131 ? -4.803  -7.919  -6.746  1.00 23.45 ? 293 THR A CG2 1 
ATOM   803  N N   . ILE A 1 132 ? -3.866  -4.644  -6.492  1.00 19.42 ? 294 ILE A N   1 
ATOM   804  C CA  . ILE A 1 132 ? -3.870  -3.761  -5.329  1.00 18.63 ? 294 ILE A CA  1 
ATOM   805  C C   . ILE A 1 132 ? -4.828  -2.557  -5.518  1.00 17.76 ? 294 ILE A C   1 
ATOM   806  O O   . ILE A 1 132 ? -5.570  -2.172  -4.592  1.00 19.78 ? 294 ILE A O   1 
ATOM   807  C CB  . ILE A 1 132 ? -2.418  -3.294  -5.042  1.00 17.35 ? 294 ILE A CB  1 
ATOM   808  C CG1 . ILE A 1 132 ? -1.611  -4.500  -4.491  1.00 20.96 ? 294 ILE A CG1 1 
ATOM   809  C CG2 . ILE A 1 132 ? -2.446  -2.202  -4.033  1.00 19.99 ? 294 ILE A CG2 1 
ATOM   810  C CD1 . ILE A 1 132 ? -0.150  -4.246  -4.221  1.00 17.20 ? 294 ILE A CD1 1 
ATOM   811  N N   . THR A 1 133 ? -4.770  -1.902  -6.679  1.00 17.65 ? 295 THR A N   1 
ATOM   812  C CA  . THR A 1 133 ? -5.607  -0.707  -6.936  1.00 17.94 ? 295 THR A CA  1 
ATOM   813  C C   . THR A 1 133 ? -7.085  -1.138  -6.947  1.00 19.47 ? 295 THR A C   1 
ATOM   814  O O   . THR A 1 133 ? -7.958  -0.514  -6.320  1.00 18.34 ? 295 THR A O   1 
ATOM   815  C CB  . THR A 1 133 ? -5.219  -0.003  -8.303  1.00 18.03 ? 295 THR A CB  1 
ATOM   816  O OG1 . THR A 1 133 ? -3.798  0.268   -8.339  1.00 16.43 ? 295 THR A OG1 1 
ATOM   817  C CG2 . THR A 1 133 ? -5.964  1.356   -8.440  1.00 19.25 ? 295 THR A CG2 1 
ATOM   818  N N   . ASP A 1 134 ? -7.351  -2.230  -7.653  1.00 21.19 ? 296 ASP A N   1 
ATOM   819  C CA  . ASP A 1 134 ? -8.728  -2.694  -7.796  1.00 24.61 ? 296 ASP A CA  1 
ATOM   820  C C   . ASP A 1 134 ? -9.310  -2.919  -6.404  1.00 24.43 ? 296 ASP A C   1 
ATOM   821  O O   . ASP A 1 134 ? -10.365 -2.378  -6.043  1.00 24.54 ? 296 ASP A O   1 
ATOM   822  C CB  . ASP A 1 134 ? -8.784  -3.996  -8.572  1.00 27.06 ? 296 ASP A CB  1 
ATOM   823  C CG  . ASP A 1 134 ? -8.396  -3.839  -10.061 1.00 33.97 ? 296 ASP A CG  1 
ATOM   824  O OD1 . ASP A 1 134 ? -8.300  -2.701  -10.584 1.00 42.34 ? 296 ASP A OD1 1 
ATOM   825  O OD2 . ASP A 1 134 ? -8.186  -4.904  -10.721 1.00 42.42 ? 296 ASP A OD2 1 
ATOM   826  N N   . VAL A 1 135 ? -8.593  -3.671  -5.586  1.00 25.52 ? 297 VAL A N   1 
ATOM   827  C CA  . VAL A 1 135 ? -9.114  -4.059  -4.278  1.00 26.35 ? 297 VAL A CA  1 
ATOM   828  C C   . VAL A 1 135 ? -9.339  -2.804  -3.404  1.00 26.62 ? 297 VAL A C   1 
ATOM   829  O O   . VAL A 1 135 ? -10.406 -2.613  -2.769  1.00 26.65 ? 297 VAL A O   1 
ATOM   830  C CB  . VAL A 1 135 ? -8.203  -5.150  -3.626  1.00 25.97 ? 297 VAL A CB  1 
ATOM   831  C CG1 . VAL A 1 135 ? -8.500  -5.277  -2.150  1.00 29.62 ? 297 VAL A CG1 1 
ATOM   832  C CG2 . VAL A 1 135 ? -8.406  -6.508  -4.326  1.00 28.14 ? 297 VAL A CG2 1 
ATOM   833  N N   . LEU A 1 136 ? -8.359  -1.909  -3.420  1.00 26.28 ? 298 LEU A N   1 
ATOM   834  C CA  . LEU A 1 136 ? -8.454  -0.667  -2.663  1.00 27.34 ? 298 LEU A CA  1 
ATOM   835  C C   . LEU A 1 136 ? -9.628  0.215   -3.134  1.00 27.14 ? 298 LEU A C   1 
ATOM   836  O O   . LEU A 1 136 ? -10.490 0.646   -2.327  1.00 25.98 ? 298 LEU A O   1 
ATOM   837  C CB  . LEU A 1 136 ? -7.157  0.095   -2.868  1.00 27.37 ? 298 LEU A CB  1 
ATOM   838  C CG  . LEU A 1 136 ? -6.582  1.083   -1.899  1.00 30.77 ? 298 LEU A CG  1 
ATOM   839  C CD1 . LEU A 1 136 ? -6.708  0.555   -0.418  1.00 31.62 ? 298 LEU A CD1 1 
ATOM   840  C CD2 . LEU A 1 136 ? -5.064  1.197   -2.300  1.00 28.40 ? 298 LEU A CD2 1 
ATOM   841  N N   . VAL A 1 137 ? -9.648  0.515   -4.430  1.00 25.72 ? 299 VAL A N   1 
ATOM   842  C CA  . VAL A 1 137 ? -10.671 1.434   -4.930  1.00 27.07 ? 299 VAL A CA  1 
ATOM   843  C C   . VAL A 1 137 ? -12.033 0.741   -4.887  1.00 27.73 ? 299 VAL A C   1 
ATOM   844  O O   . VAL A 1 137 ? -13.030 1.402   -4.562  1.00 28.77 ? 299 VAL A O   1 
ATOM   845  C CB  . VAL A 1 137 ? -10.342 2.100   -6.299  1.00 27.04 ? 299 VAL A CB  1 
ATOM   846  C CG1 . VAL A 1 137 ? -11.481 3.061   -6.745  1.00 28.19 ? 299 VAL A CG1 1 
ATOM   847  C CG2 . VAL A 1 137 ? -8.980  2.878   -6.201  1.00 27.24 ? 299 VAL A CG2 1 
ATOM   848  N N   . ARG A 1 138 ? -12.083 -0.559  -5.192  1.00 27.98 ? 300 ARG A N   1 
ATOM   849  C CA  . ARG A 1 138 ? -13.352 -1.280  -5.201  1.00 28.89 ? 300 ARG A CA  1 
ATOM   850  C C   . ARG A 1 138 ? -13.921 -1.357  -3.801  1.00 28.85 ? 300 ARG A C   1 
ATOM   851  O O   . ARG A 1 138 ? -15.086 -1.111  -3.630  1.00 30.74 ? 300 ARG A O   1 
ATOM   852  C CB  . ARG A 1 138 ? -13.236 -2.725  -5.703  1.00 29.30 ? 300 ARG A CB  1 
ATOM   853  N N   . THR A 1 139 ? -13.134 -1.734  -2.807  1.00 26.77 ? 301 THR A N   1 
ATOM   854  C CA  . THR A 1 139 ? -13.713 -1.915  -1.469  1.00 25.83 ? 301 THR A CA  1 
ATOM   855  C C   . THR A 1 139 ? -13.800 -0.675  -0.601  1.00 23.62 ? 301 THR A C   1 
ATOM   856  O O   . THR A 1 139 ? -14.676 -0.529  0.245   1.00 24.05 ? 301 THR A O   1 
ATOM   857  C CB  . THR A 1 139 ? -13.047 -3.118  -0.730  1.00 27.72 ? 301 THR A CB  1 
ATOM   858  O OG1 . THR A 1 139 ? -11.747 -2.760  -0.250  1.00 30.13 ? 301 THR A OG1 1 
ATOM   859  C CG2 . THR A 1 139 ? -12.910 -4.238  -1.695  1.00 28.87 ? 301 THR A CG2 1 
ATOM   860  N N   . LYS A 1 140 ? -12.887 0.259   -0.801  1.00 21.63 ? 302 LYS A N   1 
ATOM   861  C CA  . LYS A 1 140 ? -12.739 1.366   0.146   1.00 19.53 ? 302 LYS A CA  1 
ATOM   862  C C   . LYS A 1 140 ? -12.960 2.710   -0.546  1.00 19.01 ? 302 LYS A C   1 
ATOM   863  O O   . LYS A 1 140 ? -12.498 3.721   -0.054  1.00 18.61 ? 302 LYS A O   1 
ATOM   864  C CB  . LYS A 1 140 ? -11.297 1.306   0.692   1.00 19.91 ? 302 LYS A CB  1 
ATOM   865  C CG  . LYS A 1 140 ? -11.116 0.115   1.729   1.00 19.72 ? 302 LYS A CG  1 
ATOM   866  C CD  . LYS A 1 140 ? -12.264 0.077   2.736   1.00 22.54 ? 302 LYS A CD  1 
ATOM   867  C CE  . LYS A 1 140 ? -12.298 -1.140  3.616   1.00 26.88 ? 302 LYS A CE  1 
ATOM   868  N NZ  . LYS A 1 140 ? -13.583 -0.996  4.343   1.00 26.57 ? 302 LYS A NZ  1 
ATOM   869  N N   . ARG A 1 141 ? -13.651 2.711   -1.705  1.00 17.65 ? 303 ARG A N   1 
ATOM   870  C CA  . ARG A 1 141 ? -13.845 3.963   -2.443  1.00 17.18 ? 303 ARG A CA  1 
ATOM   871  C C   . ARG A 1 141 ? -14.556 5.056   -1.638  1.00 16.85 ? 303 ARG A C   1 
ATOM   872  O O   . ARG A 1 141 ? -14.162 6.223   -1.685  1.00 17.00 ? 303 ARG A O   1 
ATOM   873  C CB  . ARG A 1 141 ? -14.681 3.715   -3.717  1.00 19.45 ? 303 ARG A CB  1 
ATOM   874  C CG  . ARG A 1 141 ? -14.758 5.082   -4.486  1.00 16.98 ? 303 ARG A CG  1 
ATOM   875  C CD  . ARG A 1 141 ? -15.607 4.868   -5.788  1.00 28.29 ? 303 ARG A CD  1 
ATOM   876  N NE  . ARG A 1 141 ? -15.410 6.023   -6.650  1.00 26.97 ? 303 ARG A NE  1 
ATOM   877  C CZ  . ARG A 1 141 ? -14.668 6.006   -7.737  1.00 31.58 ? 303 ARG A CZ  1 
ATOM   878  N NH1 . ARG A 1 141 ? -14.113 4.869   -8.167  1.00 31.26 ? 303 ARG A NH1 1 
ATOM   879  N NH2 . ARG A 1 141 ? -14.512 7.130   -8.431  1.00 33.64 ? 303 ARG A NH2 1 
ATOM   880  N N   . ASP A 1 142 ? -15.557 4.684   -0.832  1.00 16.84 ? 304 ASP A N   1 
ATOM   881  C CA  . ASP A 1 142 ? -16.286 5.658   -0.019  1.00 17.20 ? 304 ASP A CA  1 
ATOM   882  C C   . ASP A 1 142 ? -15.406 6.280   1.062   1.00 16.09 ? 304 ASP A C   1 
ATOM   883  O O   . ASP A 1 142 ? -15.435 7.491   1.326   1.00 14.90 ? 304 ASP A O   1 
ATOM   884  C CB  . ASP A 1 142 ? -17.493 5.013   0.657   1.00 19.99 ? 304 ASP A CB  1 
ATOM   885  C CG  . ASP A 1 142 ? -18.629 4.640   -0.330  1.00 29.49 ? 304 ASP A CG  1 
ATOM   886  O OD1 . ASP A 1 142 ? -18.776 5.298   -1.412  1.00 35.37 ? 304 ASP A OD1 1 
ATOM   887  O OD2 . ASP A 1 142 ? -19.391 3.688   -0.001  1.00 38.39 ? 304 ASP A OD2 1 
ATOM   888  N N   . TRP A 1 143 ? -14.581 5.461   1.680   1.00 17.74 ? 305 TRP A N   1 
ATOM   889  C CA  . TRP A 1 143 ? -13.675 5.962   2.723   1.00 16.82 ? 305 TRP A CA  1 
ATOM   890  C C   . TRP A 1 143 ? -12.650 6.913   2.092   1.00 16.21 ? 305 TRP A C   1 
ATOM   891  O O   . TRP A 1 143 ? -12.372 7.979   2.610   1.00 17.81 ? 305 TRP A O   1 
ATOM   892  C CB  . TRP A 1 143 ? -12.994 4.766   3.400   1.00 17.94 ? 305 TRP A CB  1 
ATOM   893  C CG  . TRP A 1 143 ? -12.169 5.209   4.609   1.00 18.78 ? 305 TRP A CG  1 
ATOM   894  C CD1 . TRP A 1 143 ? -12.624 5.370   5.892   1.00 17.20 ? 305 TRP A CD1 1 
ATOM   895  C CD2 . TRP A 1 143 ? -10.794 5.561   4.623   1.00 19.89 ? 305 TRP A CD2 1 
ATOM   896  N NE1 . TRP A 1 143 ? -11.613 5.858   6.699   1.00 21.63 ? 305 TRP A NE1 1 
ATOM   897  C CE2 . TRP A 1 143 ? -10.476 5.963   5.943   1.00 20.67 ? 305 TRP A CE2 1 
ATOM   898  C CE3 . TRP A 1 143 ? -9.784  5.601   3.635   1.00 20.47 ? 305 TRP A CE3 1 
ATOM   899  C CZ2 . TRP A 1 143 ? -9.194  6.341   6.316   1.00 21.95 ? 305 TRP A CZ2 1 
ATOM   900  C CZ3 . TRP A 1 143 ? -8.517  6.028   4.013   1.00 19.54 ? 305 TRP A CZ3 1 
ATOM   901  C CH2 . TRP A 1 143 ? -8.235  6.370   5.334   1.00 17.33 ? 305 TRP A CH2 1 
ATOM   902  N N   . LEU A 1 144 ? -12.083 6.522   0.958   1.00 15.47 ? 306 LEU A N   1 
ATOM   903  C CA  . LEU A 1 144 ? -11.085 7.341   0.257   1.00 15.56 ? 306 LEU A CA  1 
ATOM   904  C C   . LEU A 1 144 ? -11.623 8.694   -0.133  1.00 17.21 ? 306 LEU A C   1 
ATOM   905  O O   . LEU A 1 144 ? -10.931 9.699   0.016   1.00 16.19 ? 306 LEU A O   1 
ATOM   906  C CB  . LEU A 1 144 ? -10.627 6.618   -0.987  1.00 14.67 ? 306 LEU A CB  1 
ATOM   907  C CG  . LEU A 1 144 ? -9.701  5.422   -0.734  1.00 14.64 ? 306 LEU A CG  1 
ATOM   908  C CD1 . LEU A 1 144 ? -9.594  4.632   -2.043  1.00 19.72 ? 306 LEU A CD1 1 
ATOM   909  C CD2 . LEU A 1 144 ? -8.301  5.856   -0.227  1.00 12.08 ? 306 LEU A CD2 1 
ATOM   910  N N   . VAL A 1 145 ? -12.842 8.699   -0.673  1.00 17.30 ? 307 VAL A N   1 
ATOM   911  C CA  . VAL A 1 145 ? -13.553 9.944   -1.000  1.00 19.32 ? 307 VAL A CA  1 
ATOM   912  C C   . VAL A 1 145 ? -13.698 10.828  0.204   1.00 19.52 ? 307 VAL A C   1 
ATOM   913  O O   . VAL A 1 145 ? -13.370 12.025  0.156   1.00 18.43 ? 307 VAL A O   1 
ATOM   914  C CB  . VAL A 1 145 ? -14.914 9.641   -1.708  1.00 20.06 ? 307 VAL A CB  1 
ATOM   915  C CG1 . VAL A 1 145 ? -15.870 10.852  -1.637  1.00 24.06 ? 307 VAL A CG1 1 
ATOM   916  C CG2 . VAL A 1 145 ? -14.574 9.254   -3.143  1.00 16.40 ? 307 VAL A CG2 1 
ATOM   917  N N   . LYS A 1 146 ? -14.159 10.241  1.284   1.00 19.98 ? 308 LYS A N   1 
ATOM   918  C CA  . LYS A 1 146 ? -14.314 10.975  2.523   1.00 24.36 ? 308 LYS A CA  1 
ATOM   919  C C   . LYS A 1 146 ? -12.987 11.596  3.062   1.00 25.09 ? 308 LYS A C   1 
ATOM   920  O O   . LYS A 1 146 ? -12.977 12.730  3.547   1.00 24.00 ? 308 LYS A O   1 
ATOM   921  C CB  . LYS A 1 146 ? -14.933 10.065  3.563   1.00 24.81 ? 308 LYS A CB  1 
ATOM   922  C CG  . LYS A 1 146 ? -15.162 10.795  4.810   1.00 32.03 ? 308 LYS A CG  1 
ATOM   923  C CD  . LYS A 1 146 ? -15.788 9.878   5.859   1.00 41.57 ? 308 LYS A CD  1 
ATOM   924  C CE  . LYS A 1 146 ? -15.911 10.545  7.251   1.00 45.60 ? 308 LYS A CE  1 
ATOM   925  N NZ  . LYS A 1 146 ? -16.556 11.913  7.167   1.00 47.73 ? 308 LYS A NZ  1 
ATOM   926  N N   . GLN A 1 147 ? -11.882 10.858  2.939   1.00 24.13 ? 309 GLN A N   1 
ATOM   927  C CA  . GLN A 1 147 ? -10.541 11.342  3.330   1.00 25.46 ? 309 GLN A CA  1 
ATOM   928  C C   . GLN A 1 147 ? -9.862  12.219  2.289   1.00 24.51 ? 309 GLN A C   1 
ATOM   929  O O   . GLN A 1 147 ? -8.689  12.500  2.408   1.00 25.43 ? 309 GLN A O   1 
ATOM   930  C CB  . GLN A 1 147 ? -9.656  10.116  3.524   1.00 25.59 ? 309 GLN A CB  1 
ATOM   931  C CG  . GLN A 1 147 ? -10.214 9.265   4.580   1.00 30.50 ? 309 GLN A CG  1 
ATOM   932  C CD  . GLN A 1 147 ? -10.087 9.929   5.917   1.00 39.90 ? 309 GLN A CD  1 
ATOM   933  O OE1 . GLN A 1 147 ? -9.012  10.452  6.265   1.00 43.89 ? 309 GLN A OE1 1 
ATOM   934  N NE2 . GLN A 1 147 ? -11.189 9.945   6.678   1.00 40.01 ? 309 GLN A NE2 1 
ATOM   935  N N   . ARG A 1 148 ? -10.597 12.630  1.267   1.00 23.06 ? 310 ARG A N   1 
ATOM   936  C CA  . ARG A 1 148 ? -10.098 13.474  0.167   1.00 23.76 ? 310 ARG A CA  1 
ATOM   937  C C   . ARG A 1 148 ? -9.010  12.786  -0.653  1.00 23.16 ? 310 ARG A C   1 
ATOM   938  O O   . ARG A 1 148 ? -8.123  13.438  -1.182  1.00 21.20 ? 310 ARG A O   1 
ATOM   939  C CB  . ARG A 1 148 ? -9.716  14.921  0.620   1.00 25.50 ? 310 ARG A CB  1 
ATOM   940  C CG  . ARG A 1 148 ? -10.543 15.410  1.857   1.00 27.82 ? 310 ARG A CG  1 
ATOM   941  C CD  . ARG A 1 148 ? -10.077 16.742  2.488   1.00 35.48 ? 310 ARG A CD  1 
ATOM   942  N NE  . ARG A 1 148 ? -8.752  16.642  3.141   1.00 35.24 ? 310 ARG A NE  1 
ATOM   943  C CZ  . ARG A 1 148 ? -7.632  16.926  2.491   1.00 37.57 ? 310 ARG A CZ  1 
ATOM   944  N NH1 . ARG A 1 148 ? -7.721  17.325  1.207   1.00 37.94 ? 310 ARG A NH1 1 
ATOM   945  N NH2 . ARG A 1 148 ? -6.434  16.817  3.091   1.00 33.17 ? 310 ARG A NH2 1 
ATOM   946  N N   . GLY A 1 149 ? -9.073  11.451  -0.768  1.00 20.81 ? 311 GLY A N   1 
ATOM   947  C CA  . GLY A 1 149 ? -8.189  10.765  -1.731  1.00 18.87 ? 311 GLY A CA  1 
ATOM   948  C C   . GLY A 1 149 ? -6.715  10.926  -1.389  1.00 17.42 ? 311 GLY A C   1 
ATOM   949  O O   . GLY A 1 149 ? -6.308  10.969  -0.222  1.00 16.61 ? 311 GLY A O   1 
ATOM   950  N N   . TRP A 1 150 ? -5.895  11.035  -2.411  1.00 17.14 ? 312 TRP A N   1 
ATOM   951  C CA  . TRP A 1 150 ? -4.467  11.043  -2.151  1.00 17.40 ? 312 TRP A CA  1 
ATOM   952  C C   . TRP A 1 150 ? -4.040  12.363  -1.501  1.00 17.86 ? 312 TRP A C   1 
ATOM   953  O O   . TRP A 1 150 ? -2.963  12.478  -0.928  1.00 18.23 ? 312 TRP A O   1 
ATOM   954  C CB  . TRP A 1 150 ? -3.735  10.771  -3.460  1.00 18.26 ? 312 TRP A CB  1 
ATOM   955  C CG  . TRP A 1 150 ? -3.945  9.354   -3.875  1.00 20.70 ? 312 TRP A CG  1 
ATOM   956  C CD1 . TRP A 1 150 ? -4.899  8.846   -4.753  1.00 20.98 ? 312 TRP A CD1 1 
ATOM   957  C CD2 . TRP A 1 150 ? -3.244  8.238   -3.340  1.00 23.34 ? 312 TRP A CD2 1 
ATOM   958  N NE1 . TRP A 1 150 ? -4.787  7.490   -4.804  1.00 24.85 ? 312 TRP A NE1 1 
ATOM   959  C CE2 . TRP A 1 150 ? -3.773  7.090   -3.949  1.00 25.64 ? 312 TRP A CE2 1 
ATOM   960  C CE3 . TRP A 1 150 ? -2.171  8.105   -2.420  1.00 23.53 ? 312 TRP A CE3 1 
ATOM   961  C CZ2 . TRP A 1 150 ? -3.266  5.803   -3.667  1.00 25.35 ? 312 TRP A CZ2 1 
ATOM   962  C CZ3 . TRP A 1 150 ? -1.690  6.853   -2.131  1.00 23.39 ? 312 TRP A CZ3 1 
ATOM   963  C CH2 . TRP A 1 150 ? -2.214  5.718   -2.770  1.00 26.96 ? 312 TRP A CH2 1 
ATOM   964  N N   . ASP A 1 151 ? -4.899  13.353  -1.558  1.00 18.29 ? 313 ASP A N   1 
ATOM   965  C CA  . ASP A 1 151 ? -4.555  14.571  -0.836  1.00 20.05 ? 313 ASP A CA  1 
ATOM   966  C C   . ASP A 1 151 ? -4.589  14.344  0.664   1.00 20.60 ? 313 ASP A C   1 
ATOM   967  O O   . ASP A 1 151 ? -3.723  14.847  1.391   1.00 20.61 ? 313 ASP A O   1 
ATOM   968  C CB  . ASP A 1 151 ? -5.494  15.708  -1.206  1.00 21.68 ? 313 ASP A CB  1 
ATOM   969  C CG  . ASP A 1 151 ? -4.966  17.044  -0.679  1.00 21.94 ? 313 ASP A CG  1 
ATOM   970  O OD1 . ASP A 1 151 ? -4.025  17.534  -1.327  1.00 20.87 ? 313 ASP A OD1 1 
ATOM   971  O OD2 . ASP A 1 151 ? -5.429  17.485  0.409   1.00 22.00 ? 313 ASP A OD2 1 
ATOM   972  N N   . GLY A 1 152 ? -5.527  13.500  1.121   1.00 19.32 ? 314 GLY A N   1 
ATOM   973  C CA  . GLY A 1 152 ? -5.631  13.149  2.550   1.00 18.78 ? 314 GLY A CA  1 
ATOM   974  C C   . GLY A 1 152 ? -4.410  12.356  3.014   1.00 18.00 ? 314 GLY A C   1 
ATOM   975  O O   . GLY A 1 152 ? -3.920  12.536  4.141   1.00 18.89 ? 314 GLY A O   1 
ATOM   976  N N   . PHE A 1 153 ? -3.969  11.427  2.176   1.00 15.88 ? 315 PHE A N   1 
ATOM   977  C CA  . PHE A 1 153 ? -2.784  10.614  2.404   1.00 15.81 ? 315 PHE A CA  1 
ATOM   978  C C   . PHE A 1 153 ? -1.551  11.500  2.636   1.00 15.79 ? 315 PHE A C   1 
ATOM   979  O O   . PHE A 1 153 ? -0.862  11.327  3.632   1.00 14.52 ? 315 PHE A O   1 
ATOM   980  C CB  . PHE A 1 153 ? -2.536  9.833   1.139   1.00 15.15 ? 315 PHE A CB  1 
ATOM   981  C CG  . PHE A 1 153 ? -1.263  9.033   1.131   1.00 17.22 ? 315 PHE A CG  1 
ATOM   982  C CD1 . PHE A 1 153 ? -1.109  7.896   1.959   1.00 14.10 ? 315 PHE A CD1 1 
ATOM   983  C CD2 . PHE A 1 153 ? -0.232  9.389   0.241   1.00 18.73 ? 315 PHE A CD2 1 
ATOM   984  C CE1 . PHE A 1 153 ? 0.043   7.100   1.871   1.00 18.93 ? 315 PHE A CE1 1 
ATOM   985  C CE2 . PHE A 1 153 ? 0.937   8.613   0.191   1.00 17.47 ? 315 PHE A CE2 1 
ATOM   986  C CZ  . PHE A 1 153 ? 1.053   7.465   0.983   1.00 16.38 ? 315 PHE A CZ  1 
ATOM   987  N N   . VAL A 1 154 ? -1.342  12.491  1.758   1.00 15.52 ? 316 VAL A N   1 
ATOM   988  C CA  . VAL A 1 154 ? -0.156  13.370  1.827   1.00 16.10 ? 316 VAL A CA  1 
ATOM   989  C C   . VAL A 1 154 ? -0.263  14.176  3.141   1.00 16.82 ? 316 VAL A C   1 
ATOM   990  O O   . VAL A 1 154 ? 0.705   14.296  3.897   1.00 16.71 ? 316 VAL A O   1 
ATOM   991  C CB  . VAL A 1 154 ? -0.037  14.313  0.592   1.00 15.20 ? 316 VAL A CB  1 
ATOM   992  C CG1 . VAL A 1 154 ? 1.063   15.440  0.810   1.00 18.30 ? 316 VAL A CG1 1 
ATOM   993  C CG2 . VAL A 1 154 ? 0.303   13.522  -0.711  1.00 14.13 ? 316 VAL A CG2 1 
ATOM   994  N N   . GLU A 1 155 ? -1.451  14.715  3.424   1.00 18.74 ? 317 GLU A N   1 
ATOM   995  C CA  . GLU A 1 155 ? -1.606  15.528  4.630   1.00 18.88 ? 317 GLU A CA  1 
ATOM   996  C C   . GLU A 1 155 ? -1.409  14.714  5.894   1.00 18.37 ? 317 GLU A C   1 
ATOM   997  O O   . GLU A 1 155 ? -0.830  15.205  6.871   1.00 19.17 ? 317 GLU A O   1 
ATOM   998  C CB  . GLU A 1 155 ? -2.980  16.164  4.678   1.00 20.06 ? 317 GLU A CB  1 
ATOM   999  C CG  . GLU A 1 155 ? -3.242  16.949  5.925   1.00 23.91 ? 317 GLU A CG  1 
ATOM   1000 C CD  . GLU A 1 155 ? -4.605  17.505  5.853   1.00 34.13 ? 317 GLU A CD  1 
ATOM   1001 O OE1 . GLU A 1 155 ? -5.596  16.848  6.271   1.00 38.91 ? 317 GLU A OE1 1 
ATOM   1002 O OE2 . GLU A 1 155 ? -4.697  18.556  5.224   1.00 39.17 ? 317 GLU A OE2 1 
ATOM   1003 N N   . PHE A 1 156 ? -1.894  13.484  5.913   1.00 18.25 ? 318 PHE A N   1 
ATOM   1004 C CA  . PHE A 1 156 ? -1.816  12.645  7.129   1.00 17.63 ? 318 PHE A CA  1 
ATOM   1005 C C   . PHE A 1 156 ? -0.323  12.379  7.454   1.00 19.20 ? 318 PHE A C   1 
ATOM   1006 O O   . PHE A 1 156 ? 0.072   12.356  8.645   1.00 18.83 ? 318 PHE A O   1 
ATOM   1007 C CB  . PHE A 1 156 ? -2.500  11.288  6.903   1.00 17.71 ? 318 PHE A CB  1 
ATOM   1008 C CG  . PHE A 1 156 ? -2.433  10.378  8.090   1.00 19.20 ? 318 PHE A CG  1 
ATOM   1009 C CD1 . PHE A 1 156 ? -3.187  10.660  9.239   1.00 19.74 ? 318 PHE A CD1 1 
ATOM   1010 C CD2 . PHE A 1 156 ? -1.655  9.198   8.053   1.00 18.73 ? 318 PHE A CD2 1 
ATOM   1011 C CE1 . PHE A 1 156 ? -3.152  9.805   10.349  1.00 23.40 ? 318 PHE A CE1 1 
ATOM   1012 C CE2 . PHE A 1 156 ? -1.600  8.337   9.155   1.00 19.72 ? 318 PHE A CE2 1 
ATOM   1013 C CZ  . PHE A 1 156 ? -2.347  8.648   10.329  1.00 19.44 ? 318 PHE A CZ  1 
ATOM   1014 N N   . PHE A 1 157 ? 0.474   12.136  6.395   1.00 18.02 ? 319 PHE A N   1 
ATOM   1015 C CA  . PHE A 1 157 ? 1.878   11.791  6.591   1.00 17.94 ? 319 PHE A CA  1 
ATOM   1016 C C   . PHE A 1 157 ? 2.860   12.990  6.512   1.00 18.61 ? 319 PHE A C   1 
ATOM   1017 O O   . PHE A 1 157 ? 4.095   12.804  6.544   1.00 18.89 ? 319 PHE A O   1 
ATOM   1018 C CB  . PHE A 1 157 ? 2.262   10.716  5.588   1.00 15.85 ? 319 PHE A CB  1 
ATOM   1019 C CG  . PHE A 1 157 ? 1.693   9.319   5.939   1.00 18.52 ? 319 PHE A CG  1 
ATOM   1020 C CD1 . PHE A 1 157 ? 2.097   8.670   7.139   1.00 18.69 ? 319 PHE A CD1 1 
ATOM   1021 C CD2 . PHE A 1 157 ? 0.761   8.665   5.091   1.00 18.85 ? 319 PHE A CD2 1 
ATOM   1022 C CE1 . PHE A 1 157 ? 1.624   7.413   7.486   1.00 18.71 ? 319 PHE A CE1 1 
ATOM   1023 C CE2 . PHE A 1 157 ? 0.309   7.355   5.424   1.00 15.07 ? 319 PHE A CE2 1 
ATOM   1024 C CZ  . PHE A 1 157 ? 0.696   6.772   6.622   1.00 15.69 ? 319 PHE A CZ  1 
ATOM   1025 N N   . HIS A 1 158 ? 2.330   14.193  6.442   1.00 18.51 ? 320 HIS A N   1 
ATOM   1026 C CA  . HIS A 1 158 ? 3.153   15.387  6.257   1.00 20.82 ? 320 HIS A CA  1 
ATOM   1027 C C   . HIS A 1 158 ? 4.267   15.547  7.297   1.00 22.20 ? 320 HIS A C   1 
ATOM   1028 O O   . HIS A 1 158 ? 5.424   15.756  6.925   1.00 22.08 ? 320 HIS A O   1 
ATOM   1029 C CB  . HIS A 1 158 ? 2.289   16.642  6.174   1.00 22.62 ? 320 HIS A CB  1 
ATOM   1030 C CG  . HIS A 1 158 ? 3.084   17.909  6.119   1.00 24.31 ? 320 HIS A CG  1 
ATOM   1031 N ND1 . HIS A 1 158 ? 3.920   18.214  5.061   1.00 30.17 ? 320 HIS A ND1 1 
ATOM   1032 C CD2 . HIS A 1 158 ? 3.235   18.902  7.024   1.00 29.53 ? 320 HIS A CD2 1 
ATOM   1033 C CE1 . HIS A 1 158 ? 4.526   19.363  5.303   1.00 32.99 ? 320 HIS A CE1 1 
ATOM   1034 N NE2 . HIS A 1 158 ? 4.129   19.801  6.487   1.00 30.03 ? 320 HIS A NE2 1 
ATOM   1035 N N   . VAL A 1 159 ? 3.915   15.417  8.583   1.00 23.38 ? 321 VAL A N   1 
ATOM   1036 C CA  . VAL A 1 159 ? 4.880   15.494  9.690   1.00 25.77 ? 321 VAL A CA  1 
ATOM   1037 C C   . VAL A 1 159 ? 5.887   14.322  9.583   1.00 27.37 ? 321 VAL A C   1 
ATOM   1038 O O   . VAL A 1 159 ? 5.476   13.161  9.597   1.00 26.22 ? 321 VAL A O   1 
ATOM   1039 C CB  . VAL A 1 159 ? 4.142   15.542  11.050  1.00 25.97 ? 321 VAL A CB  1 
ATOM   1040 C CG1 . VAL A 1 159 ? 5.123   15.481  12.224  1.00 29.02 ? 321 VAL A CG1 1 
ATOM   1041 C CG2 . VAL A 1 159 ? 3.170   16.821  11.168  1.00 25.10 ? 321 VAL A CG2 1 
ATOM   1042 N N   . GLN A 1 160 ? 7.187   14.631  9.400   1.00 29.35 ? 322 GLN A N   1 
ATOM   1043 C CA  . GLN A 1 160 ? 8.186   13.603  9.042   1.00 31.83 ? 322 GLN A CA  1 
ATOM   1044 C C   . GLN A 1 160 ? 9.118   13.326  10.165  1.00 33.70 ? 322 GLN A C   1 
ATOM   1045 O O   . GLN A 1 160 ? 9.973   14.185  10.374  1.00 34.96 ? 322 GLN A O   1 
ATOM   1046 C CB  . GLN A 1 160 ? 9.109   14.082  7.922   1.00 32.84 ? 322 GLN A CB  1 
ATOM   1047 C CG  . GLN A 1 160 ? 8.494   14.523  6.658   1.00 35.46 ? 322 GLN A CG  1 
ATOM   1048 C CD  . GLN A 1 160 ? 9.456   14.341  5.560   1.00 39.47 ? 322 GLN A CD  1 
ATOM   1049 O OE1 . GLN A 1 160 ? 9.295   14.896  4.497   1.00 39.89 ? 322 GLN A OE1 1 
ATOM   1050 N NE2 . GLN A 1 160 ? 10.505  13.550  5.819   1.00 41.85 ? 322 GLN A NE2 1 
HETATM 1051 C C   . ACE B 2 1   ? -1.621  -11.612 6.899   1.00 37.75 ? 1   ACE B C   1 
HETATM 1052 O O   . ACE B 2 1   ? -1.147  -10.578 7.396   1.00 37.92 ? 1   ACE B O   1 
HETATM 1053 C CH3 . ACE B 2 1   ? -0.742  -12.757 6.463   1.00 38.18 ? 1   ACE B CH3 1 
ATOM   1054 N N   . ALA B 2 2   ? -2.938  -11.780 6.755   1.00 36.57 ? 2   ALA B N   1 
ATOM   1055 C CA  . ALA B 2 2   ? -3.834  -10.654 6.967   1.00 35.68 ? 2   ALA B CA  1 
ATOM   1056 C C   . ALA B 2 2   ? -3.713  -10.045 8.381   1.00 34.86 ? 2   ALA B C   1 
ATOM   1057 O O   . ALA B 2 2   ? -3.664  -8.816  8.540   1.00 33.55 ? 2   ALA B O   1 
ATOM   1058 C CB  . ALA B 2 2   ? -5.279  -11.018 6.615   1.00 36.13 ? 2   ALA B CB  1 
ATOM   1059 N N   . ALA B 2 3   ? -3.615  -10.901 9.411   1.00 33.43 ? 3   ALA B N   1 
ATOM   1060 C CA  . ALA B 2 3   ? -3.382  -10.424 10.765  1.00 32.63 ? 3   ALA B CA  1 
ATOM   1061 C C   . ALA B 2 3   ? -2.089  -9.585  10.832  1.00 31.94 ? 3   ALA B C   1 
ATOM   1062 O O   . ALA B 2 3   ? -2.034  -8.532  11.473  1.00 31.49 ? 3   ALA B O   1 
ATOM   1063 C CB  . ALA B 2 3   ? -3.340  -11.626 11.796  1.00 33.92 ? 3   ALA B CB  1 
HETATM 1064 N N   . DCY B 2 4   ? -1.045  -10.046 10.171  1.00 30.63 ? 4   DCY B N   1 
HETATM 1065 C CA  . DCY B 2 4   ? 0.245   -9.381  10.245  1.00 31.13 ? 4   DCY B CA  1 
HETATM 1066 C C   . DCY B 2 4   ? 0.127   -8.008  9.610   1.00 28.04 ? 4   DCY B C   1 
HETATM 1067 O O   . DCY B 2 4   ? 0.539   -7.046  10.236  1.00 25.99 ? 4   DCY B O   1 
HETATM 1068 C CB  . DCY B 2 4   ? 0.742   -9.248  11.702  1.00 31.99 ? 4   DCY B CB  1 
HETATM 1069 S SG  . DCY B 2 4   ? 1.249   -10.801 12.472  1.00 38.63 ? 4   DCY B SG  1 
ATOM   1070 N N   . LEU B 2 5   ? -0.498  -7.925  8.440   1.00 25.44 ? 5   LEU B N   1 
ATOM   1071 C CA  . LEU B 2 5   ? -0.542  -6.643  7.743   1.00 24.09 ? 5   LEU B CA  1 
ATOM   1072 C C   . LEU B 2 5   ? -1.433  -5.705  8.515   1.00 21.39 ? 5   LEU B C   1 
ATOM   1073 O O   . LEU B 2 5   ? -1.142  -4.509  8.608   1.00 21.36 ? 5   LEU B O   1 
ATOM   1074 C CB  . LEU B 2 5   ? -1.031  -6.793  6.304   1.00 24.06 ? 5   LEU B CB  1 
ATOM   1075 C CG  . LEU B 2 5   ? -0.075  -7.560  5.401   1.00 25.30 ? 5   LEU B CG  1 
ATOM   1076 C CD1 . LEU B 2 5   ? -0.869  -8.012  4.240   1.00 26.93 ? 5   LEU B CD1 1 
ATOM   1077 C CD2 . LEU B 2 5   ? 1.003   -6.655  4.980   1.00 24.68 ? 5   LEU B CD2 1 
ATOM   1078 N N   . ARG B 2 6   ? -2.483  -6.257  9.129   1.00 19.82 ? 6   ARG B N   1 
ATOM   1079 C CA  . ARG B 2 6   ? -3.383  -5.393  9.872   1.00 19.86 ? 6   ARG B CA  1 
ATOM   1080 C C   . ARG B 2 6   ? -2.656  -4.740  11.066  1.00 18.72 ? 6   ARG B C   1 
ATOM   1081 O O   . ARG B 2 6   ? -2.722  -3.546  11.238  1.00 17.59 ? 6   ARG B O   1 
ATOM   1082 C CB  . ARG B 2 6   ? -4.627  -6.145  10.337  1.00 19.07 ? 6   ARG B CB  1 
ATOM   1083 C CG  . ARG B 2 6   ? -5.666  -5.259  11.020  1.00 23.01 ? 6   ARG B CG  1 
ATOM   1084 C CD  . ARG B 2 6   ? -6.833  -6.123  11.647  1.00 24.67 ? 6   ARG B CD  1 
ATOM   1085 N NE  . ARG B 2 6   ? -7.551  -6.983  10.680  1.00 33.40 ? 6   ARG B NE  1 
ATOM   1086 C CZ  . ARG B 2 6   ? -7.412  -8.328  10.539  1.00 41.55 ? 6   ARG B CZ  1 
ATOM   1087 N NH1 . ARG B 2 6   ? -6.571  -9.042  11.301  1.00 43.45 ? 6   ARG B NH1 1 
ATOM   1088 N NH2 . ARG B 2 6   ? -8.140  -8.999  9.659   1.00 39.88 ? 6   ARG B NH2 1 
ATOM   1089 N N   . ARG B 2 7   ? -1.970  -5.542  11.883  1.00 18.17 ? 7   ARG B N   1 
ATOM   1090 C CA  . ARG B 2 7   ? -1.248  -5.052  13.085  1.00 19.02 ? 7   ARG B CA  1 
ATOM   1091 C C   . ARG B 2 7   ? -0.064  -4.117  12.732  1.00 17.82 ? 7   ARG B C   1 
ATOM   1092 O O   . ARG B 2 7   ? 0.136   -3.061  13.339  1.00 17.12 ? 7   ARG B O   1 
ATOM   1093 C CB  . ARG B 2 7   ? -0.796  -6.262  13.899  1.00 21.31 ? 7   ARG B CB  1 
ATOM   1094 C CG  . ARG B 2 7   ? -2.061  -7.055  14.483  1.00 25.01 ? 7   ARG B CG  1 
ATOM   1095 C CD  . ARG B 2 7   ? -1.726  -8.358  15.239  1.00 31.75 ? 7   ARG B CD  1 
ATOM   1096 N NE  . ARG B 2 7   ? -1.006  -8.050  16.463  1.00 39.38 ? 7   ARG B NE  1 
ATOM   1097 C CZ  . ARG B 2 7   ? -0.352  -8.926  17.231  1.00 37.92 ? 7   ARG B CZ  1 
ATOM   1098 N NH1 . ARG B 2 7   ? -0.344  -10.211 16.906  1.00 39.80 ? 7   ARG B NH1 1 
ATOM   1099 N NH2 . ARG B 2 7   ? 0.309   -8.500  18.317  1.00 34.36 ? 7   ARG B NH2 1 
ATOM   1100 N N   . ILE B 2 8   ? 0.669   -4.452  11.673  1.00 16.85 ? 8   ILE B N   1 
ATOM   1101 C CA  . ILE B 2 8   ? 1.723   -3.547  11.210  1.00 15.86 ? 8   ILE B CA  1 
ATOM   1102 C C   . ILE B 2 8   ? 1.083   -2.244  10.765  1.00 16.04 ? 8   ILE B C   1 
ATOM   1103 O O   . ILE B 2 8   ? 1.466   -1.159  11.210  1.00 16.40 ? 8   ILE B O   1 
ATOM   1104 C CB  . ILE B 2 8   ? 2.461   -4.200  10.049  1.00 15.34 ? 8   ILE B CB  1 
ATOM   1105 C CG1 . ILE B 2 8   ? 3.291   -5.356  10.623  1.00 16.68 ? 8   ILE B CG1 1 
ATOM   1106 C CG2 . ILE B 2 8   ? 3.454   -3.156  9.412   1.00 14.91 ? 8   ILE B CG2 1 
ATOM   1107 C CD1 . ILE B 2 8   ? 3.900   -6.260  9.570   1.00 14.16 ? 8   ILE B CD1 1 
ATOM   1108 N N   . GLY B 2 9   ? -0.011  -2.357  9.994   1.00 15.78 ? 9   GLY B N   1 
ATOM   1109 C CA  . GLY B 2 9   ? -0.686  -1.137  9.511   1.00 15.18 ? 9   GLY B CA  1 
ATOM   1110 C C   . GLY B 2 9   ? -1.168  -0.257  10.629  1.00 15.59 ? 9   GLY B C   1 
ATOM   1111 O O   . GLY B 2 9   ? -1.026  0.967   10.606  1.00 15.57 ? 9   GLY B O   1 
ATOM   1112 N N   . ASP B 2 10  ? -1.737  -0.868  11.656  1.00 14.65 ? 10  ASP B N   1 
ATOM   1113 C CA  . ASP B 2 10  ? -2.171  -0.033  12.808  1.00 16.30 ? 10  ASP B CA  1 
ATOM   1114 C C   . ASP B 2 10  ? -1.030  0.545   13.631  1.00 16.86 ? 10  ASP B C   1 
ATOM   1115 O O   . ASP B 2 10  ? -1.176  1.603   14.207  1.00 17.09 ? 10  ASP B O   1 
ATOM   1116 C CB  . ASP B 2 10  ? -3.062  -0.889  13.730  1.00 18.13 ? 10  ASP B CB  1 
ATOM   1117 C CG  . ASP B 2 10  ? -4.477  -1.074  13.152  1.00 18.07 ? 10  ASP B CG  1 
ATOM   1118 O OD1 . ASP B 2 10  ? -4.864  -0.345  12.210  1.00 18.30 ? 10  ASP B OD1 1 
ATOM   1119 O OD2 . ASP B 2 10  ? -5.211  -1.950  13.633  1.00 22.25 ? 10  ASP B OD2 1 
ATOM   1120 N N   . CYS B 2 11  ? 0.090   -0.165  13.702  1.00 17.65 ? 11  CYS B N   1 
ATOM   1121 C CA  . CYS B 2 11  ? 1.337   0.380   14.334  1.00 20.19 ? 11  CYS B CA  1 
ATOM   1122 C C   . CYS B 2 11  ? 1.876   1.627   13.592  1.00 18.93 ? 11  CYS B C   1 
ATOM   1123 O O   . CYS B 2 11  ? 2.165   2.680   14.193  1.00 19.55 ? 11  CYS B O   1 
ATOM   1124 C CB  . CYS B 2 11  ? 2.387   -0.713  14.306  1.00 20.42 ? 11  CYS B CB  1 
ATOM   1125 S SG  . CYS B 2 11  ? 3.869   -0.214  15.169  1.00 33.31 ? 11  CYS B SG  1 
ATOM   1126 N N   . VAL B 2 12  ? 1.962   1.535   12.265  1.00 19.02 ? 12  VAL B N   1 
ATOM   1127 C CA  . VAL B 2 12  ? 2.318   2.696   11.399  1.00 17.99 ? 12  VAL B CA  1 
ATOM   1128 C C   . VAL B 2 12  ? 1.307   3.825   11.612  1.00 17.93 ? 12  VAL B C   1 
ATOM   1129 O O   . VAL B 2 12  ? 1.685   5.015   11.716  1.00 18.35 ? 12  VAL B O   1 
ATOM   1130 C CB  . VAL B 2 12  ? 2.275   2.244   9.888   1.00 18.73 ? 12  VAL B CB  1 
ATOM   1131 C CG1 . VAL B 2 12  ? 2.447   3.450   8.908   1.00 20.00 ? 12  VAL B CG1 1 
ATOM   1132 C CG2 . VAL B 2 12  ? 3.268   1.120   9.592   1.00 18.32 ? 12  VAL B CG2 1 
ATOM   1133 N N   . ASN B 2 13  ? 0.009   3.496   11.692  1.00 17.31 ? 13  ASN B N   1 
ATOM   1134 C CA  . ASN B 2 13  ? -0.981  4.565   11.819  1.00 17.40 ? 13  ASN B CA  1 
ATOM   1135 C C   . ASN B 2 13  ? -0.819  5.269   13.165  1.00 19.54 ? 13  ASN B C   1 
ATOM   1136 O O   . ASN B 2 13  ? -0.819  6.513   13.263  1.00 18.27 ? 13  ASN B O   1 
ATOM   1137 C CB  . ASN B 2 13  ? -2.391  3.968   11.777  1.00 18.03 ? 13  ASN B CB  1 
ATOM   1138 C CG  . ASN B 2 13  ? -3.431  4.989   11.376  1.00 20.00 ? 13  ASN B CG  1 
ATOM   1139 O OD1 . ASN B 2 13  ? -3.379  5.506   10.268  1.00 17.04 ? 13  ASN B OD1 1 
ATOM   1140 N ND2 . ASN B 2 13  ? -4.371  5.327   12.304  1.00 16.59 ? 13  ASN B ND2 1 
ATOM   1141 N N   . LEU B 2 14  ? -0.748  4.455   14.211  1.00 20.52 ? 14  LEU B N   1 
ATOM   1142 C CA  . LEU B 2 14  ? -0.555  5.004   15.564  1.00 23.52 ? 14  LEU B CA  1 
ATOM   1143 C C   . LEU B 2 14  ? 0.712   5.860   15.672  1.00 23.86 ? 14  LEU B C   1 
ATOM   1144 O O   . LEU B 2 14  ? 0.641   6.972   16.126  1.00 24.74 ? 14  LEU B O   1 
ATOM   1145 C CB  . LEU B 2 14  ? -0.652  3.918   16.635  1.00 23.20 ? 14  LEU B CB  1 
ATOM   1146 C CG  . LEU B 2 14  ? -0.412  4.405   18.107  1.00 27.88 ? 14  LEU B CG  1 
ATOM   1147 C CD1 . LEU B 2 14  ? -1.373  5.535   18.546  1.00 31.49 ? 14  LEU B CD1 1 
ATOM   1148 C CD2 . LEU B 2 14  ? -0.475  3.201   19.098  1.00 32.41 ? 14  LEU B CD2 1 
ATOM   1149 N N   . ARG B 2 15  ? 1.855   5.376   15.195  1.00 24.92 ? 15  ARG B N   1 
ATOM   1150 C CA  . ARG B 2 15  ? 3.073   6.200   15.136  1.00 25.59 ? 15  ARG B CA  1 
ATOM   1151 C C   . ARG B 2 15  ? 2.818   7.555   14.477  1.00 25.50 ? 15  ARG B C   1 
ATOM   1152 O O   . ARG B 2 15  ? 3.194   8.616   15.033  1.00 25.14 ? 15  ARG B O   1 
ATOM   1153 C CB  . ARG B 2 15  ? 4.206   5.478   14.391  1.00 26.14 ? 15  ARG B CB  1 
ATOM   1154 C CG  . ARG B 2 15  ? 5.574   6.202   14.438  1.00 30.83 ? 15  ARG B CG  1 
ATOM   1155 C CD  . ARG B 2 15  ? 6.290   5.867   15.778  1.00 42.49 ? 15  ARG B CD  1 
ATOM   1156 N NE  . ARG B 2 15  ? 7.560   6.590   16.004  1.00 48.72 ? 15  ARG B NE  1 
ATOM   1157 C CZ  . ARG B 2 15  ? 7.840   7.358   17.067  1.00 48.33 ? 15  ARG B CZ  1 
ATOM   1158 N NH1 . ARG B 2 15  ? 6.949   7.535   18.052  1.00 47.15 ? 15  ARG B NH1 1 
ATOM   1159 N NH2 . ARG B 2 15  ? 9.035   7.947   17.145  1.00 47.38 ? 15  ARG B NH2 1 
ATOM   1160 N N   . GLN B 2 16  ? 2.165   7.563   13.304  1.00 24.26 ? 16  GLN B N   1 
ATOM   1161 C CA  . GLN B 2 16  ? 1.952   8.845   12.645  1.00 23.56 ? 16  GLN B CA  1 
ATOM   1162 C C   . GLN B 2 16  ? 1.002   9.741   13.422  1.00 24.89 ? 16  GLN B C   1 
ATOM   1163 O O   . GLN B 2 16  ? 1.209   10.954  13.490  1.00 24.18 ? 16  GLN B O   1 
ATOM   1164 C CB  . GLN B 2 16  ? 1.478   8.683   11.209  1.00 23.57 ? 16  GLN B CB  1 
ATOM   1165 C CG  . GLN B 2 16  ? 1.399   9.996   10.476  1.00 21.10 ? 16  GLN B CG  1 
ATOM   1166 C CD  . GLN B 2 16  ? 2.783   10.543  10.171  1.00 23.24 ? 16  GLN B CD  1 
ATOM   1167 O OE1 . GLN B 2 16  ? 3.723   9.769   9.939   1.00 22.81 ? 16  GLN B OE1 1 
ATOM   1168 N NE2 . GLN B 2 16  ? 2.930   11.866  10.182  1.00 23.24 ? 16  GLN B NE2 1 
ATOM   1169 N N   . LYS B 2 17  ? -0.026  9.180   14.046  1.00 25.62 ? 17  LYS B N   1 
ATOM   1170 C CA  . LYS B 2 17  ? -0.894  10.070  14.844  1.00 28.74 ? 17  LYS B CA  1 
ATOM   1171 C C   . LYS B 2 17  ? -0.082  10.630  16.017  1.00 29.12 ? 17  LYS B C   1 
ATOM   1172 O O   . LYS B 2 17  ? -0.327  11.758  16.406  1.00 30.25 ? 17  LYS B O   1 
ATOM   1173 C CB  . LYS B 2 17  ? -2.182  9.391   15.363  1.00 28.70 ? 17  LYS B CB  1 
ATOM   1174 C CG  . LYS B 2 17  ? -3.237  9.071   14.307  1.00 30.06 ? 17  LYS B CG  1 
ATOM   1175 C CD  . LYS B 2 17  ? -3.942  7.778   14.598  1.00 34.39 ? 17  LYS B CD  1 
ATOM   1176 C CE  . LYS B 2 17  ? -5.106  7.956   15.532  1.00 40.83 ? 17  LYS B CE  1 
ATOM   1177 N NZ  . LYS B 2 17  ? -5.956  6.711   15.501  1.00 44.15 ? 17  LYS B NZ  1 
ATOM   1178 N N   . LEU B 2 18  ? 0.878   9.858   16.546  1.00 30.79 ? 18  LEU B N   1 
ATOM   1179 C CA  . LEU B 2 18  ? 1.732   10.336  17.645  1.00 31.96 ? 18  LEU B CA  1 
ATOM   1180 C C   . LEU B 2 18  ? 2.585   11.473  17.147  1.00 32.85 ? 18  LEU B C   1 
ATOM   1181 O O   . LEU B 2 18  ? 2.743   12.507  17.830  1.00 34.25 ? 18  LEU B O   1 
ATOM   1182 C CB  . LEU B 2 18  ? 2.624   9.238   18.196  1.00 31.71 ? 18  LEU B CB  1 
ATOM   1183 C CG  . LEU B 2 18  ? 2.000   8.196   19.122  1.00 35.03 ? 18  LEU B CG  1 
ATOM   1184 C CD1 . LEU B 2 18  ? 3.006   7.117   19.508  1.00 36.70 ? 18  LEU B CD1 1 
ATOM   1185 C CD2 . LEU B 2 18  ? 1.397   8.836   20.370  1.00 36.78 ? 18  LEU B CD2 1 
ATOM   1186 N N   . LEU B 2 19  ? 3.120   11.310  15.951  1.00 31.06 ? 19  LEU B N   1 
ATOM   1187 C CA  . LEU B 2 19  ? 3.893   12.377  15.338  1.00 31.29 ? 19  LEU B CA  1 
ATOM   1188 C C   . LEU B 2 19  ? 3.106   13.642  15.046  1.00 30.57 ? 19  LEU B C   1 
ATOM   1189 O O   . LEU B 2 19  ? 3.686   14.729  15.149  1.00 30.24 ? 19  LEU B O   1 
ATOM   1190 C CB  . LEU B 2 19  ? 4.566   11.906  14.044  1.00 30.84 ? 19  LEU B CB  1 
ATOM   1191 C CG  . LEU B 2 19  ? 5.743   10.955  14.134  1.00 32.68 ? 19  LEU B CG  1 
ATOM   1192 C CD1 . LEU B 2 19  ? 6.145   10.542  12.701  1.00 34.92 ? 19  LEU B CD1 1 
ATOM   1193 C CD2 . LEU B 2 19  ? 6.933   11.654  14.828  1.00 36.54 ? 19  LEU B CD2 1 
ATOM   1194 N N   . ASN B 2 20  ? 1.837   13.477  14.651  1.00 30.17 ? 20  ASN B N   1 
ATOM   1195 C CA  . ASN B 2 20  ? 0.916   14.556  14.226  1.00 31.09 ? 20  ASN B CA  1 
ATOM   1196 C C   . ASN B 2 20  ? 0.416   15.405  15.400  1.00 33.14 ? 20  ASN B C   1 
ATOM   1197 O O   . ASN B 2 20  ? 0.346   14.909  16.527  1.00 34.36 ? 20  ASN B O   1 
ATOM   1198 C CB  . ASN B 2 20  ? -0.322  14.001  13.473  1.00 30.58 ? 20  ASN B CB  1 
ATOM   1199 C CG  . ASN B 2 20  ? -0.005  13.537  12.016  1.00 26.78 ? 20  ASN B CG  1 
ATOM   1200 O OD1 . ASN B 2 20  ? 1.032   13.862  11.462  1.00 26.11 ? 20  ASN B OD1 1 
ATOM   1201 N ND2 . ASN B 2 20  ? -0.917  12.777  11.426  1.00 22.61 ? 20  ASN B ND2 1 
HETATM 1202 N N   . NH2 B 2 21  ? 0.093   16.589  15.259  1.00 33.40 ? 21  NH2 B N   1 
HETATM 1203 C C12 . 4BP C 3 .   ? 4.000   -1.269  16.680  1.00 28.69 ? 101 4BP B C12 1 
HETATM 1204 C C11 . 4BP C 3 .   ? 3.838   -2.711  16.278  1.00 27.13 ? 101 4BP B C11 1 
HETATM 1205 C C10 . 4BP C 3 .   ? 2.658   -3.403  16.495  1.00 26.50 ? 101 4BP B C10 1 
HETATM 1206 C C09 . 4BP C 3 .   ? 2.548   -4.724  16.035  1.00 25.35 ? 101 4BP B C09 1 
HETATM 1207 C C13 . 4BP C 3 .   ? 4.886   -3.301  15.580  1.00 26.10 ? 101 4BP B C13 1 
HETATM 1208 C C14 . 4BP C 3 .   ? 4.775   -4.606  15.138  1.00 24.50 ? 101 4BP B C14 1 
HETATM 1209 C C08 . 4BP C 3 .   ? 3.621   -5.321  15.390  1.00 23.22 ? 101 4BP B C08 1 
HETATM 1210 C C05 . 4BP C 3 .   ? 3.482   -6.671  14.831  1.00 22.30 ? 101 4BP B C05 1 
HETATM 1211 C C04 . 4BP C 3 .   ? 4.243   -7.005  13.707  1.00 24.92 ? 101 4BP B C04 1 
HETATM 1212 C C03 . 4BP C 3 .   ? 4.093   -8.283  13.140  1.00 26.73 ? 101 4BP B C03 1 
HETATM 1213 C C06 . 4BP C 3 .   ? 2.552   -7.557  15.345  1.00 24.70 ? 101 4BP B C06 1 
HETATM 1214 C C07 . 4BP C 3 .   ? 2.418   -8.821  14.783  1.00 25.95 ? 101 4BP B C07 1 
HETATM 1215 C C02 . 4BP C 3 .   ? 3.169   -9.192  13.681  1.00 28.80 ? 101 4BP B C02 1 
HETATM 1216 C C01 . 4BP C 3 .   ? 2.954   -10.580 13.060  1.00 31.75 ? 101 4BP B C01 1 
HETATM 1217 O O   . HOH D 4 .   ? -6.982  11.648  -5.065  1.00 20.39 ? 401 HOH A O   1 
HETATM 1218 O O   . HOH D 4 .   ? 10.029  3.035   -0.787  1.00 27.79 ? 402 HOH A O   1 
HETATM 1219 O O   . HOH D 4 .   ? 10.381  6.184   6.442   1.00 27.78 ? 403 HOH A O   1 
HETATM 1220 O O   . HOH D 4 .   ? -4.032  4.989   -14.874 1.00 45.40 ? 404 HOH A O   1 
HETATM 1221 O O   . HOH D 4 .   ? 10.426  9.984   -0.872  1.00 20.05 ? 405 HOH A O   1 
HETATM 1222 O O   . HOH D 4 .   ? 11.807  -8.475  -1.718  1.00 34.86 ? 406 HOH A O   1 
HETATM 1223 O O   . HOH D 4 .   ? 15.856  -3.580  7.532   1.00 37.72 ? 407 HOH A O   1 
HETATM 1224 O O   . HOH D 4 .   ? 4.734   -5.934  -15.313 1.00 23.44 ? 408 HOH A O   1 
HETATM 1225 O O   . HOH D 4 .   ? -1.875  -1.205  -15.740 1.00 36.23 ? 409 HOH A O   1 
HETATM 1226 O O   . HOH D 4 .   ? 10.590  10.178  -3.459  1.00 28.79 ? 410 HOH A O   1 
HETATM 1227 O O   . HOH D 4 .   ? 2.334   -8.830  -17.583 1.00 27.75 ? 411 HOH A O   1 
HETATM 1228 O O   . HOH D 4 .   ? 7.501   4.427   7.937   1.00 32.69 ? 412 HOH A O   1 
HETATM 1229 O O   . HOH D 4 .   ? -2.397  12.416  -16.721 1.00 39.82 ? 413 HOH A O   1 
HETATM 1230 O O   . HOH D 4 .   ? 11.120  4.062   -5.406  1.00 39.77 ? 414 HOH A O   1 
HETATM 1231 O O   . HOH D 4 .   ? 6.913   0.905   11.789  1.00 34.77 ? 415 HOH A O   1 
HETATM 1232 O O   . HOH D 4 .   ? -13.004 -1.570  7.076   1.00 29.49 ? 416 HOH A O   1 
HETATM 1233 O O   . HOH D 4 .   ? 9.584   -4.632  -16.402 1.00 44.66 ? 417 HOH A O   1 
HETATM 1234 O O   . HOH D 4 .   ? -5.674  13.610  5.933   1.00 33.07 ? 418 HOH A O   1 
HETATM 1235 O O   . HOH D 4 .   ? 3.565   17.152  2.413   1.00 42.91 ? 419 HOH A O   1 
HETATM 1236 O O   . HOH D 4 .   ? 12.846  11.907  9.983   1.00 34.18 ? 420 HOH A O   1 
HETATM 1237 O O   . HOH D 4 .   ? -18.479 8.316   -16.032 1.00 28.99 ? 421 HOH A O   1 
HETATM 1238 O O   . HOH D 4 .   ? -16.304 11.103  -21.133 1.00 20.95 ? 422 HOH A O   1 
HETATM 1239 O O   . HOH D 4 .   ? 9.176   13.431  2.100   1.00 28.61 ? 423 HOH A O   1 
HETATM 1240 O O   . HOH D 4 .   ? 8.427   15.450  -4.635  1.00 38.61 ? 424 HOH A O   1 
HETATM 1241 O O   . HOH D 4 .   ? 7.732   0.858   13.970  1.00 50.67 ? 425 HOH A O   1 
HETATM 1242 O O   . HOH D 4 .   ? -7.674  9.522   8.738   1.00 42.36 ? 426 HOH A O   1 
HETATM 1243 O O   . HOH D 4 .   ? 3.050   -6.459  -17.586 1.00 25.65 ? 427 HOH A O   1 
HETATM 1244 O O   . HOH D 4 .   ? -16.617 2.095   -0.771  1.00 37.00 ? 428 HOH A O   1 
HETATM 1245 O O   . HOH D 4 .   ? -15.124 2.479   2.306   1.00 30.85 ? 429 HOH A O   1 
HETATM 1246 O O   . HOH D 4 .   ? 3.147   13.870  3.332   1.00 23.34 ? 430 HOH A O   1 
HETATM 1247 O O   . HOH D 4 .   ? 6.653   13.526  1.876   1.00 33.09 ? 431 HOH A O   1 
HETATM 1248 O O   . HOH D 4 .   ? -6.610  4.066   -15.559 1.00 50.29 ? 432 HOH A O   1 
HETATM 1249 O O   . HOH D 4 .   ? 12.197  1.767   -0.377  1.00 33.32 ? 433 HOH A O   1 
HETATM 1250 O O   . HOH D 4 .   ? 7.265   -6.764  12.203  1.00 27.24 ? 434 HOH A O   1 
HETATM 1251 O O   . HOH D 4 .   ? 10.108  -14.285 8.681   1.00 33.36 ? 435 HOH A O   1 
HETATM 1252 O O   . HOH E 4 .   ? 0.938   15.263  9.227   1.00 24.83 ? 201 HOH B O   1 
HETATM 1253 O O   . HOH E 4 .   ? 6.019   12.127  19.950  1.00 41.12 ? 202 HOH B O   1 
HETATM 1254 O O   . HOH E 4 .   ? 1.188   0.320   18.674  1.00 38.20 ? 203 HOH B O   1 
HETATM 1255 O O   . HOH E 4 .   ? -0.613  -13.119 9.709   1.00 35.88 ? 204 HOH B O   1 
# 
